data_6UMC
#
_entry.id   6UMC
#
_cell.length_a   99.979
_cell.length_b   138.816
_cell.length_c   176.640
_cell.angle_alpha   90.000
_cell.angle_beta   90.000
_cell.angle_gamma   90.000
#
_symmetry.space_group_name_H-M   'P 21 21 21'
#
loop_
_entity.id
_entity.type
_entity.pdbx_description
1 polymer 'Glutaminase kidney isoform, mitochondrial'
2 non-polymer 2-phenyl-N-{5-[(3R)-3-({5-[(phenylacetyl)amino]-1,3,4-thiadiazol-2-yl}oxy)pyrrolidin-1-yl]-1,3,4-thiadiazol-2-yl}acetamide
3 water water
#
_entity_poly.entity_id   1
_entity_poly.type   'polypeptide(L)'
_entity_poly.pdbx_seq_one_letter_code
;LSSSPSEILQELGKGSTHPQPGVSPPAAPAAPGPKDGPGETDAFGNSEGKELVASGENKIKQGLLPSLEDLLFYTIAEGQ
EKIPVHKFITALKSTGLRTSDPRLKECMDMLRLTLQTTSDGVMLDKDLFKKCVQSNIVLLTQAFRRKFVIPDFMSFTSHI
DELYESAKKQSGGKVADYIPQLAKFSPDLWGVSVCTADGQRHSTGDTKVPFCLQSCVKPLKYAIAVNDLGTEYVHRYVGK
EPSGLRFNKLFLNEDDKPHNPMVNAGAIVVTSLIKQGVNNAEKFDYVMQFLNKMAGNEYVGFSNATFQSERESGDRNFAI
GYYLKEKKCFPEGTDMVGILDFYFQLCSIEVTCESASVMAATLANGGFCPITGERVLSPEAVRNTLSLMHSCGMYDFSGQ
FAFHVGLPAKSGVAGGILLVVPNVMGMMCWSPPLDKMGNSVKGIHFCHDLVSLCNFHNYDNLRHFAKKLDPRREGGDQRH
SFGPLDYESLQQELALKETVWKKVSPESNEDISTTVVYRMESLGEKS
;
_entity_poly.pdbx_strand_id   A,B,C,D
#
loop_
_chem_comp.id
_chem_comp.type
_chem_comp.name
_chem_comp.formula
U27 non-polymer 2-phenyl-N-{5-[(3R)-3-({5-[(phenylacetyl)amino]-1,3,4-thiadiazol-2-yl}oxy)pyrrolidin-1-yl]-1,3,4-thiadiazol-2-yl}acetamide 'C24 H23 N7 O3 S2'
#
# COMPACT_ATOMS: atom_id res chain seq x y z
N PRO A 66 -2.62 13.37 45.53
CA PRO A 66 -1.85 12.86 44.39
C PRO A 66 -0.59 13.67 44.01
N SER A 67 0.63 13.13 44.08
CA SER A 67 1.78 13.75 43.39
C SER A 67 2.93 12.75 43.39
N LEU A 68 3.56 12.56 42.21
CA LEU A 68 4.52 11.47 42.04
C LEU A 68 5.74 11.57 42.94
N GLU A 69 6.25 12.77 43.15
CA GLU A 69 7.42 12.89 44.01
C GLU A 69 7.06 12.41 45.42
N ASP A 70 5.81 12.72 45.85
CA ASP A 70 5.29 12.23 47.12
C ASP A 70 5.23 10.71 47.14
N LEU A 71 4.63 10.13 46.10
CA LEU A 71 4.47 8.69 46.02
C LEU A 71 5.83 8.00 46.05
N LEU A 72 6.76 8.47 45.21
CA LEU A 72 8.09 7.88 45.25
C LEU A 72 8.75 8.15 46.58
N PHE A 73 8.47 9.29 47.21
CA PHE A 73 9.02 9.54 48.53
C PHE A 73 8.54 8.46 49.49
N TYR A 74 7.23 8.20 49.51
CA TYR A 74 6.72 7.22 50.46
C TYR A 74 7.04 5.78 50.07
N THR A 75 7.23 5.47 48.79
CA THR A 75 7.70 4.12 48.46
C THR A 75 9.12 3.90 48.96
N ILE A 76 9.94 4.96 48.95
CA ILE A 76 11.28 4.88 49.50
C ILE A 76 11.29 5.16 51.00
N ALA A 77 10.33 5.97 51.48
CA ALA A 77 10.48 6.68 52.74
C ALA A 77 10.65 5.79 53.95
N GLU A 78 10.10 4.56 53.91
CA GLU A 78 9.82 3.68 55.05
C GLU A 78 8.40 3.82 55.55
N GLY A 79 7.78 4.95 55.21
CA GLY A 79 6.75 5.48 56.07
C GLY A 79 7.28 6.32 57.22
N GLN A 80 8.61 6.49 57.37
CA GLN A 80 9.24 7.39 58.32
C GLN A 80 9.14 8.82 57.79
N GLU A 81 9.41 9.90 58.58
CA GLU A 81 9.32 11.12 57.76
C GLU A 81 10.56 11.39 56.89
N LYS A 82 11.75 10.87 57.15
CA LYS A 82 12.86 11.27 56.30
C LYS A 82 13.69 10.09 55.80
N ILE A 83 14.42 10.36 54.71
CA ILE A 83 15.28 9.41 54.02
C ILE A 83 16.73 9.87 54.13
N PRO A 84 17.63 9.12 54.78
CA PRO A 84 19.05 9.43 54.60
C PRO A 84 19.37 9.31 53.12
N VAL A 85 20.33 10.10 52.63
CA VAL A 85 20.50 10.11 51.19
C VAL A 85 21.45 9.01 50.75
N HIS A 86 22.13 8.34 51.69
CA HIS A 86 22.75 7.06 51.34
C HIS A 86 21.69 6.00 51.07
N LYS A 87 20.58 6.03 51.81
CA LYS A 87 19.54 5.05 51.55
C LYS A 87 18.89 5.30 50.19
N PHE A 88 18.82 6.56 49.76
CA PHE A 88 18.30 6.86 48.43
C PHE A 88 19.29 6.45 47.35
N ILE A 89 20.59 6.56 47.61
CA ILE A 89 21.57 6.29 46.57
C ILE A 89 21.79 4.80 46.40
N THR A 90 21.76 4.03 47.49
CA THR A 90 21.92 2.59 47.31
C THR A 90 20.64 1.94 46.82
N ALA A 91 19.47 2.48 47.20
CA ALA A 91 18.22 2.07 46.58
C ALA A 91 18.21 2.37 45.08
N LEU A 92 18.82 3.49 44.67
CA LEU A 92 18.86 3.82 43.25
C LEU A 92 19.82 2.91 42.51
N LYS A 93 21.00 2.66 43.08
CA LYS A 93 21.98 1.81 42.41
C LYS A 93 21.48 0.37 42.29
N SER A 94 20.56 -0.04 43.16
CA SER A 94 20.02 -1.38 43.09
C SER A 94 18.95 -1.52 42.02
N THR A 95 18.44 -0.41 41.47
CA THR A 95 17.75 -0.59 40.21
C THR A 95 18.72 -0.76 39.06
N GLY A 96 20.03 -0.65 39.31
CA GLY A 96 21.03 -0.76 38.28
C GLY A 96 21.43 0.54 37.63
N LEU A 97 20.63 1.61 37.76
CA LEU A 97 21.09 2.88 37.25
C LEU A 97 22.35 3.29 38.00
N ARG A 98 23.16 4.12 37.36
CA ARG A 98 24.37 4.61 37.98
C ARG A 98 24.21 6.09 38.22
N THR A 99 24.69 6.56 39.39
CA THR A 99 24.48 7.96 39.73
C THR A 99 25.07 8.89 38.68
N SER A 100 25.98 8.37 37.85
CA SER A 100 26.57 9.13 36.76
C SER A 100 25.71 9.12 35.52
N ASP A 101 24.53 8.48 35.57
CA ASP A 101 23.63 8.47 34.44
C ASP A 101 23.37 9.91 33.98
N PRO A 102 23.53 10.21 32.69
CA PRO A 102 23.27 11.57 32.22
C PRO A 102 21.84 12.03 32.41
N ARG A 103 20.87 11.11 32.34
CA ARG A 103 19.47 11.48 32.53
C ARG A 103 19.12 11.73 33.99
N LEU A 104 20.09 11.60 34.89
CA LEU A 104 19.94 11.88 36.31
C LEU A 104 20.78 13.08 36.75
N LYS A 105 21.29 13.87 35.79
CA LYS A 105 22.30 14.87 36.14
C LYS A 105 21.69 16.00 36.97
N GLU A 106 20.52 16.51 36.56
CA GLU A 106 19.89 17.57 37.34
C GLU A 106 19.58 17.08 38.75
N CYS A 107 19.16 15.81 38.85
CA CYS A 107 18.84 15.22 40.15
C CYS A 107 20.08 15.17 41.02
N MET A 108 21.22 14.83 40.45
CA MET A 108 22.41 14.78 41.26
C MET A 108 23.05 16.14 41.41
N ASP A 109 22.66 17.08 40.56
CA ASP A 109 23.01 18.47 40.75
C ASP A 109 22.27 19.05 41.95
N MET A 110 21.02 18.60 42.15
CA MET A 110 20.26 19.12 43.25
C MET A 110 20.59 18.46 44.56
N LEU A 111 21.22 17.29 44.54
CA LEU A 111 21.76 16.85 45.81
C LEU A 111 23.23 17.18 45.99
N ARG A 112 24.00 17.43 44.95
CA ARG A 112 25.33 18.00 45.22
C ARG A 112 25.15 19.33 45.92
N LEU A 113 24.06 20.02 45.60
CA LEU A 113 23.79 21.32 46.21
C LEU A 113 23.32 21.19 47.65
N THR A 114 22.26 20.41 47.91
CA THR A 114 21.74 20.36 49.27
C THR A 114 22.61 19.56 50.21
N LEU A 115 23.65 18.93 49.69
CA LEU A 115 24.64 18.25 50.50
C LEU A 115 25.78 19.19 50.83
N GLN A 116 25.48 20.50 50.72
CA GLN A 116 26.21 21.61 51.35
C GLN A 116 25.34 22.56 52.19
N THR A 117 24.02 22.64 51.96
CA THR A 117 23.13 23.54 52.72
C THR A 117 23.26 23.37 54.21
N THR A 118 23.29 22.13 54.70
CA THR A 118 23.77 21.83 56.03
C THR A 118 24.48 20.49 55.85
N SER A 119 25.81 20.53 55.93
CA SER A 119 26.60 19.34 55.62
C SER A 119 26.39 18.14 56.59
N ASP A 120 25.74 18.25 57.77
CA ASP A 120 25.44 17.05 58.55
C ASP A 120 23.94 17.04 58.58
N GLY A 121 23.34 15.90 58.82
CA GLY A 121 21.90 15.92 58.90
C GLY A 121 21.39 15.55 57.55
N VAL A 122 21.83 14.37 57.13
CA VAL A 122 22.00 14.00 55.75
C VAL A 122 20.62 13.64 55.21
N MET A 123 19.59 13.97 55.95
CA MET A 123 18.25 13.44 55.73
C MET A 123 17.37 14.48 55.02
N LEU A 124 16.28 13.98 54.43
CA LEU A 124 15.57 14.64 53.35
C LEU A 124 14.06 14.67 53.59
N ASP A 125 13.45 15.86 53.56
CA ASP A 125 12.01 15.96 53.76
C ASP A 125 11.28 15.54 52.48
N LYS A 126 9.95 15.53 52.52
CA LYS A 126 9.18 15.26 51.30
C LYS A 126 9.25 16.42 50.32
N ASP A 127 9.43 17.64 50.83
CA ASP A 127 9.44 18.73 49.88
C ASP A 127 10.88 18.93 49.39
N LEU A 128 11.87 18.58 50.23
CA LEU A 128 13.28 18.64 49.86
C LEU A 128 13.66 17.52 48.90
N PHE A 129 13.15 16.32 49.16
CA PHE A 129 13.27 15.21 48.21
C PHE A 129 12.67 15.61 46.89
N LYS A 130 11.54 16.30 46.92
CA LYS A 130 10.82 16.59 45.70
C LYS A 130 11.60 17.54 44.81
N LYS A 131 12.47 18.37 45.40
CA LYS A 131 13.01 19.44 44.60
C LYS A 131 14.30 18.97 43.93
N CYS A 132 14.77 17.78 44.31
CA CYS A 132 15.86 17.11 43.63
C CYS A 132 15.39 16.14 42.59
N VAL A 133 14.28 15.45 42.82
CA VAL A 133 13.86 14.43 41.87
C VAL A 133 12.77 14.92 40.92
N GLN A 134 12.23 16.12 41.13
CA GLN A 134 11.12 16.55 40.27
C GLN A 134 11.57 16.57 38.83
N SER A 135 12.84 16.91 38.61
CA SER A 135 13.36 17.10 37.27
C SER A 135 13.50 15.78 36.55
N ASN A 136 13.66 14.69 37.30
CA ASN A 136 14.00 13.37 36.77
C ASN A 136 12.98 12.34 37.21
N ILE A 137 11.76 12.77 37.54
CA ILE A 137 10.88 11.91 38.34
C ILE A 137 10.36 10.71 37.54
N VAL A 138 10.00 10.90 36.27
CA VAL A 138 9.39 9.79 35.55
C VAL A 138 10.41 8.70 35.25
N LEU A 139 11.68 9.07 35.08
CA LEU A 139 12.68 8.02 34.91
C LEU A 139 12.98 7.36 36.24
N LEU A 140 12.85 8.09 37.35
CA LEU A 140 13.22 7.50 38.62
C LEU A 140 12.18 6.49 39.13
N THR A 141 10.90 6.67 38.81
CA THR A 141 9.93 5.75 39.39
C THR A 141 9.86 4.44 38.64
N GLN A 142 9.89 4.49 37.31
CA GLN A 142 9.97 3.24 36.57
C GLN A 142 11.21 2.47 37.01
N ALA A 143 12.24 3.18 37.45
CA ALA A 143 13.36 2.49 38.05
C ALA A 143 12.95 1.84 39.38
N PHE A 144 12.17 2.54 40.19
CA PHE A 144 11.82 2.06 41.52
C PHE A 144 10.53 1.26 41.58
N ARG A 145 9.61 1.45 40.62
CA ARG A 145 8.44 0.58 40.47
C ARG A 145 8.73 -0.64 39.59
N ARG A 146 10.01 -1.03 39.47
CA ARG A 146 10.41 -2.26 38.79
C ARG A 146 9.81 -2.37 37.40
N LYS A 147 9.89 -1.27 36.65
CA LYS A 147 9.35 -1.23 35.30
C LYS A 147 10.44 -1.19 34.24
N PHE A 148 11.69 -1.45 34.59
CA PHE A 148 12.71 -1.54 33.56
C PHE A 148 12.65 -2.93 32.94
N VAL A 149 13.26 -3.09 31.77
CA VAL A 149 13.04 -4.35 31.05
C VAL A 149 13.64 -5.51 31.81
N ILE A 150 14.55 -5.25 32.73
CA ILE A 150 15.00 -6.27 33.67
C ILE A 150 14.66 -5.82 35.07
N PRO A 151 13.55 -6.28 35.63
CA PRO A 151 13.08 -5.69 36.91
C PRO A 151 13.98 -6.02 38.08
N ASP A 152 14.43 -7.27 38.20
CA ASP A 152 15.29 -7.68 39.30
C ASP A 152 16.73 -7.75 38.78
N PHE A 153 17.31 -6.56 38.61
CA PHE A 153 18.65 -6.46 38.04
C PHE A 153 19.69 -7.10 38.95
N MET A 154 19.45 -7.12 40.26
CA MET A 154 20.50 -7.58 41.17
C MET A 154 20.75 -9.08 41.02
N SER A 155 19.71 -9.88 40.75
CA SER A 155 19.95 -11.28 40.49
C SER A 155 20.55 -11.48 39.11
N PHE A 156 20.09 -10.71 38.13
CA PHE A 156 20.64 -10.81 36.78
C PHE A 156 22.13 -10.51 36.75
N THR A 157 22.57 -9.50 37.49
CA THR A 157 24.00 -9.25 37.48
C THR A 157 24.76 -10.38 38.17
N SER A 158 24.16 -11.00 39.20
CA SER A 158 24.84 -12.11 39.85
C SER A 158 24.94 -13.31 38.92
N HIS A 159 23.95 -13.47 38.01
CA HIS A 159 24.06 -14.47 36.95
C HIS A 159 25.16 -14.08 35.97
N ILE A 160 25.21 -12.82 35.56
CA ILE A 160 26.31 -12.35 34.73
C ILE A 160 27.64 -12.62 35.42
N ASP A 161 27.67 -12.57 36.75
CA ASP A 161 28.91 -12.84 37.47
C ASP A 161 29.32 -14.30 37.35
N GLU A 162 28.40 -15.24 37.58
CA GLU A 162 28.77 -16.64 37.42
C GLU A 162 29.13 -16.95 35.97
N LEU A 163 28.41 -16.36 35.02
CA LEU A 163 28.78 -16.52 33.62
C LEU A 163 30.18 -15.96 33.37
N TYR A 164 30.51 -14.83 34.00
CA TYR A 164 31.86 -14.28 33.90
C TYR A 164 32.90 -15.27 34.43
N GLU A 165 32.63 -15.89 35.58
CA GLU A 165 33.62 -16.72 36.25
C GLU A 165 33.71 -18.12 35.67
N SER A 166 32.64 -18.60 35.05
CA SER A 166 32.72 -19.88 34.35
C SER A 166 33.48 -19.73 33.05
N ALA A 167 33.33 -18.59 32.38
CA ALA A 167 34.14 -18.29 31.21
C ALA A 167 35.57 -17.92 31.56
N LYS A 168 35.84 -17.45 32.79
CA LYS A 168 37.19 -16.98 33.06
C LYS A 168 38.17 -18.13 33.13
N LYS A 169 37.68 -19.34 33.37
CA LYS A 169 38.54 -20.51 33.50
C LYS A 169 38.80 -21.20 32.17
N GLN A 170 38.55 -20.52 31.04
CA GLN A 170 38.87 -21.00 29.71
C GLN A 170 40.09 -20.24 29.13
N SER A 171 41.28 -20.81 29.32
CA SER A 171 42.52 -20.15 28.91
C SER A 171 42.88 -20.43 27.45
N GLY A 172 42.07 -21.18 26.72
CA GLY A 172 42.41 -21.48 25.34
C GLY A 172 42.59 -20.21 24.55
N GLY A 173 43.13 -20.38 23.35
CA GLY A 173 43.30 -19.24 22.49
C GLY A 173 44.73 -18.72 22.51
N LYS A 174 45.07 -17.97 21.48
CA LYS A 174 46.35 -17.29 21.42
C LYS A 174 46.09 -15.85 21.03
N VAL A 175 46.80 -14.94 21.69
CA VAL A 175 46.61 -13.51 21.48
C VAL A 175 47.13 -13.15 20.10
N ALA A 176 46.45 -12.21 19.45
CA ALA A 176 46.84 -11.81 18.11
C ALA A 176 48.28 -11.34 18.15
N ASP A 177 49.14 -12.04 17.42
CA ASP A 177 50.56 -11.77 17.51
C ASP A 177 51.06 -11.03 16.29
N TYR A 178 50.19 -10.80 15.30
CA TYR A 178 50.59 -10.17 14.05
C TYR A 178 51.19 -8.77 14.23
N ILE A 179 50.73 -7.99 15.20
CA ILE A 179 51.32 -6.65 15.43
C ILE A 179 51.80 -6.62 16.87
N PRO A 180 52.85 -5.85 17.17
CA PRO A 180 53.31 -5.78 18.56
C PRO A 180 52.25 -5.23 19.51
N GLN A 181 51.44 -4.27 19.09
CA GLN A 181 50.46 -3.58 19.94
C GLN A 181 49.37 -4.53 20.43
N LEU A 182 49.06 -5.59 19.68
CA LEU A 182 48.11 -6.58 20.16
C LEU A 182 48.80 -7.70 20.90
N ALA A 183 50.09 -7.94 20.66
CA ALA A 183 50.83 -8.93 21.45
C ALA A 183 51.03 -8.45 22.88
N LYS A 184 51.15 -7.15 23.04
CA LYS A 184 51.23 -6.38 24.29
C LYS A 184 50.17 -6.77 25.31
N PHE A 185 48.97 -7.10 24.84
CA PHE A 185 47.86 -7.33 25.74
C PHE A 185 47.99 -8.69 26.40
N SER A 186 47.65 -8.76 27.72
CA SER A 186 47.78 -9.95 28.57
C SER A 186 46.68 -10.97 28.26
N PRO A 187 47.00 -12.27 28.24
CA PRO A 187 45.96 -13.29 27.98
C PRO A 187 44.91 -13.41 29.08
N ASP A 188 45.12 -12.83 30.26
CA ASP A 188 44.18 -12.95 31.37
C ASP A 188 43.29 -11.75 31.57
N LEU A 189 43.45 -10.71 30.76
CA LEU A 189 42.47 -9.63 30.75
C LEU A 189 41.16 -10.20 30.21
N TRP A 190 40.06 -9.84 30.88
CA TRP A 190 38.77 -10.44 30.60
C TRP A 190 37.70 -9.57 31.25
N GLY A 191 36.87 -8.96 30.43
CA GLY A 191 35.84 -8.09 30.94
C GLY A 191 34.50 -8.28 30.25
N VAL A 192 33.42 -8.20 31.03
CA VAL A 192 32.09 -8.19 30.45
C VAL A 192 31.30 -7.07 31.08
N SER A 193 30.62 -6.29 30.24
CA SER A 193 29.86 -5.13 30.68
C SER A 193 28.50 -5.15 30.02
N VAL A 194 27.47 -4.84 30.80
CA VAL A 194 26.10 -4.85 30.33
C VAL A 194 25.54 -3.45 30.38
N CYS A 195 24.71 -3.10 29.40
CA CYS A 195 23.92 -1.89 29.49
C CYS A 195 22.54 -2.21 28.91
N THR A 196 21.48 -2.02 29.69
CA THR A 196 20.16 -2.42 29.20
C THR A 196 19.55 -1.28 28.38
N ALA A 197 18.45 -1.61 27.70
CA ALA A 197 17.73 -0.59 26.94
C ALA A 197 17.19 0.52 27.84
N ASP A 198 17.27 0.35 29.14
CA ASP A 198 16.80 1.37 30.05
C ASP A 198 17.94 2.05 30.77
N GLY A 199 19.17 1.62 30.57
CA GLY A 199 20.28 2.28 31.18
C GLY A 199 20.86 1.56 32.35
N GLN A 200 20.34 0.38 32.69
CA GLN A 200 20.93 -0.32 33.81
C GLN A 200 22.28 -0.84 33.39
N ARG A 201 23.26 -0.70 34.28
CA ARG A 201 24.63 -1.04 33.93
C ARG A 201 25.17 -2.05 34.93
N HIS A 202 26.08 -2.90 34.44
CA HIS A 202 26.83 -3.81 35.28
C HIS A 202 28.10 -4.25 34.58
N SER A 203 29.18 -4.39 35.35
CA SER A 203 30.44 -4.88 34.82
C SER A 203 31.10 -5.83 35.80
N THR A 204 32.04 -6.60 35.24
CA THR A 204 32.80 -7.60 35.95
C THR A 204 34.12 -7.73 35.23
N GLY A 205 35.22 -7.79 35.98
CA GLY A 205 36.52 -7.87 35.35
C GLY A 205 37.03 -6.52 34.85
N ASP A 206 37.86 -6.60 33.81
CA ASP A 206 38.66 -5.48 33.31
C ASP A 206 37.86 -4.63 32.31
N THR A 207 36.84 -3.93 32.82
CA THR A 207 35.84 -3.33 31.96
C THR A 207 36.07 -1.86 31.54
N LYS A 208 36.99 -1.10 32.14
CA LYS A 208 37.50 0.10 31.49
C LYS A 208 39.03 0.14 31.42
N VAL A 209 39.57 -0.96 30.92
CA VAL A 209 40.86 -1.00 30.29
C VAL A 209 40.58 -0.77 28.77
N PRO A 210 41.19 0.23 28.17
CA PRO A 210 40.88 0.48 26.75
C PRO A 210 41.58 -0.52 25.85
N PHE A 211 40.89 -0.84 24.75
CA PHE A 211 41.38 -1.71 23.67
C PHE A 211 40.71 -1.24 22.38
N CYS A 212 41.26 -1.66 21.24
CA CYS A 212 40.71 -1.17 19.99
C CYS A 212 39.56 -2.03 19.53
N LEU A 213 38.63 -1.40 18.82
CA LEU A 213 37.51 -2.16 18.29
C LEU A 213 37.99 -3.14 17.26
N GLN A 214 39.00 -2.73 16.49
CA GLN A 214 39.33 -3.41 15.26
C GLN A 214 38.04 -3.65 14.49
N SER A 215 37.75 -4.89 14.19
CA SER A 215 36.67 -5.14 13.27
C SER A 215 35.30 -5.10 13.92
N CYS A 216 35.25 -4.79 15.23
CA CYS A 216 33.99 -4.42 15.88
C CYS A 216 33.47 -3.06 15.43
N VAL A 217 34.26 -2.29 14.69
CA VAL A 217 33.73 -1.03 14.21
C VAL A 217 32.92 -1.20 12.94
N LYS A 218 33.03 -2.35 12.27
CA LYS A 218 32.38 -2.52 10.97
C LYS A 218 30.87 -2.32 11.05
N PRO A 219 30.14 -2.88 12.02
CA PRO A 219 28.71 -2.53 12.13
C PRO A 219 28.46 -1.05 12.37
N LEU A 220 29.30 -0.42 13.18
CA LEU A 220 29.08 0.98 13.53
C LEU A 220 29.30 1.89 12.33
N LYS A 221 30.36 1.66 11.55
CA LYS A 221 30.49 2.50 10.37
C LYS A 221 29.40 2.16 9.37
N TYR A 222 28.99 0.90 9.28
CA TYR A 222 27.84 0.56 8.45
C TYR A 222 26.57 1.24 8.95
N ALA A 223 26.36 1.27 10.26
CA ALA A 223 25.17 1.96 10.76
C ALA A 223 25.20 3.42 10.37
N ILE A 224 26.34 4.08 10.59
CA ILE A 224 26.50 5.48 10.24
C ILE A 224 26.18 5.69 8.77
N ALA A 225 26.69 4.80 7.93
CA ALA A 225 26.52 4.94 6.50
C ALA A 225 25.06 4.90 6.11
N VAL A 226 24.34 3.87 6.57
CA VAL A 226 22.92 3.77 6.25
C VAL A 226 22.14 4.90 6.92
N ASN A 227 22.57 5.34 8.10
CA ASN A 227 21.87 6.46 8.75
C ASN A 227 21.91 7.72 7.89
N ASP A 228 23.07 8.04 7.31
CA ASP A 228 23.17 9.25 6.50
C ASP A 228 22.73 9.05 5.06
N LEU A 229 22.96 7.88 4.46
CA LEU A 229 22.73 7.73 3.03
C LEU A 229 21.58 6.81 2.67
N GLY A 230 21.10 5.99 3.59
CA GLY A 230 19.94 5.16 3.27
C GLY A 230 20.32 3.81 2.71
N THR A 231 19.44 2.83 2.93
CA THR A 231 19.73 1.44 2.58
C THR A 231 20.00 1.28 1.10
N GLU A 232 19.16 1.87 0.24
CA GLU A 232 19.26 1.60 -1.19
C GLU A 232 20.57 2.11 -1.76
N TYR A 233 21.05 3.25 -1.29
CA TYR A 233 22.34 3.74 -1.78
C TYR A 233 23.49 2.87 -1.29
N VAL A 234 23.57 2.66 0.02
CA VAL A 234 24.68 1.91 0.61
C VAL A 234 24.84 0.54 -0.06
N HIS A 235 23.74 -0.12 -0.38
CA HIS A 235 23.85 -1.47 -0.92
C HIS A 235 23.96 -1.49 -2.44
N ARG A 236 24.18 -0.33 -3.05
CA ARG A 236 24.73 -0.32 -4.41
C ARG A 236 26.17 -0.81 -4.42
N TYR A 237 26.87 -0.68 -3.29
CA TYR A 237 28.32 -0.88 -3.23
C TYR A 237 28.73 -2.08 -2.39
N VAL A 238 27.83 -2.65 -1.61
CA VAL A 238 28.15 -3.79 -0.76
C VAL A 238 26.92 -4.66 -0.68
N GLY A 239 27.12 -5.98 -0.70
CA GLY A 239 26.01 -6.91 -0.64
C GLY A 239 25.36 -6.95 0.74
N LYS A 240 24.46 -7.93 0.91
CA LYS A 240 23.78 -8.03 2.19
C LYS A 240 23.59 -9.49 2.61
N GLU A 241 24.50 -10.36 2.25
CA GLU A 241 24.36 -11.77 2.60
C GLU A 241 25.71 -12.32 3.02
N PRO A 242 25.71 -13.45 3.72
CA PRO A 242 26.99 -14.14 3.96
C PRO A 242 27.48 -14.85 2.71
N SER A 243 28.82 -14.90 2.58
CA SER A 243 29.47 -15.34 1.35
C SER A 243 29.33 -16.84 1.10
N GLY A 244 29.51 -17.66 2.13
CA GLY A 244 29.75 -19.08 1.89
C GLY A 244 31.08 -19.46 2.53
N LEU A 245 31.18 -20.66 3.10
CA LEU A 245 32.22 -20.84 4.10
C LEU A 245 33.60 -21.09 3.53
N ARG A 246 33.78 -21.40 2.25
CA ARG A 246 35.09 -21.07 1.70
C ARG A 246 35.01 -19.97 0.66
N PHE A 247 34.25 -18.93 0.95
CA PHE A 247 34.33 -17.69 0.19
C PHE A 247 34.82 -16.57 1.07
N ASN A 248 35.29 -16.90 2.27
CA ASN A 248 36.12 -16.02 3.10
C ASN A 248 37.29 -15.43 2.35
N LYS A 249 37.61 -15.99 1.18
CA LYS A 249 38.87 -15.77 0.49
C LYS A 249 38.72 -14.84 -0.68
N LEU A 250 37.51 -14.72 -1.20
CA LEU A 250 37.16 -13.89 -2.34
C LEU A 250 36.69 -12.55 -1.81
N PHE A 251 36.80 -11.54 -2.65
CA PHE A 251 36.41 -10.20 -2.22
C PHE A 251 35.03 -9.81 -2.71
N LEU A 252 34.59 -10.33 -3.87
CA LEU A 252 33.36 -9.85 -4.53
C LEU A 252 32.44 -11.01 -4.91
N ASN A 253 31.13 -10.79 -4.82
CA ASN A 253 30.09 -11.69 -5.33
C ASN A 253 29.92 -11.44 -6.84
N GLU A 254 28.88 -11.98 -7.50
CA GLU A 254 28.86 -11.87 -8.97
C GLU A 254 28.23 -10.57 -9.46
N ASP A 255 27.77 -9.73 -8.56
CA ASP A 255 27.44 -8.38 -8.93
C ASP A 255 28.58 -7.43 -8.63
N ASP A 256 29.76 -8.01 -8.41
CA ASP A 256 31.02 -7.27 -8.25
C ASP A 256 30.99 -6.32 -7.07
N LYS A 257 30.16 -6.63 -6.06
CA LYS A 257 30.07 -6.00 -4.77
C LYS A 257 30.65 -6.94 -3.71
N PRO A 258 31.35 -6.41 -2.71
CA PRO A 258 31.70 -7.25 -1.56
C PRO A 258 30.45 -7.78 -0.89
N HIS A 259 30.60 -8.93 -0.26
CA HIS A 259 29.43 -9.73 0.12
C HIS A 259 28.56 -9.01 1.13
N ASN A 260 29.17 -8.28 2.04
CA ASN A 260 28.41 -7.67 3.12
C ASN A 260 29.34 -6.74 3.88
N PRO A 261 28.77 -5.82 4.65
CA PRO A 261 29.58 -4.84 5.38
C PRO A 261 30.45 -5.42 6.49
N MET A 262 30.28 -6.68 6.87
CA MET A 262 31.04 -7.21 8.00
C MET A 262 32.37 -7.85 7.58
N VAL A 263 32.63 -7.98 6.30
CA VAL A 263 33.90 -8.55 5.84
C VAL A 263 34.75 -7.42 5.28
N ASN A 264 36.07 -7.63 5.31
CA ASN A 264 37.01 -6.52 5.11
C ASN A 264 36.76 -5.79 3.81
N ALA A 265 36.52 -6.54 2.72
CA ALA A 265 36.23 -5.87 1.46
C ALA A 265 35.00 -4.98 1.58
N GLY A 266 34.01 -5.41 2.33
CA GLY A 266 32.79 -4.63 2.44
C GLY A 266 32.96 -3.45 3.35
N ALA A 267 33.62 -3.69 4.48
CA ALA A 267 33.99 -2.60 5.38
C ALA A 267 34.77 -1.52 4.65
N ILE A 268 35.78 -1.93 3.86
CA ILE A 268 36.58 -0.95 3.13
C ILE A 268 35.70 -0.16 2.18
N VAL A 269 34.76 -0.81 1.51
CA VAL A 269 33.84 -0.08 0.67
C VAL A 269 32.97 0.83 1.51
N VAL A 270 32.47 0.33 2.64
CA VAL A 270 31.62 1.15 3.50
C VAL A 270 32.38 2.40 3.93
N THR A 271 33.64 2.24 4.30
CA THR A 271 34.46 3.38 4.67
C THR A 271 34.51 4.42 3.57
N SER A 272 34.43 3.98 2.32
CA SER A 272 34.41 4.89 1.18
C SER A 272 33.14 5.71 1.06
N LEU A 273 32.08 5.34 1.76
CA LEU A 273 30.80 6.03 1.58
C LEU A 273 30.55 7.13 2.60
N ILE A 274 31.15 7.01 3.78
CA ILE A 274 30.89 7.95 4.86
C ILE A 274 31.47 9.30 4.48
N LYS A 275 30.61 10.32 4.52
CA LYS A 275 31.05 11.72 4.53
C LYS A 275 31.97 12.04 3.35
N GLN A 276 31.49 11.74 2.15
CA GLN A 276 32.26 12.08 0.96
C GLN A 276 32.38 13.60 0.82
N GLY A 277 33.34 14.03 0.02
CA GLY A 277 33.51 15.44 -0.25
C GLY A 277 34.24 16.25 0.80
N VAL A 278 34.64 15.64 1.91
CA VAL A 278 35.45 16.33 2.91
C VAL A 278 36.72 15.52 3.12
N ASN A 279 37.73 16.17 3.68
CA ASN A 279 39.00 15.48 3.83
C ASN A 279 38.89 14.44 4.94
N ASN A 280 39.93 13.63 5.05
CA ASN A 280 39.92 12.49 5.95
C ASN A 280 40.07 12.91 7.42
N ALA A 281 40.57 14.11 7.71
CA ALA A 281 40.59 14.55 9.10
C ALA A 281 39.19 14.90 9.58
N GLU A 282 38.41 15.59 8.75
CA GLU A 282 37.03 15.90 9.09
C GLU A 282 36.18 14.64 9.11
N LYS A 283 36.39 13.76 8.11
CA LYS A 283 35.68 12.48 8.09
C LYS A 283 35.86 11.75 9.40
N PHE A 284 37.09 11.59 9.83
CA PHE A 284 37.36 10.90 11.08
C PHE A 284 36.67 11.58 12.26
N ASP A 285 36.63 12.91 12.27
CA ASP A 285 35.97 13.59 13.37
C ASP A 285 34.47 13.34 13.36
N TYR A 286 33.86 13.31 12.17
CA TYR A 286 32.43 13.02 12.07
C TYR A 286 32.12 11.64 12.64
N VAL A 287 32.95 10.65 12.32
CA VAL A 287 32.67 9.34 12.88
C VAL A 287 32.82 9.37 14.39
N MET A 288 33.80 10.10 14.92
CA MET A 288 33.95 10.06 16.37
C MET A 288 32.84 10.84 17.07
N GLN A 289 32.34 11.91 16.43
CA GLN A 289 31.15 12.53 17.00
C GLN A 289 29.99 11.54 17.01
N PHE A 290 29.91 10.72 15.96
CA PHE A 290 28.89 9.69 15.92
C PHE A 290 29.11 8.66 17.01
N LEU A 291 30.34 8.16 17.15
CA LEU A 291 30.57 7.16 18.18
C LEU A 291 30.42 7.77 19.58
N ASN A 292 30.72 9.05 19.72
CA ASN A 292 30.49 9.69 21.01
C ASN A 292 29.00 9.66 21.37
N LYS A 293 28.13 10.02 20.42
CA LYS A 293 26.71 10.01 20.71
C LYS A 293 26.23 8.60 21.02
N MET A 294 26.75 7.61 20.28
CA MET A 294 26.35 6.22 20.49
C MET A 294 26.74 5.69 21.86
N ALA A 295 27.79 6.24 22.45
CA ALA A 295 28.24 5.73 23.73
C ALA A 295 27.74 6.60 24.88
N GLY A 296 26.82 7.52 24.60
CA GLY A 296 26.45 8.46 25.64
C GLY A 296 27.63 9.23 26.17
N ASN A 297 28.64 9.45 25.34
CA ASN A 297 29.83 10.22 25.71
C ASN A 297 30.65 9.53 26.80
N GLU A 298 30.59 8.20 26.83
CA GLU A 298 31.57 7.40 27.58
C GLU A 298 32.85 7.29 26.75
N TYR A 299 33.79 6.42 27.17
CA TYR A 299 35.15 6.46 26.64
C TYR A 299 35.21 6.01 25.19
N VAL A 300 35.74 6.86 24.31
CA VAL A 300 36.11 6.48 22.96
C VAL A 300 37.43 7.16 22.61
N GLY A 301 38.44 6.37 22.30
CA GLY A 301 39.74 6.91 22.00
C GLY A 301 40.34 6.52 20.65
N PHE A 302 41.66 6.53 20.61
CA PHE A 302 42.38 6.30 19.38
C PHE A 302 43.77 5.82 19.75
N SER A 303 44.16 4.68 19.22
CA SER A 303 45.48 4.15 19.51
C SER A 303 46.31 4.40 18.27
N ASN A 304 47.14 5.45 18.32
CA ASN A 304 47.97 5.74 17.18
C ASN A 304 49.01 4.65 16.99
N ALA A 305 49.37 3.96 18.07
CA ALA A 305 50.25 2.81 17.95
C ALA A 305 49.64 1.77 17.02
N THR A 306 48.41 1.36 17.31
CA THR A 306 47.74 0.38 16.47
C THR A 306 47.60 0.91 15.04
N PHE A 307 47.33 2.20 14.88
CA PHE A 307 47.14 2.74 13.55
C PHE A 307 48.42 2.62 12.76
N GLN A 308 49.57 2.86 13.39
CA GLN A 308 50.81 2.74 12.65
C GLN A 308 51.16 1.27 12.38
N SER A 309 50.83 0.32 13.28
CA SER A 309 51.05 -1.10 12.90
C SER A 309 50.08 -1.57 11.82
N GLU A 310 48.88 -1.00 11.75
CA GLU A 310 48.00 -1.52 10.73
C GLU A 310 48.35 -0.99 9.35
N ARG A 311 49.05 0.13 9.27
CA ARG A 311 49.49 0.63 7.99
C ARG A 311 50.79 0.03 7.49
N GLU A 312 51.67 -0.43 8.38
CA GLU A 312 52.92 -1.03 7.95
C GLU A 312 52.71 -2.44 7.44
N SER A 313 51.70 -3.11 7.99
CA SER A 313 51.50 -4.54 7.92
C SER A 313 50.11 -4.84 7.41
N GLY A 314 49.62 -4.00 6.50
CA GLY A 314 48.27 -4.20 6.02
C GLY A 314 48.20 -4.57 4.56
N ASP A 315 49.03 -5.52 4.15
CA ASP A 315 49.06 -5.88 2.74
C ASP A 315 47.74 -6.41 2.21
N ARG A 316 46.85 -7.04 3.01
CA ARG A 316 45.64 -7.58 2.39
C ARG A 316 44.73 -6.44 2.04
N ASN A 317 44.69 -5.39 2.88
CA ASN A 317 43.83 -4.25 2.61
C ASN A 317 44.25 -3.51 1.33
N PHE A 318 45.56 -3.39 1.10
CA PHE A 318 46.03 -2.84 -0.15
C PHE A 318 45.67 -3.77 -1.30
N ALA A 319 45.87 -5.07 -1.12
CA ALA A 319 45.38 -6.01 -2.11
C ALA A 319 43.91 -5.75 -2.36
N ILE A 320 43.13 -5.68 -1.27
CA ILE A 320 41.69 -5.48 -1.40
C ILE A 320 41.41 -4.16 -2.07
N GLY A 321 42.08 -3.10 -1.60
CA GLY A 321 41.84 -1.78 -2.13
C GLY A 321 42.09 -1.70 -3.62
N TYR A 322 43.25 -2.21 -4.05
CA TYR A 322 43.54 -2.21 -5.48
C TYR A 322 42.57 -3.12 -6.22
N TYR A 323 42.24 -4.28 -5.65
CA TYR A 323 41.25 -5.14 -6.30
C TYR A 323 39.91 -4.43 -6.46
N LEU A 324 39.52 -3.64 -5.44
CA LEU A 324 38.23 -2.96 -5.54
C LEU A 324 38.29 -1.77 -6.47
N LYS A 325 39.46 -1.13 -6.59
CA LYS A 325 39.54 0.09 -7.38
C LYS A 325 39.48 -0.24 -8.84
N GLU A 326 40.27 -1.23 -9.22
CA GLU A 326 40.20 -1.81 -10.54
C GLU A 326 38.78 -2.18 -10.90
N LYS A 327 38.09 -2.97 -10.06
CA LYS A 327 36.74 -3.39 -10.43
C LYS A 327 35.68 -2.31 -10.23
N LYS A 328 36.11 -1.06 -9.93
CA LYS A 328 35.23 0.10 -9.85
C LYS A 328 34.14 -0.14 -8.80
N CYS A 329 34.57 -0.48 -7.59
CA CYS A 329 33.66 -0.85 -6.51
C CYS A 329 33.27 0.33 -5.62
N PHE A 330 34.02 1.42 -5.68
CA PHE A 330 33.88 2.68 -4.98
C PHE A 330 33.02 3.65 -5.80
N PRO A 331 32.48 4.69 -5.17
CA PRO A 331 31.80 5.74 -5.93
C PRO A 331 32.82 6.69 -6.54
N GLU A 332 32.42 7.30 -7.65
CA GLU A 332 33.32 8.15 -8.41
C GLU A 332 33.89 9.24 -7.52
N GLY A 333 35.16 9.56 -7.74
CA GLY A 333 35.82 10.56 -6.93
C GLY A 333 36.45 10.02 -5.68
N THR A 334 36.61 8.71 -5.59
CA THR A 334 37.25 8.07 -4.44
C THR A 334 38.77 8.05 -4.59
N ASP A 335 39.45 8.37 -3.49
CA ASP A 335 40.90 8.24 -3.40
C ASP A 335 41.19 6.95 -2.63
N MET A 336 41.44 5.86 -3.35
CA MET A 336 41.49 4.55 -2.69
C MET A 336 42.55 4.51 -1.59
N VAL A 337 43.77 4.93 -1.89
CA VAL A 337 44.82 4.85 -0.88
C VAL A 337 44.48 5.68 0.33
N GLY A 338 43.74 6.79 0.14
CA GLY A 338 43.29 7.57 1.27
C GLY A 338 42.24 6.85 2.10
N ILE A 339 41.26 6.24 1.43
CA ILE A 339 40.22 5.51 2.16
C ILE A 339 40.82 4.35 2.94
N LEU A 340 41.85 3.71 2.40
CA LEU A 340 42.51 2.68 3.18
C LEU A 340 43.09 3.25 4.46
N ASP A 341 43.58 4.49 4.40
CA ASP A 341 44.12 5.16 5.58
C ASP A 341 43.01 5.41 6.61
N PHE A 342 41.90 5.99 6.16
CA PHE A 342 40.73 6.16 7.00
C PHE A 342 40.28 4.83 7.62
N TYR A 343 40.24 3.76 6.80
CA TYR A 343 39.83 2.45 7.30
C TYR A 343 40.78 1.97 8.39
N PHE A 344 42.07 2.20 8.21
CA PHE A 344 43.01 1.79 9.24
C PHE A 344 42.82 2.58 10.52
N GLN A 345 42.62 3.91 10.44
CA GLN A 345 42.37 4.64 11.68
C GLN A 345 41.07 4.17 12.32
N LEU A 346 39.99 4.10 11.52
CA LEU A 346 38.70 3.67 12.05
C LEU A 346 38.82 2.36 12.81
N CYS A 347 39.76 1.52 12.41
CA CYS A 347 39.93 0.23 13.08
C CYS A 347 40.78 0.34 14.33
N SER A 348 41.44 1.47 14.54
CA SER A 348 42.25 1.66 15.73
C SER A 348 41.55 2.47 16.79
N ILE A 349 40.23 2.72 16.62
CA ILE A 349 39.48 3.48 17.62
C ILE A 349 39.43 2.70 18.92
N GLU A 350 39.57 3.40 20.03
CA GLU A 350 39.63 2.70 21.30
C GLU A 350 38.29 2.84 22.02
N VAL A 351 37.97 1.82 22.80
CA VAL A 351 36.80 1.77 23.67
C VAL A 351 37.22 0.99 24.90
N THR A 352 36.34 0.93 25.88
CA THR A 352 36.37 -0.04 26.96
C THR A 352 35.14 -0.93 26.82
N CYS A 353 34.98 -1.88 27.73
CA CYS A 353 33.76 -2.66 27.57
C CYS A 353 32.53 -1.90 28.02
N GLU A 354 32.68 -1.01 28.97
CA GLU A 354 31.53 -0.22 29.40
C GLU A 354 31.14 0.80 28.35
N SER A 355 32.09 1.63 27.91
CA SER A 355 31.95 2.37 26.65
C SER A 355 31.20 1.57 25.57
N ALA A 356 31.76 0.45 25.15
CA ALA A 356 31.20 -0.17 23.96
C ALA A 356 29.85 -0.81 24.26
N SER A 357 29.70 -1.36 25.46
CA SER A 357 28.42 -1.95 25.86
C SER A 357 27.27 -0.94 25.70
N VAL A 358 27.53 0.35 25.90
CA VAL A 358 26.48 1.35 25.67
C VAL A 358 26.23 1.49 24.18
N MET A 359 27.30 1.45 23.36
CA MET A 359 27.14 1.46 21.92
C MET A 359 26.32 0.26 21.47
N ALA A 360 26.64 -0.91 22.03
CA ALA A 360 25.79 -2.07 21.81
C ALA A 360 24.35 -1.78 22.20
N ALA A 361 24.14 -1.16 23.38
CA ALA A 361 22.80 -0.91 23.86
C ALA A 361 22.06 0.09 22.98
N THR A 362 22.77 1.01 22.33
CA THR A 362 22.10 1.86 21.36
C THR A 362 21.50 1.04 20.23
N LEU A 363 22.17 -0.04 19.83
CA LEU A 363 21.64 -0.92 18.80
C LEU A 363 20.55 -1.84 19.32
N ALA A 364 20.67 -2.28 20.57
CA ALA A 364 19.60 -2.99 21.24
C ALA A 364 18.34 -2.14 21.34
N ASN A 365 18.45 -0.82 21.23
CA ASN A 365 17.38 0.09 21.59
C ASN A 365 16.85 0.92 20.40
N GLY A 366 16.90 0.37 19.18
CA GLY A 366 16.31 1.04 18.05
C GLY A 366 16.99 2.34 17.65
N GLY A 367 18.24 2.54 18.02
CA GLY A 367 18.98 3.72 17.64
C GLY A 367 18.95 4.85 18.64
N PHE A 368 18.33 4.64 19.79
CA PHE A 368 18.31 5.60 20.88
C PHE A 368 19.34 5.16 21.92
N CYS A 369 20.22 6.07 22.30
CA CYS A 369 21.18 5.77 23.38
C CYS A 369 20.50 5.65 24.75
N PRO A 370 20.60 4.50 25.43
CA PRO A 370 19.81 4.31 26.66
C PRO A 370 20.16 5.24 27.80
N ILE A 371 21.36 5.82 27.85
CA ILE A 371 21.74 6.64 29.00
C ILE A 371 21.64 8.13 28.73
N THR A 372 21.25 8.55 27.52
CA THR A 372 21.04 9.96 27.22
C THR A 372 19.69 10.28 26.59
N GLY A 373 18.96 9.29 26.09
CA GLY A 373 17.69 9.49 25.42
C GLY A 373 17.77 10.02 24.02
N GLU A 374 18.97 10.14 23.47
CA GLU A 374 19.17 10.80 22.18
C GLU A 374 18.91 9.81 21.05
N ARG A 375 18.31 10.31 19.97
CA ARG A 375 18.16 9.48 18.79
C ARG A 375 19.47 9.58 18.02
N VAL A 376 20.14 8.45 17.89
CA VAL A 376 21.47 8.37 17.31
C VAL A 376 21.43 7.81 15.91
N LEU A 377 20.78 6.67 15.74
CA LEU A 377 20.75 5.97 14.47
C LEU A 377 19.30 5.82 14.05
N SER A 378 19.04 5.93 12.75
CA SER A 378 17.70 5.71 12.23
C SER A 378 17.28 4.27 12.49
N PRO A 379 15.99 4.02 12.67
CA PRO A 379 15.55 2.63 12.87
C PRO A 379 15.91 1.73 11.71
N GLU A 380 15.85 2.25 10.49
CA GLU A 380 16.27 1.49 9.32
C GLU A 380 17.75 1.10 9.43
N ALA A 381 18.58 2.01 9.94
CA ALA A 381 20.00 1.73 10.08
C ALA A 381 20.28 0.66 11.12
N VAL A 382 19.58 0.69 12.24
CA VAL A 382 19.85 -0.29 13.27
C VAL A 382 19.37 -1.67 12.84
N ARG A 383 18.22 -1.73 12.17
CA ARG A 383 17.70 -3.01 11.73
C ARG A 383 18.68 -3.69 10.79
N ASN A 384 19.19 -2.93 9.80
CA ASN A 384 20.10 -3.54 8.83
C ASN A 384 21.37 -4.04 9.52
N THR A 385 21.90 -3.24 10.44
CA THR A 385 23.13 -3.60 11.11
C THR A 385 22.92 -4.82 11.99
N LEU A 386 21.77 -4.90 12.64
CA LEU A 386 21.49 -6.08 13.44
C LEU A 386 21.23 -7.27 12.55
N SER A 387 20.55 -7.04 11.42
CA SER A 387 20.37 -8.08 10.42
C SER A 387 21.70 -8.71 10.04
N LEU A 388 22.69 -7.87 9.73
CA LEU A 388 23.92 -8.39 9.15
C LEU A 388 24.89 -8.89 10.22
N MET A 389 24.82 -8.34 11.43
CA MET A 389 25.59 -8.94 12.52
C MET A 389 25.11 -10.34 12.82
N HIS A 390 23.83 -10.61 12.61
CA HIS A 390 23.29 -11.96 12.79
C HIS A 390 24.04 -12.98 11.93
N SER A 391 24.10 -12.73 10.62
CA SER A 391 24.57 -13.72 9.69
C SER A 391 26.05 -13.65 9.39
N CYS A 392 26.68 -12.47 9.55
CA CYS A 392 28.02 -12.23 9.03
C CYS A 392 28.99 -11.76 10.11
N GLY A 393 28.63 -11.90 11.37
CA GLY A 393 29.32 -11.12 12.38
C GLY A 393 30.49 -11.75 13.07
N MET A 394 30.73 -13.05 12.91
CA MET A 394 31.78 -13.73 13.66
C MET A 394 32.73 -14.47 12.72
N TYR A 395 33.02 -13.87 11.57
CA TYR A 395 33.98 -14.45 10.62
C TYR A 395 33.44 -15.84 10.21
N ASP A 396 34.30 -16.86 10.17
CA ASP A 396 33.83 -18.18 9.77
C ASP A 396 32.87 -18.80 10.77
N PHE A 397 32.86 -18.33 12.02
CA PHE A 397 31.97 -18.91 12.99
C PHE A 397 30.57 -18.34 12.93
N SER A 398 30.29 -17.50 11.93
CA SER A 398 29.02 -16.76 11.92
C SER A 398 27.81 -17.69 11.86
N GLY A 399 27.77 -18.63 10.90
CA GLY A 399 26.62 -19.52 10.80
C GLY A 399 26.43 -20.39 12.03
N GLN A 400 27.53 -20.90 12.60
CA GLN A 400 27.45 -21.66 13.83
C GLN A 400 26.94 -20.79 14.97
N PHE A 401 27.43 -19.54 15.04
CA PHE A 401 27.02 -18.62 16.09
C PHE A 401 25.56 -18.24 15.94
N ALA A 402 25.12 -18.02 14.70
CA ALA A 402 23.73 -17.70 14.46
C ALA A 402 22.81 -18.84 14.84
N PHE A 403 23.29 -20.08 14.73
CA PHE A 403 22.47 -21.23 15.10
C PHE A 403 22.34 -21.37 16.62
N HIS A 404 23.47 -21.48 17.32
CA HIS A 404 23.47 -21.83 18.74
C HIS A 404 23.22 -20.63 19.66
N VAL A 405 23.60 -19.43 19.26
CA VAL A 405 23.48 -18.25 20.12
C VAL A 405 22.30 -17.38 19.72
N GLY A 406 22.07 -17.25 18.41
CA GLY A 406 20.97 -16.45 17.93
C GLY A 406 21.06 -15.01 18.33
N LEU A 407 22.27 -14.49 18.49
CA LEU A 407 22.33 -13.08 18.82
C LEU A 407 23.19 -12.33 17.81
N PRO A 408 22.78 -11.15 17.40
CA PRO A 408 23.66 -10.30 16.60
C PRO A 408 24.88 -9.93 17.42
N ALA A 409 26.04 -10.34 16.95
CA ALA A 409 27.27 -10.04 17.63
C ALA A 409 28.29 -9.69 16.57
N LYS A 410 29.35 -9.00 16.99
CA LYS A 410 30.46 -8.70 16.10
C LYS A 410 31.75 -8.85 16.87
N SER A 411 32.70 -9.56 16.27
CA SER A 411 33.94 -9.85 16.95
C SER A 411 35.06 -9.04 16.34
N GLY A 412 36.13 -8.90 17.12
CA GLY A 412 37.27 -8.13 16.68
C GLY A 412 38.55 -8.80 17.16
N VAL A 413 39.63 -8.44 16.45
CA VAL A 413 40.94 -9.06 16.66
C VAL A 413 41.55 -8.72 18.01
N ALA A 414 41.11 -7.63 18.63
CA ALA A 414 41.59 -7.29 19.95
C ALA A 414 41.06 -8.22 21.02
N GLY A 415 40.03 -8.99 20.71
CA GLY A 415 39.36 -9.80 21.72
C GLY A 415 37.97 -9.31 22.08
N GLY A 416 37.46 -8.30 21.38
CA GLY A 416 36.13 -7.84 21.67
C GLY A 416 35.08 -8.66 20.96
N ILE A 417 33.93 -8.79 21.61
CA ILE A 417 32.69 -9.23 20.99
C ILE A 417 31.66 -8.21 21.45
N LEU A 418 31.15 -7.45 20.51
CA LEU A 418 30.10 -6.48 20.76
C LEU A 418 28.77 -7.20 20.53
N LEU A 419 28.09 -7.54 21.62
CA LEU A 419 26.90 -8.39 21.59
C LEU A 419 25.66 -7.56 21.87
N VAL A 420 24.56 -7.91 21.20
CA VAL A 420 23.30 -7.19 21.32
C VAL A 420 22.16 -8.17 21.57
N VAL A 421 21.44 -7.99 22.66
CA VAL A 421 20.18 -8.71 22.82
C VAL A 421 19.05 -7.75 22.50
N PRO A 422 18.49 -7.77 21.30
CA PRO A 422 17.53 -6.71 20.91
C PRO A 422 16.38 -6.60 21.89
N ASN A 423 15.94 -5.35 22.11
CA ASN A 423 14.88 -4.95 23.03
C ASN A 423 15.23 -5.19 24.50
N VAL A 424 16.44 -5.65 24.80
CA VAL A 424 16.81 -5.96 26.19
C VAL A 424 18.06 -5.21 26.61
N MET A 425 19.19 -5.57 26.00
CA MET A 425 20.46 -5.05 26.47
C MET A 425 21.50 -5.17 25.38
N GLY A 426 22.55 -4.36 25.53
CA GLY A 426 23.76 -4.53 24.77
C GLY A 426 24.89 -4.85 25.72
N MET A 427 25.92 -5.52 25.22
CA MET A 427 27.07 -5.76 26.05
C MET A 427 28.31 -5.84 25.18
N MET A 428 29.47 -5.78 25.84
CA MET A 428 30.75 -5.89 25.17
C MET A 428 31.65 -6.80 25.99
N CYS A 429 32.05 -7.91 25.39
CA CYS A 429 32.99 -8.81 26.02
C CYS A 429 34.37 -8.54 25.47
N TRP A 430 35.37 -8.82 26.30
CA TRP A 430 36.75 -8.54 25.94
C TRP A 430 37.67 -9.50 26.66
N SER A 431 38.36 -10.35 25.89
CA SER A 431 39.47 -11.20 26.28
C SER A 431 40.36 -11.37 25.04
N PRO A 432 41.63 -11.00 25.12
CA PRO A 432 42.46 -10.91 23.91
C PRO A 432 42.72 -12.25 23.24
N PRO A 433 42.78 -13.41 23.98
CA PRO A 433 43.02 -14.69 23.28
C PRO A 433 41.98 -15.05 22.22
N LEU A 434 42.39 -15.09 20.96
CA LEU A 434 41.48 -15.50 19.89
C LEU A 434 41.57 -17.00 19.67
N ASP A 435 40.48 -17.60 19.15
CA ASP A 435 40.52 -19.00 18.72
C ASP A 435 41.01 -19.06 17.27
N LYS A 436 40.82 -20.20 16.59
CA LYS A 436 41.39 -20.34 15.26
C LYS A 436 40.49 -19.82 14.16
N MET A 437 39.38 -19.16 14.52
CA MET A 437 38.60 -18.41 13.55
C MET A 437 38.63 -16.92 13.83
N GLY A 438 39.32 -16.49 14.88
CA GLY A 438 39.51 -15.07 15.21
C GLY A 438 38.63 -14.49 16.30
N ASN A 439 37.88 -15.31 17.02
CA ASN A 439 36.91 -14.85 18.01
C ASN A 439 37.45 -15.12 19.41
N SER A 440 37.29 -14.13 20.30
CA SER A 440 37.67 -14.29 21.70
C SER A 440 37.08 -15.55 22.31
N VAL A 441 37.94 -16.44 22.80
CA VAL A 441 37.48 -17.70 23.36
C VAL A 441 36.51 -17.45 24.50
N LYS A 442 36.91 -16.65 25.48
CA LYS A 442 36.04 -16.37 26.61
C LYS A 442 34.77 -15.69 26.16
N GLY A 443 34.88 -14.75 25.23
CA GLY A 443 33.69 -14.11 24.70
C GLY A 443 32.74 -15.12 24.09
N ILE A 444 33.27 -15.99 23.23
CA ILE A 444 32.43 -17.03 22.64
C ILE A 444 31.83 -17.92 23.71
N HIS A 445 32.63 -18.32 24.70
CA HIS A 445 32.11 -19.16 25.76
C HIS A 445 30.97 -18.46 26.49
N PHE A 446 31.19 -17.20 26.87
CA PHE A 446 30.18 -16.42 27.57
C PHE A 446 28.91 -16.31 26.74
N CYS A 447 29.04 -16.10 25.43
CA CYS A 447 27.86 -15.90 24.62
C CYS A 447 27.07 -17.19 24.51
N HIS A 448 27.75 -18.34 24.53
CA HIS A 448 27.05 -19.62 24.57
C HIS A 448 26.32 -19.80 25.91
N ASP A 449 27.04 -19.59 27.02
CA ASP A 449 26.42 -19.82 28.32
C ASP A 449 25.26 -18.85 28.52
N LEU A 450 25.38 -17.63 28.02
CA LEU A 450 24.33 -16.65 28.26
C LEU A 450 23.01 -17.13 27.68
N VAL A 451 23.02 -17.58 26.42
CA VAL A 451 21.80 -18.05 25.78
C VAL A 451 21.42 -19.41 26.35
N SER A 452 22.40 -20.17 26.82
CA SER A 452 22.09 -21.42 27.48
C SER A 452 21.32 -21.19 28.78
N LEU A 453 21.30 -19.96 29.28
CA LEU A 453 20.64 -19.65 30.54
C LEU A 453 19.39 -18.79 30.41
N CYS A 454 19.25 -18.00 29.35
CA CYS A 454 18.10 -17.13 29.24
C CYS A 454 17.51 -17.16 27.84
N ASN A 455 16.21 -16.86 27.73
CA ASN A 455 15.56 -17.00 26.45
C ASN A 455 15.90 -15.80 25.58
N PHE A 456 17.17 -15.49 25.50
CA PHE A 456 17.61 -14.41 24.65
C PHE A 456 17.86 -14.84 23.22
N HIS A 457 17.94 -16.15 22.95
CA HIS A 457 18.11 -16.61 21.59
C HIS A 457 17.05 -15.99 20.70
N ASN A 458 17.47 -15.59 19.49
CA ASN A 458 16.58 -14.87 18.59
C ASN A 458 15.26 -15.59 18.36
N TYR A 459 15.26 -16.93 18.41
CA TYR A 459 14.05 -17.69 18.13
C TYR A 459 13.65 -18.56 19.31
N ASP A 460 14.06 -18.16 20.51
CA ASP A 460 13.39 -18.63 21.71
C ASP A 460 11.98 -18.08 21.73
N ASN A 461 11.07 -18.80 22.39
CA ASN A 461 9.72 -18.29 22.59
C ASN A 461 9.62 -17.50 23.90
N LEU A 462 9.03 -16.31 23.83
CA LEU A 462 8.90 -15.54 25.07
C LEU A 462 7.80 -16.09 25.97
N ARG A 463 7.13 -17.17 25.57
CA ARG A 463 6.05 -17.80 26.34
C ARG A 463 6.39 -19.22 26.81
N HIS A 464 6.90 -20.08 25.93
CA HIS A 464 7.23 -21.45 26.29
C HIS A 464 8.72 -21.65 26.07
N PHE A 465 9.49 -21.68 27.16
CA PHE A 465 10.95 -21.67 26.99
C PHE A 465 11.68 -22.61 27.98
N ALA A 466 11.11 -23.78 28.25
CA ALA A 466 11.80 -24.87 28.98
C ALA A 466 12.17 -24.34 30.36
N LYS A 467 13.40 -24.56 30.85
CA LYS A 467 13.83 -23.98 32.12
C LYS A 467 14.76 -22.81 31.90
N LYS A 468 14.82 -22.24 30.70
CA LYS A 468 15.72 -21.10 30.64
C LYS A 468 15.01 -20.01 31.43
N LEU A 469 15.77 -19.13 32.05
CA LEU A 469 15.04 -18.08 32.75
C LEU A 469 14.88 -16.87 31.84
N ASP A 470 13.89 -16.04 32.19
CA ASP A 470 13.58 -14.83 31.44
C ASP A 470 13.73 -13.67 32.40
N PRO A 471 14.88 -13.01 32.41
CA PRO A 471 15.07 -11.87 33.32
C PRO A 471 14.09 -10.75 33.08
N ARG A 472 13.36 -10.76 31.97
CA ARG A 472 12.37 -9.71 31.70
C ARG A 472 11.11 -9.83 32.54
N ARG A 473 10.94 -10.89 33.31
CA ARG A 473 9.71 -11.12 34.02
C ARG A 473 10.04 -11.43 35.47
N GLU A 474 9.05 -11.29 36.35
CA GLU A 474 9.27 -11.38 37.79
C GLU A 474 9.22 -12.84 38.24
N PRO B 66 -32.66 38.83 13.25
CA PRO B 66 -31.85 37.86 12.52
C PRO B 66 -30.54 38.45 11.99
N SER B 67 -29.44 37.71 12.05
CA SER B 67 -28.20 38.19 11.43
C SER B 67 -27.19 37.07 11.24
N LEU B 68 -26.56 37.03 10.05
CA LEU B 68 -25.66 35.94 9.73
C LEU B 68 -24.44 35.97 10.66
N GLU B 69 -23.96 37.17 11.00
CA GLU B 69 -22.77 37.32 11.85
C GLU B 69 -23.01 36.88 13.29
N ASP B 70 -24.17 37.24 13.87
CA ASP B 70 -24.53 36.82 15.22
C ASP B 70 -24.72 35.31 15.29
N LEU B 71 -25.43 34.75 14.29
CA LEU B 71 -25.64 33.31 14.28
C LEU B 71 -24.31 32.58 14.30
N LEU B 72 -23.35 33.05 13.49
CA LEU B 72 -22.04 32.42 13.51
C LEU B 72 -21.36 32.64 14.84
N PHE B 73 -21.64 33.79 15.47
CA PHE B 73 -21.03 34.11 16.76
C PHE B 73 -21.43 33.07 17.80
N TYR B 74 -22.73 32.77 17.90
CA TYR B 74 -23.18 31.85 18.94
C TYR B 74 -22.80 30.40 18.63
N THR B 75 -22.56 30.08 17.35
CA THR B 75 -22.06 28.75 17.02
C THR B 75 -20.65 28.55 17.54
N ILE B 76 -19.80 29.57 17.46
CA ILE B 76 -18.48 29.44 18.05
C ILE B 76 -18.51 29.82 19.53
N ALA B 77 -19.47 30.69 19.93
CA ALA B 77 -19.39 31.41 21.20
C ALA B 77 -19.42 30.50 22.41
N GLU B 78 -20.12 29.35 22.29
CA GLU B 78 -20.55 28.38 23.29
C GLU B 78 -21.91 28.70 23.88
N GLY B 79 -22.51 29.81 23.52
CA GLY B 79 -23.43 30.35 24.49
C GLY B 79 -22.71 31.10 25.58
N GLN B 80 -21.37 31.13 25.54
CA GLN B 80 -20.58 31.95 26.46
C GLN B 80 -20.66 33.40 25.98
N GLU B 81 -20.16 34.33 26.80
CA GLU B 81 -20.30 35.73 26.39
C GLU B 81 -19.32 36.13 25.30
N LYS B 82 -18.06 35.71 25.35
CA LYS B 82 -17.11 36.19 24.36
C LYS B 82 -16.31 35.00 23.85
N ILE B 83 -15.66 35.19 22.72
CA ILE B 83 -14.83 34.18 22.06
C ILE B 83 -13.38 34.63 22.17
N PRO B 84 -12.51 33.88 22.86
CA PRO B 84 -11.08 34.15 22.70
C PRO B 84 -10.72 34.00 21.22
N VAL B 85 -9.75 34.78 20.76
CA VAL B 85 -9.50 34.74 19.33
C VAL B 85 -8.46 33.67 19.00
N HIS B 86 -7.80 33.08 20.00
CA HIS B 86 -7.08 31.83 19.76
C HIS B 86 -8.07 30.73 19.42
N LYS B 87 -9.22 30.74 20.08
CA LYS B 87 -10.24 29.74 19.78
C LYS B 87 -10.91 29.98 18.43
N PHE B 88 -11.01 31.25 17.99
CA PHE B 88 -11.65 31.52 16.70
C PHE B 88 -10.77 31.07 15.54
N ILE B 89 -9.45 31.24 15.66
CA ILE B 89 -8.61 30.91 14.52
C ILE B 89 -8.38 29.41 14.42
N THR B 90 -8.36 28.70 15.55
CA THR B 90 -8.24 27.25 15.43
C THR B 90 -9.56 26.62 15.04
N ALA B 91 -10.68 27.26 15.37
CA ALA B 91 -11.93 26.88 14.73
C ALA B 91 -11.84 27.11 13.23
N LEU B 92 -11.19 28.20 12.82
CA LEU B 92 -11.05 28.48 11.41
C LEU B 92 -10.07 27.51 10.75
N LYS B 93 -8.91 27.31 11.39
CA LYS B 93 -7.89 26.45 10.77
C LYS B 93 -8.37 25.02 10.65
N SER B 94 -9.37 24.63 11.45
CA SER B 94 -9.88 23.28 11.36
C SER B 94 -10.83 23.08 10.19
N THR B 95 -11.34 24.15 9.60
CA THR B 95 -12.05 23.98 8.34
C THR B 95 -11.11 23.74 7.17
N GLY B 96 -9.80 23.79 7.41
CA GLY B 96 -8.82 23.67 6.38
C GLY B 96 -8.37 24.98 5.80
N LEU B 97 -9.16 26.03 6.01
CA LEU B 97 -8.73 27.34 5.60
C LEU B 97 -7.44 27.72 6.31
N ARG B 98 -6.74 28.66 5.69
CA ARG B 98 -5.51 29.24 6.15
C ARG B 98 -5.77 30.69 6.50
N THR B 99 -5.20 31.15 7.60
CA THR B 99 -5.50 32.50 8.01
C THR B 99 -5.01 33.52 6.98
N SER B 100 -4.06 33.11 6.15
CA SER B 100 -3.53 33.94 5.07
C SER B 100 -4.39 33.90 3.81
N ASP B 101 -5.54 33.23 3.84
CA ASP B 101 -6.41 33.20 2.67
C ASP B 101 -6.66 34.64 2.18
N PRO B 102 -6.44 34.90 0.89
CA PRO B 102 -6.69 36.26 0.37
C PRO B 102 -8.13 36.71 0.48
N ARG B 103 -9.08 35.78 0.42
CA ARG B 103 -10.47 36.18 0.58
C ARG B 103 -10.80 36.51 2.03
N LEU B 104 -9.83 36.36 2.93
CA LEU B 104 -9.98 36.68 4.34
C LEU B 104 -9.10 37.83 4.82
N LYS B 105 -8.39 38.54 3.93
CA LYS B 105 -7.46 39.54 4.46
C LYS B 105 -8.20 40.56 5.26
N GLU B 106 -9.30 40.97 4.70
CA GLU B 106 -10.12 42.03 5.21
C GLU B 106 -10.63 41.69 6.62
N CYS B 107 -10.92 40.42 6.90
CA CYS B 107 -11.23 39.97 8.25
C CYS B 107 -10.00 39.93 9.16
N MET B 108 -8.85 39.44 8.67
CA MET B 108 -7.66 39.41 9.51
C MET B 108 -6.91 40.73 9.50
N ASP B 109 -7.24 41.61 8.55
CA ASP B 109 -6.76 42.99 8.65
C ASP B 109 -7.40 43.65 9.85
N MET B 110 -8.68 43.34 10.08
CA MET B 110 -9.45 43.89 11.19
C MET B 110 -9.23 43.12 12.49
N LEU B 111 -8.52 42.00 12.47
CA LEU B 111 -8.14 41.32 13.70
C LEU B 111 -6.78 41.75 14.23
N ARG B 112 -5.78 42.00 13.36
CA ARG B 112 -4.55 42.61 13.85
C ARG B 112 -4.80 44.04 14.30
N LEU B 113 -5.86 44.67 13.78
CA LEU B 113 -6.25 45.99 14.23
C LEU B 113 -6.78 45.92 15.66
N THR B 114 -7.77 45.06 15.92
CA THR B 114 -8.32 44.98 17.26
C THR B 114 -7.44 44.21 18.24
N LEU B 115 -6.36 43.56 17.80
CA LEU B 115 -5.42 42.96 18.73
C LEU B 115 -4.25 43.89 19.04
N GLN B 116 -4.45 45.18 18.84
CA GLN B 116 -3.65 46.21 19.47
C GLN B 116 -4.48 47.18 20.29
N THR B 117 -5.78 47.34 19.95
CA THR B 117 -6.66 48.26 20.67
C THR B 117 -6.76 47.93 22.16
N THR B 118 -6.86 46.64 22.51
CA THR B 118 -6.76 46.18 23.89
C THR B 118 -5.89 44.92 23.88
N SER B 119 -4.64 45.09 24.27
CA SER B 119 -3.70 43.97 24.40
C SER B 119 -4.10 43.00 25.53
N ASP B 120 -5.10 43.35 26.34
CA ASP B 120 -5.57 42.54 27.47
C ASP B 120 -6.99 42.06 27.16
N GLY B 121 -7.15 40.75 27.17
CA GLY B 121 -8.40 40.13 26.79
C GLY B 121 -8.26 39.80 25.33
N VAL B 122 -7.97 38.54 25.01
CA VAL B 122 -7.87 38.17 23.62
C VAL B 122 -9.31 38.02 23.15
N MET B 123 -10.24 38.51 23.97
CA MET B 123 -11.63 38.12 23.90
C MET B 123 -12.43 39.14 23.10
N LEU B 124 -13.55 38.67 22.58
CA LEU B 124 -14.24 39.34 21.48
C LEU B 124 -15.73 39.33 21.73
N ASP B 125 -16.37 40.50 21.74
CA ASP B 125 -17.80 40.51 21.99
C ASP B 125 -18.57 40.04 20.74
N LYS B 126 -19.89 39.98 20.90
CA LYS B 126 -20.88 39.70 19.86
C LYS B 126 -20.72 40.64 18.69
N ASP B 127 -20.39 41.87 19.05
CA ASP B 127 -20.35 43.13 18.31
C ASP B 127 -18.94 43.47 17.81
N LEU B 128 -17.91 43.02 18.54
CA LEU B 128 -16.51 43.09 18.12
C LEU B 128 -16.23 42.00 17.11
N PHE B 129 -16.82 40.82 17.33
CA PHE B 129 -16.79 39.78 16.32
C PHE B 129 -17.39 40.25 15.02
N LYS B 130 -18.54 40.96 15.08
CA LYS B 130 -19.24 41.29 13.86
C LYS B 130 -18.46 42.27 13.01
N LYS B 131 -17.68 43.13 13.63
CA LYS B 131 -16.88 44.03 12.83
C LYS B 131 -15.52 43.47 12.40
N CYS B 132 -15.16 42.25 12.75
CA CYS B 132 -14.01 41.63 12.10
C CYS B 132 -14.42 40.67 11.02
N VAL B 133 -15.55 40.01 11.22
CA VAL B 133 -16.01 39.02 10.27
C VAL B 133 -17.09 39.55 9.35
N GLN B 134 -17.57 40.78 9.53
CA GLN B 134 -18.78 41.08 8.77
C GLN B 134 -18.40 41.05 7.30
N SER B 135 -17.15 41.46 7.00
CA SER B 135 -16.72 41.68 5.63
C SER B 135 -16.63 40.38 4.84
N ASN B 136 -16.38 39.27 5.52
CA ASN B 136 -16.09 38.00 4.88
C ASN B 136 -17.07 36.93 5.34
N ILE B 137 -18.25 37.35 5.84
CA ILE B 137 -19.08 36.46 6.63
C ILE B 137 -19.61 35.31 5.79
N VAL B 138 -19.94 35.58 4.53
CA VAL B 138 -20.57 34.55 3.73
C VAL B 138 -19.59 33.42 3.47
N LEU B 139 -18.30 33.75 3.33
CA LEU B 139 -17.29 32.70 3.16
C LEU B 139 -16.97 32.01 4.49
N LEU B 140 -17.11 32.71 5.61
CA LEU B 140 -16.79 32.11 6.90
C LEU B 140 -17.86 31.14 7.40
N THR B 141 -19.13 31.38 7.09
CA THR B 141 -20.14 30.49 7.64
C THR B 141 -20.22 29.20 6.86
N GLN B 142 -20.11 29.27 5.52
CA GLN B 142 -20.05 28.02 4.78
C GLN B 142 -18.89 27.18 5.28
N ALA B 143 -17.82 27.84 5.72
CA ALA B 143 -16.71 27.13 6.34
C ALA B 143 -17.14 26.54 7.67
N PHE B 144 -17.96 27.26 8.42
CA PHE B 144 -18.32 26.78 9.75
C PHE B 144 -19.61 25.94 9.76
N ARG B 145 -20.51 26.09 8.76
CA ARG B 145 -21.62 25.14 8.57
C ARG B 145 -21.22 23.91 7.76
N ARG B 146 -19.93 23.60 7.64
CA ARG B 146 -19.53 22.39 6.95
C ARG B 146 -20.14 22.31 5.56
N LYS B 147 -20.06 23.41 4.81
CA LYS B 147 -20.59 23.46 3.45
C LYS B 147 -19.48 23.49 2.39
N PHE B 148 -18.24 23.21 2.78
CA PHE B 148 -17.18 23.08 1.78
C PHE B 148 -17.21 21.71 1.13
N VAL B 149 -16.48 21.61 0.01
CA VAL B 149 -16.60 20.43 -0.83
C VAL B 149 -16.11 19.18 -0.10
N ILE B 150 -15.23 19.37 0.87
CA ILE B 150 -14.89 18.28 1.79
C ILE B 150 -15.32 18.74 3.18
N PRO B 151 -16.46 18.27 3.70
CA PRO B 151 -16.97 18.86 4.94
C PRO B 151 -16.08 18.54 6.13
N ASP B 152 -15.65 17.29 6.31
CA ASP B 152 -14.80 16.96 7.45
C ASP B 152 -13.36 16.96 6.95
N PHE B 153 -12.83 18.17 6.77
CA PHE B 153 -11.54 18.30 6.12
C PHE B 153 -10.40 17.69 6.93
N MET B 154 -10.51 17.69 8.26
CA MET B 154 -9.40 17.15 9.04
C MET B 154 -9.32 15.64 8.91
N SER B 155 -10.46 14.97 8.71
CA SER B 155 -10.42 13.53 8.50
C SER B 155 -9.75 13.23 7.17
N PHE B 156 -10.09 13.98 6.14
CA PHE B 156 -9.48 13.79 4.83
C PHE B 156 -7.98 14.04 4.87
N THR B 157 -7.52 15.04 5.64
CA THR B 157 -6.08 15.31 5.65
C THR B 157 -5.29 14.16 6.29
N SER B 158 -5.85 13.48 7.29
CA SER B 158 -5.13 12.37 7.92
C SER B 158 -5.02 11.20 6.95
N HIS B 159 -6.03 11.04 6.08
CA HIS B 159 -5.94 10.08 5.00
C HIS B 159 -4.86 10.52 4.00
N ILE B 160 -4.82 11.81 3.67
CA ILE B 160 -3.72 12.32 2.86
C ILE B 160 -2.39 12.01 3.53
N ASP B 161 -2.37 11.98 4.87
CA ASP B 161 -1.12 11.73 5.57
C ASP B 161 -0.66 10.29 5.41
N GLU B 162 -1.54 9.31 5.68
CA GLU B 162 -1.12 7.93 5.49
C GLU B 162 -0.82 7.66 4.02
N LEU B 163 -1.63 8.23 3.12
CA LEU B 163 -1.32 8.12 1.71
C LEU B 163 0.06 8.68 1.41
N TYR B 164 0.41 9.82 2.02
CA TYR B 164 1.75 10.37 1.82
C TYR B 164 2.81 9.40 2.32
N GLU B 165 2.65 8.87 3.52
CA GLU B 165 3.79 8.14 4.08
C GLU B 165 3.84 6.69 3.63
N SER B 166 2.73 6.11 3.16
CA SER B 166 2.82 4.80 2.55
C SER B 166 3.55 4.87 1.22
N ALA B 167 3.40 5.99 0.51
CA ALA B 167 4.22 6.25 -0.65
C ALA B 167 5.65 6.60 -0.27
N LYS B 168 5.90 7.00 0.97
CA LYS B 168 7.22 7.52 1.30
C LYS B 168 8.31 6.45 1.29
N LYS B 169 7.98 5.17 1.51
CA LYS B 169 9.01 4.14 1.52
C LYS B 169 9.20 3.43 0.18
N GLN B 170 8.79 4.06 -0.92
CA GLN B 170 9.09 3.49 -2.23
C GLN B 170 10.37 4.17 -2.71
N SER B 171 11.50 3.53 -2.41
CA SER B 171 12.79 4.14 -2.66
C SER B 171 13.27 3.95 -4.09
N GLY B 172 12.49 3.23 -4.91
CA GLY B 172 12.86 3.04 -6.29
C GLY B 172 12.92 4.35 -7.04
N GLY B 173 13.44 4.27 -8.26
CA GLY B 173 13.50 5.42 -9.14
C GLY B 173 14.90 6.00 -9.26
N LYS B 174 15.10 6.79 -10.32
CA LYS B 174 16.33 7.50 -10.58
C LYS B 174 15.99 8.95 -10.84
N VAL B 175 16.71 9.86 -10.21
CA VAL B 175 16.46 11.27 -10.44
C VAL B 175 17.10 11.62 -11.77
N ALA B 176 16.46 12.55 -12.47
CA ALA B 176 16.93 12.91 -13.80
C ALA B 176 18.38 13.41 -13.73
N ASP B 177 19.25 12.76 -14.49
CA ASP B 177 20.64 13.15 -14.62
C ASP B 177 20.83 13.99 -15.86
N TYR B 178 19.72 14.33 -16.52
CA TYR B 178 19.75 15.09 -17.77
C TYR B 178 20.64 16.31 -17.63
N ILE B 179 20.48 17.02 -16.52
CA ILE B 179 21.16 18.27 -16.24
C ILE B 179 21.77 18.21 -14.85
N PRO B 180 22.89 18.88 -14.59
CA PRO B 180 23.42 18.89 -13.21
C PRO B 180 22.47 19.55 -12.22
N GLN B 181 21.50 20.33 -12.70
CA GLN B 181 20.55 21.03 -11.83
C GLN B 181 19.44 20.12 -11.31
N LEU B 182 19.11 19.05 -12.04
CA LEU B 182 18.11 18.08 -11.57
C LEU B 182 18.69 16.84 -10.89
N ALA B 183 19.94 16.45 -11.19
CA ALA B 183 20.61 15.36 -10.47
C ALA B 183 20.94 15.82 -9.07
N LYS B 184 21.23 17.10 -9.01
CA LYS B 184 21.36 17.90 -7.80
C LYS B 184 20.33 17.63 -6.71
N PHE B 185 19.07 17.46 -7.08
CA PHE B 185 18.00 17.38 -6.09
C PHE B 185 18.03 16.02 -5.39
N SER B 186 17.74 16.03 -4.06
CA SER B 186 17.90 14.84 -3.22
C SER B 186 16.79 13.83 -3.48
N PRO B 187 17.13 12.53 -3.54
CA PRO B 187 16.10 11.49 -3.73
C PRO B 187 15.13 11.32 -2.56
N ASP B 188 15.40 11.92 -1.40
CA ASP B 188 14.52 11.73 -0.25
C ASP B 188 13.48 12.84 -0.13
N LEU B 189 13.54 13.83 -1.02
CA LEU B 189 12.50 14.84 -1.08
C LEU B 189 11.19 14.24 -1.57
N TRP B 190 10.10 14.62 -0.93
CA TRP B 190 8.78 14.05 -1.19
C TRP B 190 7.73 14.96 -0.56
N GLY B 191 6.96 15.63 -1.40
CA GLY B 191 5.97 16.57 -0.92
C GLY B 191 4.65 16.43 -1.63
N VAL B 192 3.56 16.53 -0.88
CA VAL B 192 2.21 16.49 -1.41
C VAL B 192 1.43 17.65 -0.82
N SER B 193 0.72 18.35 -1.69
CA SER B 193 -0.03 19.52 -1.28
C SER B 193 -1.44 19.42 -1.84
N VAL B 194 -2.42 19.76 -1.02
CA VAL B 194 -3.83 19.72 -1.41
C VAL B 194 -4.39 21.12 -1.31
N CYS B 195 -5.22 21.48 -2.29
CA CYS B 195 -6.02 22.69 -2.23
C CYS B 195 -7.36 22.35 -2.88
N THR B 196 -8.44 22.54 -2.16
CA THR B 196 -9.74 22.17 -2.67
C THR B 196 -10.32 23.28 -3.52
N ALA B 197 -11.43 22.98 -4.20
CA ALA B 197 -12.14 24.03 -4.90
C ALA B 197 -12.67 25.11 -3.96
N ASP B 198 -12.61 24.90 -2.65
CA ASP B 198 -13.12 25.87 -1.70
C ASP B 198 -12.02 26.55 -0.92
N GLY B 199 -10.77 26.17 -1.18
CA GLY B 199 -9.64 26.81 -0.58
C GLY B 199 -9.03 26.05 0.57
N GLN B 200 -9.59 24.90 0.92
CA GLN B 200 -9.03 24.18 2.05
C GLN B 200 -7.67 23.62 1.67
N ARG B 201 -6.72 23.77 2.56
CA ARG B 201 -5.34 23.43 2.24
C ARG B 201 -4.82 22.44 3.25
N HIS B 202 -3.86 21.66 2.80
CA HIS B 202 -3.12 20.76 3.67
C HIS B 202 -1.82 20.40 2.98
N SER B 203 -0.77 20.22 3.76
CA SER B 203 0.50 19.77 3.21
C SER B 203 1.15 18.76 4.15
N THR B 204 2.10 18.01 3.58
CA THR B 204 2.90 17.04 4.29
C THR B 204 4.17 16.84 3.46
N GLY B 205 5.30 16.70 4.15
CA GLY B 205 6.58 16.53 3.46
C GLY B 205 7.15 17.86 2.98
N ASP B 206 7.98 17.78 1.94
CA ASP B 206 8.79 18.92 1.51
C ASP B 206 7.97 19.81 0.58
N THR B 207 6.99 20.48 1.17
CA THR B 207 5.93 21.13 0.41
C THR B 207 6.25 22.54 -0.01
N LYS B 208 7.27 23.20 0.58
CA LYS B 208 7.65 24.55 0.18
C LYS B 208 9.11 24.63 -0.26
N VAL B 209 9.60 23.55 -0.85
CA VAL B 209 10.89 23.51 -1.56
C VAL B 209 10.64 23.77 -2.94
N PRO B 210 11.27 24.77 -3.62
CA PRO B 210 11.00 25.07 -5.01
C PRO B 210 11.62 24.02 -5.92
N PHE B 211 10.92 23.75 -7.02
CA PHE B 211 11.40 22.88 -8.08
C PHE B 211 10.77 23.34 -9.38
N CYS B 212 11.35 22.96 -10.51
CA CYS B 212 10.81 23.47 -11.75
C CYS B 212 9.68 22.59 -12.22
N LEU B 213 8.72 23.22 -12.88
CA LEU B 213 7.55 22.50 -13.39
C LEU B 213 7.97 21.48 -14.42
N GLN B 214 8.97 21.82 -15.23
CA GLN B 214 9.27 21.12 -16.48
C GLN B 214 7.97 20.92 -17.24
N SER B 215 7.61 19.66 -17.55
CA SER B 215 6.48 19.45 -18.43
C SER B 215 5.14 19.52 -17.70
N CYS B 216 5.14 19.79 -16.39
CA CYS B 216 3.91 20.20 -15.69
C CYS B 216 3.42 21.58 -16.11
N VAL B 217 4.24 22.34 -16.83
CA VAL B 217 3.78 23.60 -17.35
C VAL B 217 3.03 23.44 -18.67
N LYS B 218 3.12 22.27 -19.28
CA LYS B 218 2.48 22.09 -20.58
C LYS B 218 0.96 22.28 -20.53
N PRO B 219 0.21 21.70 -19.58
CA PRO B 219 -1.22 22.06 -19.49
C PRO B 219 -1.44 23.55 -19.19
N LEU B 220 -0.57 24.16 -18.38
CA LEU B 220 -0.81 25.56 -18.01
C LEU B 220 -0.64 26.49 -19.22
N LYS B 221 0.41 26.27 -20.03
CA LYS B 221 0.56 27.09 -21.22
C LYS B 221 -0.48 26.75 -22.28
N TYR B 222 -0.94 25.49 -22.33
CA TYR B 222 -2.04 25.17 -23.22
C TYR B 222 -3.29 25.93 -22.83
N ALA B 223 -3.60 25.95 -21.54
CA ALA B 223 -4.81 26.63 -21.08
C ALA B 223 -4.76 28.09 -21.47
N ILE B 224 -3.61 28.72 -21.22
CA ILE B 224 -3.41 30.12 -21.58
C ILE B 224 -3.66 30.34 -23.06
N ALA B 225 -3.14 29.43 -23.89
CA ALA B 225 -3.31 29.59 -25.34
C ALA B 225 -4.77 29.48 -25.71
N VAL B 226 -5.46 28.47 -25.18
CA VAL B 226 -6.88 28.32 -25.47
C VAL B 226 -7.66 29.47 -24.87
N ASN B 227 -7.27 29.94 -23.68
CA ASN B 227 -7.96 31.07 -23.07
C ASN B 227 -7.87 32.32 -23.95
N ASP B 228 -6.71 32.61 -24.50
CA ASP B 228 -6.58 33.84 -25.27
C ASP B 228 -7.00 33.67 -26.72
N LEU B 229 -6.80 32.49 -27.31
CA LEU B 229 -7.03 32.33 -28.73
C LEU B 229 -8.20 31.44 -29.07
N GLY B 230 -8.69 30.64 -28.13
CA GLY B 230 -9.83 29.78 -28.40
C GLY B 230 -9.41 28.42 -28.92
N THR B 231 -10.26 27.42 -28.62
CA THR B 231 -9.92 26.02 -28.92
C THR B 231 -9.66 25.83 -30.40
N GLU B 232 -10.52 26.40 -31.23
CA GLU B 232 -10.44 26.08 -32.65
C GLU B 232 -9.15 26.58 -33.27
N TYR B 233 -8.66 27.77 -32.89
CA TYR B 233 -7.40 28.26 -33.45
C TYR B 233 -6.24 27.42 -32.97
N VAL B 234 -6.12 27.26 -31.66
CA VAL B 234 -5.01 26.51 -31.08
C VAL B 234 -4.86 25.16 -31.76
N HIS B 235 -5.97 24.53 -32.11
CA HIS B 235 -5.87 23.19 -32.67
C HIS B 235 -5.79 23.15 -34.19
N ARG B 236 -5.61 24.30 -34.83
CA ARG B 236 -5.08 24.30 -36.18
C ARG B 236 -3.63 23.84 -36.18
N TYR B 237 -2.96 23.96 -35.03
CA TYR B 237 -1.53 23.78 -34.93
C TYR B 237 -1.10 22.58 -34.10
N VAL B 238 -1.98 22.00 -33.29
CA VAL B 238 -1.64 20.88 -32.42
C VAL B 238 -2.86 19.99 -32.33
N GLY B 239 -2.61 18.67 -32.33
CA GLY B 239 -3.70 17.73 -32.25
C GLY B 239 -4.35 17.71 -30.89
N LYS B 240 -5.28 16.77 -30.71
CA LYS B 240 -6.01 16.63 -29.45
C LYS B 240 -6.24 15.19 -29.07
N GLU B 241 -5.34 14.30 -29.47
CA GLU B 241 -5.54 12.90 -29.20
C GLU B 241 -4.13 12.32 -28.65
N PRO B 242 -4.29 11.23 -27.96
CA PRO B 242 -2.97 10.58 -27.61
C PRO B 242 -2.41 9.96 -28.84
N SER B 243 -1.09 9.97 -28.90
CA SER B 243 -0.46 9.45 -30.10
C SER B 243 -0.73 7.96 -30.17
N GLY B 244 -0.46 7.24 -29.08
CA GLY B 244 -0.42 5.79 -29.09
C GLY B 244 0.94 5.27 -28.65
N LEU B 245 0.98 4.15 -27.91
CA LEU B 245 2.15 3.67 -27.19
C LEU B 245 3.13 3.16 -28.24
N ARG B 246 2.98 3.80 -29.39
CA ARG B 246 3.56 3.62 -30.69
C ARG B 246 4.68 4.57 -30.91
N PHE B 247 4.28 5.86 -30.96
CA PHE B 247 5.10 6.97 -31.39
C PHE B 247 5.49 7.89 -30.24
N ASN B 248 6.09 7.29 -29.21
CA ASN B 248 7.02 7.99 -28.33
C ASN B 248 8.08 8.73 -29.11
N LYS B 249 8.17 8.39 -30.39
CA LYS B 249 9.24 8.60 -31.33
C LYS B 249 8.90 9.63 -32.40
N LEU B 250 7.63 9.79 -32.74
CA LEU B 250 7.24 10.66 -33.85
C LEU B 250 6.76 12.02 -33.37
N PHE B 251 6.95 13.02 -34.21
CA PHE B 251 6.64 14.39 -33.85
C PHE B 251 5.26 14.83 -34.34
N LEU B 252 4.79 14.26 -35.44
CA LEU B 252 3.62 14.76 -36.14
C LEU B 252 2.64 13.63 -36.38
N ASN B 253 1.35 13.95 -36.26
CA ASN B 253 0.29 13.04 -36.68
C ASN B 253 0.17 13.16 -38.20
N GLU B 254 -0.89 12.61 -38.78
CA GLU B 254 -0.92 12.50 -40.22
C GLU B 254 -1.51 13.74 -40.90
N ASP B 255 -1.94 14.74 -40.11
CA ASP B 255 -2.22 16.07 -40.61
C ASP B 255 -1.06 17.01 -40.38
N ASP B 256 0.11 16.45 -40.07
CA ASP B 256 1.37 17.19 -39.89
C ASP B 256 1.30 18.19 -38.74
N LYS B 257 0.47 17.89 -37.75
CA LYS B 257 0.38 18.56 -36.48
C LYS B 257 0.91 17.64 -35.39
N PRO B 258 1.58 18.17 -34.37
CA PRO B 258 1.91 17.34 -33.20
C PRO B 258 0.63 16.77 -32.60
N HIS B 259 0.78 15.61 -31.95
CA HIS B 259 -0.38 14.80 -31.58
C HIS B 259 -1.28 15.51 -30.58
N ASN B 260 -0.69 16.25 -29.65
CA ASN B 260 -1.44 16.84 -28.56
C ASN B 260 -0.51 17.80 -27.80
N PRO B 261 -1.06 18.74 -27.04
CA PRO B 261 -0.19 19.72 -26.38
C PRO B 261 0.71 19.15 -25.31
N MET B 262 0.53 17.90 -24.89
CA MET B 262 1.31 17.40 -23.76
C MET B 262 2.65 16.78 -24.17
N VAL B 263 2.93 16.65 -25.45
CA VAL B 263 4.21 16.08 -25.87
C VAL B 263 5.09 17.18 -26.42
N ASN B 264 6.42 16.96 -26.34
CA ASN B 264 7.36 18.07 -26.50
C ASN B 264 7.13 18.79 -27.82
N ALA B 265 6.89 18.04 -28.90
CA ALA B 265 6.59 18.64 -30.19
C ALA B 265 5.34 19.51 -30.11
N GLY B 266 4.31 19.06 -29.39
CA GLY B 266 3.10 19.84 -29.31
C GLY B 266 3.21 21.05 -28.40
N ALA B 267 3.84 20.84 -27.26
CA ALA B 267 4.12 21.93 -26.33
C ALA B 267 4.84 23.06 -27.02
N ILE B 268 5.89 22.73 -27.79
CA ILE B 268 6.69 23.73 -28.47
C ILE B 268 5.83 24.52 -29.44
N VAL B 269 4.91 23.84 -30.13
CA VAL B 269 3.99 24.57 -31.00
C VAL B 269 3.06 25.45 -30.20
N VAL B 270 2.55 24.93 -29.08
CA VAL B 270 1.69 25.76 -28.25
C VAL B 270 2.45 27.00 -27.82
N THR B 271 3.68 26.80 -27.37
CA THR B 271 4.53 27.91 -26.94
C THR B 271 4.67 28.96 -28.02
N SER B 272 4.65 28.55 -29.28
CA SER B 272 4.70 29.46 -30.42
C SER B 272 3.46 30.31 -30.59
N LEU B 273 2.36 30.00 -29.89
CA LEU B 273 1.10 30.70 -30.10
C LEU B 273 0.84 31.82 -29.11
N ILE B 274 1.40 31.71 -27.91
CA ILE B 274 1.12 32.63 -26.83
C ILE B 274 1.68 33.99 -27.18
N LYS B 275 0.83 35.01 -27.22
CA LYS B 275 1.25 36.41 -27.24
C LYS B 275 2.17 36.69 -28.42
N GLN B 276 1.69 36.39 -29.62
CA GLN B 276 2.48 36.70 -30.79
C GLN B 276 2.61 38.23 -30.93
N GLY B 277 3.62 38.64 -31.70
CA GLY B 277 3.83 40.05 -31.97
C GLY B 277 4.56 40.85 -30.92
N VAL B 278 4.92 40.25 -29.77
CA VAL B 278 5.74 40.93 -28.78
C VAL B 278 6.95 40.05 -28.48
N ASN B 279 8.00 40.67 -27.96
CA ASN B 279 9.27 39.97 -27.78
C ASN B 279 9.20 38.95 -26.64
N ASN B 280 10.25 38.14 -26.52
CA ASN B 280 10.25 36.98 -25.64
C ASN B 280 10.29 37.36 -24.16
N ALA B 281 10.81 38.54 -23.81
CA ALA B 281 10.79 38.96 -22.41
C ALA B 281 9.38 39.34 -21.98
N GLU B 282 8.64 40.05 -22.84
CA GLU B 282 7.26 40.39 -22.53
C GLU B 282 6.39 39.13 -22.51
N LYS B 283 6.59 38.24 -23.49
CA LYS B 283 5.86 36.98 -23.53
C LYS B 283 6.04 36.20 -22.23
N PHE B 284 7.28 36.03 -21.80
CA PHE B 284 7.54 35.33 -20.55
C PHE B 284 6.84 35.99 -19.36
N ASP B 285 6.81 37.32 -19.31
CA ASP B 285 6.15 37.99 -18.20
C ASP B 285 4.66 37.77 -18.24
N TYR B 286 4.08 37.75 -19.44
CA TYR B 286 2.66 37.47 -19.57
C TYR B 286 2.31 36.09 -19.03
N VAL B 287 3.11 35.07 -19.34
CA VAL B 287 2.86 33.75 -18.75
C VAL B 287 3.07 33.79 -17.26
N MET B 288 4.04 34.59 -16.78
CA MET B 288 4.31 34.57 -15.35
C MET B 288 3.20 35.25 -14.56
N GLN B 289 2.66 36.36 -15.07
CA GLN B 289 1.51 36.95 -14.39
C GLN B 289 0.27 36.07 -14.56
N PHE B 290 0.14 35.41 -15.71
CA PHE B 290 -0.93 34.42 -15.84
C PHE B 290 -0.74 33.30 -14.82
N LEU B 291 0.49 32.79 -14.69
CA LEU B 291 0.71 31.73 -13.71
C LEU B 291 0.52 32.24 -12.30
N ASN B 292 0.80 33.52 -12.06
CA ASN B 292 0.56 34.12 -10.76
C ASN B 292 -0.92 34.02 -10.40
N LYS B 293 -1.81 34.38 -11.34
CA LYS B 293 -3.24 34.33 -11.07
C LYS B 293 -3.70 32.91 -10.79
N MET B 294 -3.17 31.94 -11.53
CA MET B 294 -3.58 30.56 -11.25
C MET B 294 -3.19 30.13 -9.84
N ALA B 295 -2.20 30.75 -9.23
CA ALA B 295 -1.70 30.28 -7.95
C ALA B 295 -2.18 31.12 -6.77
N GLY B 296 -3.12 32.03 -6.99
CA GLY B 296 -3.45 32.96 -5.93
C GLY B 296 -2.27 33.77 -5.45
N ASN B 297 -1.31 34.03 -6.35
CA ASN B 297 -0.14 34.82 -6.06
C ASN B 297 0.73 34.15 -5.01
N GLU B 298 0.65 32.82 -4.91
CA GLU B 298 1.64 32.07 -4.16
C GLU B 298 2.90 31.91 -5.02
N TYR B 299 3.84 31.09 -4.56
CA TYR B 299 5.20 31.11 -5.10
C TYR B 299 5.27 30.58 -6.53
N VAL B 300 5.75 31.41 -7.46
CA VAL B 300 6.20 30.87 -8.72
C VAL B 300 7.45 31.62 -9.16
N GLY B 301 8.55 30.89 -9.32
CA GLY B 301 9.82 31.50 -9.64
C GLY B 301 10.43 31.03 -10.95
N PHE B 302 11.75 31.09 -11.03
CA PHE B 302 12.47 30.77 -12.26
C PHE B 302 13.91 30.41 -11.93
N SER B 303 14.35 29.22 -12.29
CA SER B 303 15.72 28.85 -11.97
C SER B 303 16.50 28.97 -13.27
N ASN B 304 17.28 30.04 -13.39
CA ASN B 304 18.06 30.29 -14.60
C ASN B 304 19.08 29.19 -14.80
N ALA B 305 19.50 28.55 -13.70
CA ALA B 305 20.43 27.43 -13.78
C ALA B 305 19.89 26.33 -14.70
N THR B 306 18.71 25.76 -14.37
CA THR B 306 18.17 24.76 -15.28
C THR B 306 17.90 25.37 -16.65
N PHE B 307 17.50 26.64 -16.69
CA PHE B 307 17.18 27.22 -18.00
C PHE B 307 18.40 27.25 -18.91
N GLN B 308 19.55 27.68 -18.38
CA GLN B 308 20.73 27.72 -19.23
C GLN B 308 21.29 26.32 -19.41
N SER B 309 21.04 25.43 -18.46
CA SER B 309 21.45 24.06 -18.67
C SER B 309 20.56 23.32 -19.68
N GLU B 310 19.27 23.67 -19.77
CA GLU B 310 18.39 23.04 -20.74
C GLU B 310 18.57 23.58 -22.16
N ARG B 311 19.17 24.76 -22.32
CA ARG B 311 19.47 25.25 -23.65
C ARG B 311 20.78 24.68 -24.20
N GLU B 312 21.69 24.22 -23.34
CA GLU B 312 22.91 23.59 -23.84
C GLU B 312 22.66 22.14 -24.24
N SER B 313 21.63 21.50 -23.65
CA SER B 313 21.44 20.06 -23.66
C SER B 313 20.10 19.66 -24.27
N GLY B 314 19.60 20.47 -25.19
CA GLY B 314 18.30 20.22 -25.78
C GLY B 314 18.32 20.00 -27.28
N ASP B 315 19.23 19.15 -27.74
CA ASP B 315 19.35 18.93 -29.17
C ASP B 315 18.05 18.43 -29.78
N ARG B 316 17.23 17.68 -29.04
CA ARG B 316 15.98 17.25 -29.64
C ARG B 316 14.91 18.31 -29.68
N ASN B 317 14.88 19.20 -28.72
CA ASN B 317 13.98 20.30 -28.93
C ASN B 317 14.42 21.07 -30.18
N PHE B 318 15.73 21.20 -30.36
CA PHE B 318 16.22 21.77 -31.62
C PHE B 318 15.88 20.87 -32.80
N ALA B 319 16.05 19.55 -32.63
CA ALA B 319 15.58 18.62 -33.65
C ALA B 319 14.11 18.84 -33.97
N ILE B 320 13.26 18.86 -32.94
CA ILE B 320 11.84 19.05 -33.16
C ILE B 320 11.59 20.40 -33.80
N GLY B 321 12.25 21.44 -33.30
CA GLY B 321 12.03 22.77 -33.83
C GLY B 321 12.33 22.84 -35.31
N TYR B 322 13.51 22.35 -35.70
CA TYR B 322 13.84 22.38 -37.12
C TYR B 322 12.88 21.48 -37.88
N TYR B 323 12.50 20.35 -37.30
CA TYR B 323 11.49 19.51 -37.95
C TYR B 323 10.19 20.28 -38.18
N LEU B 324 9.82 21.18 -37.28
CA LEU B 324 8.56 21.89 -37.46
C LEU B 324 8.54 23.02 -38.51
N LYS B 325 9.70 23.48 -38.99
CA LYS B 325 9.87 24.70 -39.76
C LYS B 325 9.47 24.35 -41.24
N GLU B 326 10.27 23.49 -41.97
CA GLU B 326 9.80 22.97 -43.33
C GLU B 326 8.38 22.45 -43.32
N LYS B 327 8.07 21.72 -42.27
CA LYS B 327 6.77 21.19 -42.31
C LYS B 327 5.76 22.27 -42.02
N LYS B 328 6.21 23.53 -41.87
CA LYS B 328 5.33 24.68 -41.76
C LYS B 328 4.23 24.44 -40.71
N CYS B 329 4.66 24.09 -39.49
CA CYS B 329 3.81 23.80 -38.35
C CYS B 329 3.60 25.00 -37.42
N PHE B 330 4.43 26.04 -37.54
CA PHE B 330 4.33 27.28 -36.80
C PHE B 330 3.48 28.28 -37.57
N PRO B 331 2.98 29.31 -36.91
CA PRO B 331 2.32 30.42 -37.61
C PRO B 331 3.31 31.39 -38.24
N GLU B 332 2.80 32.15 -39.21
CA GLU B 332 3.66 33.05 -39.98
C GLU B 332 4.42 33.97 -39.04
N GLY B 333 5.69 34.20 -39.35
CA GLY B 333 6.47 35.13 -38.56
C GLY B 333 7.05 34.54 -37.31
N THR B 334 7.12 33.23 -37.20
CA THR B 334 7.68 32.62 -36.01
C THR B 334 9.20 32.59 -36.12
N ASP B 335 9.86 32.97 -35.03
CA ASP B 335 11.31 32.83 -34.92
C ASP B 335 11.52 31.55 -34.12
N MET B 336 11.73 30.44 -34.82
CA MET B 336 11.74 29.14 -34.16
C MET B 336 12.80 29.08 -33.07
N VAL B 337 14.04 29.44 -33.40
CA VAL B 337 15.12 29.32 -32.43
C VAL B 337 14.83 30.14 -31.19
N GLY B 338 14.14 31.27 -31.36
CA GLY B 338 13.71 32.04 -30.22
C GLY B 338 12.63 31.35 -29.41
N ILE B 339 11.64 30.77 -30.09
CA ILE B 339 10.59 30.02 -29.41
C ILE B 339 11.19 28.87 -28.63
N LEU B 340 12.25 28.27 -29.13
CA LEU B 340 12.91 27.23 -28.34
C LEU B 340 13.42 27.79 -27.03
N ASP B 341 13.88 29.04 -27.03
CA ASP B 341 14.35 29.68 -25.81
C ASP B 341 13.20 29.93 -24.84
N PHE B 342 12.12 30.55 -25.34
CA PHE B 342 10.90 30.70 -24.56
C PHE B 342 10.45 29.37 -23.99
N TYR B 343 10.47 28.30 -24.81
CA TYR B 343 10.06 26.99 -24.31
C TYR B 343 10.98 26.55 -23.18
N PHE B 344 12.28 26.72 -23.37
CA PHE B 344 13.22 26.35 -22.32
C PHE B 344 12.99 27.17 -21.06
N GLN B 345 12.68 28.47 -21.21
CA GLN B 345 12.35 29.28 -20.05
C GLN B 345 11.13 28.70 -19.32
N LEU B 346 10.02 28.52 -20.05
CA LEU B 346 8.79 28.03 -19.43
C LEU B 346 8.99 26.70 -18.72
N CYS B 347 9.96 25.88 -19.14
CA CYS B 347 10.13 24.63 -18.42
C CYS B 347 11.00 24.76 -17.19
N SER B 348 11.67 25.88 -17.03
CA SER B 348 12.48 26.11 -15.85
C SER B 348 11.79 27.01 -14.85
N ILE B 349 10.49 27.26 -15.04
CA ILE B 349 9.74 28.02 -14.06
C ILE B 349 9.66 27.22 -12.76
N GLU B 350 9.82 27.90 -11.64
CA GLU B 350 9.89 27.20 -10.36
C GLU B 350 8.57 27.37 -9.63
N VAL B 351 8.22 26.35 -8.83
CA VAL B 351 7.06 26.32 -7.95
C VAL B 351 7.41 25.50 -6.72
N THR B 352 6.51 25.49 -5.76
CA THR B 352 6.48 24.53 -4.67
C THR B 352 5.25 23.64 -4.87
N CYS B 353 5.04 22.71 -3.95
CA CYS B 353 3.82 21.95 -4.12
C CYS B 353 2.61 22.73 -3.65
N GLU B 354 2.81 23.72 -2.78
CA GLU B 354 1.65 24.50 -2.37
C GLU B 354 1.23 25.44 -3.49
N SER B 355 2.16 26.30 -3.93
CA SER B 355 2.00 27.00 -5.20
C SER B 355 1.25 26.15 -6.21
N ALA B 356 1.82 25.00 -6.58
CA ALA B 356 1.29 24.29 -7.72
C ALA B 356 -0.07 23.70 -7.41
N SER B 357 -0.26 23.23 -6.17
CA SER B 357 -1.55 22.69 -5.79
C SER B 357 -2.67 23.70 -6.02
N VAL B 358 -2.40 24.99 -5.86
CA VAL B 358 -3.44 25.97 -6.08
C VAL B 358 -3.76 26.08 -7.56
N MET B 359 -2.74 26.10 -8.42
CA MET B 359 -2.99 26.11 -9.86
C MET B 359 -3.76 24.87 -10.28
N ALA B 360 -3.38 23.72 -9.71
CA ALA B 360 -4.17 22.52 -9.91
C ALA B 360 -5.61 22.75 -9.51
N ALA B 361 -5.82 23.35 -8.34
CA ALA B 361 -7.19 23.56 -7.90
C ALA B 361 -7.90 24.55 -8.79
N THR B 362 -7.16 25.48 -9.39
CA THR B 362 -7.79 26.39 -10.34
C THR B 362 -8.37 25.64 -11.51
N LEU B 363 -7.69 24.58 -11.93
CA LEU B 363 -8.23 23.75 -13.01
C LEU B 363 -9.31 22.83 -12.48
N ALA B 364 -9.16 22.39 -11.22
CA ALA B 364 -10.23 21.67 -10.55
C ALA B 364 -11.51 22.49 -10.45
N ASN B 365 -11.42 23.81 -10.57
CA ASN B 365 -12.50 24.71 -10.22
C ASN B 365 -13.01 25.49 -11.43
N GLY B 366 -12.90 24.92 -12.63
CA GLY B 366 -13.45 25.59 -13.80
C GLY B 366 -12.78 26.89 -14.18
N GLY B 367 -11.53 27.09 -13.75
CA GLY B 367 -10.81 28.29 -14.11
C GLY B 367 -10.87 29.41 -13.09
N PHE B 368 -11.53 29.19 -11.96
CA PHE B 368 -11.55 30.18 -10.89
C PHE B 368 -10.51 29.77 -9.84
N CYS B 369 -9.62 30.71 -9.51
CA CYS B 369 -8.67 30.46 -8.43
C CYS B 369 -9.38 30.32 -7.09
N PRO B 370 -9.25 29.18 -6.41
CA PRO B 370 -10.07 28.95 -5.20
C PRO B 370 -9.73 29.89 -4.06
N ILE B 371 -8.50 30.42 -4.00
CA ILE B 371 -8.12 31.24 -2.88
C ILE B 371 -8.21 32.74 -3.17
N THR B 372 -8.66 33.11 -4.37
CA THR B 372 -8.91 34.52 -4.67
C THR B 372 -10.29 34.78 -5.26
N GLY B 373 -10.98 33.76 -5.77
CA GLY B 373 -12.27 33.95 -6.38
C GLY B 373 -12.22 34.57 -7.75
N GLU B 374 -11.03 34.76 -8.30
CA GLU B 374 -10.84 35.44 -9.57
C GLU B 374 -11.00 34.45 -10.73
N ARG B 375 -11.61 34.92 -11.83
CA ARG B 375 -11.65 34.11 -13.04
C ARG B 375 -10.31 34.24 -13.76
N VAL B 376 -9.62 33.10 -13.86
CA VAL B 376 -8.28 33.02 -14.42
C VAL B 376 -8.29 32.47 -15.84
N LEU B 377 -8.97 31.34 -16.04
CA LEU B 377 -9.04 30.66 -17.32
C LEU B 377 -10.49 30.50 -17.70
N SER B 378 -10.80 30.64 -18.98
CA SER B 378 -12.15 30.41 -19.47
C SER B 378 -12.54 28.94 -19.26
N PRO B 379 -13.83 28.66 -19.06
CA PRO B 379 -14.22 27.26 -18.85
C PRO B 379 -13.86 26.41 -20.03
N GLU B 380 -13.95 26.98 -21.23
CA GLU B 380 -13.52 26.26 -22.42
C GLU B 380 -12.05 25.88 -22.33
N ALA B 381 -11.22 26.77 -21.78
CA ALA B 381 -9.80 26.46 -21.66
C ALA B 381 -9.55 25.33 -20.67
N VAL B 382 -10.24 25.34 -19.54
CA VAL B 382 -10.01 24.32 -18.53
C VAL B 382 -10.55 22.97 -18.97
N ARG B 383 -11.68 22.94 -19.65
CA ARG B 383 -12.23 21.66 -20.08
C ARG B 383 -11.26 20.98 -21.02
N ASN B 384 -10.76 21.73 -22.00
CA ASN B 384 -9.82 21.15 -22.94
C ASN B 384 -8.55 20.73 -22.21
N THR B 385 -8.09 21.55 -21.28
CA THR B 385 -6.84 21.24 -20.61
C THR B 385 -6.96 19.99 -19.79
N LEU B 386 -8.11 19.79 -19.15
CA LEU B 386 -8.33 18.56 -18.42
C LEU B 386 -8.55 17.39 -19.36
N SER B 387 -9.25 17.63 -20.48
CA SER B 387 -9.47 16.59 -21.49
C SER B 387 -8.18 15.90 -21.87
N LEU B 388 -7.15 16.69 -22.18
CA LEU B 388 -5.90 16.14 -22.71
C LEU B 388 -4.94 15.68 -21.61
N MET B 389 -5.00 16.27 -20.42
CA MET B 389 -4.24 15.69 -19.31
C MET B 389 -4.73 14.28 -18.98
N HIS B 390 -6.02 14.02 -19.19
CA HIS B 390 -6.58 12.68 -19.01
C HIS B 390 -5.86 11.66 -19.89
N SER B 391 -5.78 11.97 -21.18
CA SER B 391 -5.36 11.02 -22.19
C SER B 391 -3.87 11.05 -22.49
N CYS B 392 -3.19 12.19 -22.28
CA CYS B 392 -1.81 12.34 -22.74
C CYS B 392 -0.84 12.79 -21.65
N GLY B 393 -1.22 12.71 -20.38
CA GLY B 393 -0.47 13.51 -19.43
C GLY B 393 0.69 12.85 -18.73
N MET B 394 0.84 11.53 -18.84
CA MET B 394 1.83 10.79 -18.07
C MET B 394 2.76 9.99 -18.97
N TYR B 395 3.16 10.59 -20.08
CA TYR B 395 4.14 9.96 -21.01
C TYR B 395 3.54 8.61 -21.43
N ASP B 396 4.36 7.56 -21.48
CA ASP B 396 3.91 6.24 -21.87
C ASP B 396 2.90 5.63 -20.91
N PHE B 397 2.84 6.13 -19.68
CA PHE B 397 1.94 5.59 -18.70
C PHE B 397 0.54 6.18 -18.78
N SER B 398 0.25 7.00 -19.79
CA SER B 398 -1.00 7.75 -19.79
C SER B 398 -2.22 6.82 -19.82
N GLY B 399 -2.25 5.90 -20.78
CA GLY B 399 -3.39 5.00 -20.88
C GLY B 399 -3.54 4.12 -19.66
N GLN B 400 -2.42 3.63 -19.11
CA GLN B 400 -2.50 2.89 -17.86
C GLN B 400 -3.02 3.80 -16.78
N PHE B 401 -2.55 5.04 -16.76
CA PHE B 401 -2.97 6.00 -15.76
C PHE B 401 -4.44 6.38 -15.91
N ALA B 402 -4.89 6.60 -17.16
CA ALA B 402 -6.30 6.92 -17.37
C ALA B 402 -7.18 5.77 -16.96
N PHE B 403 -6.68 4.55 -17.08
CA PHE B 403 -7.45 3.39 -16.71
C PHE B 403 -7.55 3.24 -15.20
N HIS B 404 -6.41 3.18 -14.51
CA HIS B 404 -6.37 2.86 -13.09
C HIS B 404 -6.63 4.06 -12.17
N VAL B 405 -6.28 5.27 -12.59
CA VAL B 405 -6.44 6.44 -11.74
C VAL B 405 -7.61 7.29 -12.18
N GLY B 406 -7.78 7.48 -13.48
CA GLY B 406 -8.90 8.26 -13.97
C GLY B 406 -8.89 9.71 -13.53
N LEU B 407 -7.72 10.29 -13.34
CA LEU B 407 -7.66 11.70 -13.00
C LEU B 407 -6.80 12.43 -14.01
N PRO B 408 -7.18 13.64 -14.42
CA PRO B 408 -6.26 14.44 -15.25
C PRO B 408 -5.01 14.76 -14.45
N ALA B 409 -3.87 14.32 -14.96
CA ALA B 409 -2.61 14.54 -14.28
C ALA B 409 -1.58 14.98 -15.29
N LYS B 410 -0.50 15.59 -14.81
CA LYS B 410 0.60 15.95 -15.69
C LYS B 410 1.90 15.80 -14.93
N SER B 411 2.86 15.10 -15.54
CA SER B 411 4.10 14.83 -14.86
C SER B 411 5.23 15.62 -15.48
N GLY B 412 6.29 15.75 -14.70
CA GLY B 412 7.46 16.45 -15.14
C GLY B 412 8.69 15.77 -14.61
N VAL B 413 9.79 16.02 -15.32
CA VAL B 413 11.06 15.38 -15.01
C VAL B 413 11.67 15.81 -13.68
N ALA B 414 11.27 16.95 -13.11
CA ALA B 414 11.72 17.31 -11.78
C ALA B 414 11.14 16.44 -10.68
N GLY B 415 10.12 15.61 -10.98
CA GLY B 415 9.45 14.78 -9.99
C GLY B 415 8.05 15.22 -9.67
N GLY B 416 7.54 16.21 -10.39
CA GLY B 416 6.22 16.73 -10.14
C GLY B 416 5.14 15.94 -10.87
N ILE B 417 3.98 15.84 -10.21
CA ILE B 417 2.74 15.39 -10.81
C ILE B 417 1.68 16.39 -10.41
N LEU B 418 1.19 17.16 -11.37
CA LEU B 418 0.13 18.12 -11.14
C LEU B 418 -1.17 17.40 -11.36
N LEU B 419 -1.83 17.07 -10.27
CA LEU B 419 -3.00 16.21 -10.26
C LEU B 419 -4.24 17.06 -10.03
N VAL B 420 -5.33 16.70 -10.68
CA VAL B 420 -6.57 17.45 -10.58
C VAL B 420 -7.69 16.46 -10.32
N VAL B 421 -8.41 16.65 -9.21
CA VAL B 421 -9.67 15.93 -9.01
C VAL B 421 -10.79 16.92 -9.29
N PRO B 422 -11.40 16.90 -10.47
CA PRO B 422 -12.35 17.96 -10.83
C PRO B 422 -13.49 18.10 -9.85
N ASN B 423 -13.91 19.34 -9.63
CA ASN B 423 -14.99 19.70 -8.73
C ASN B 423 -14.71 19.44 -7.25
N VAL B 424 -13.51 18.97 -6.91
CA VAL B 424 -13.13 18.59 -5.55
C VAL B 424 -11.90 19.35 -5.11
N MET B 425 -10.79 19.05 -5.75
CA MET B 425 -9.53 19.58 -5.29
C MET B 425 -8.50 19.48 -6.40
N GLY B 426 -7.44 20.28 -6.26
CA GLY B 426 -6.25 20.20 -7.07
C GLY B 426 -5.09 19.81 -6.17
N MET B 427 -4.06 19.22 -6.75
CA MET B 427 -2.92 18.75 -5.97
C MET B 427 -1.64 18.86 -6.79
N MET B 428 -0.51 18.74 -6.11
CA MET B 428 0.81 18.67 -6.74
C MET B 428 1.67 17.70 -5.95
N CYS B 429 2.13 16.64 -6.57
CA CYS B 429 3.04 15.73 -5.90
C CYS B 429 4.44 15.97 -6.38
N TRP B 430 5.41 15.66 -5.53
CA TRP B 430 6.78 15.94 -5.89
C TRP B 430 7.71 14.98 -5.18
N SER B 431 8.39 14.13 -5.97
CA SER B 431 9.53 13.39 -5.48
C SER B 431 10.42 13.13 -6.69
N PRO B 432 11.70 13.51 -6.64
CA PRO B 432 12.53 13.52 -7.84
C PRO B 432 12.77 12.14 -8.43
N PRO B 433 12.87 11.05 -7.62
CA PRO B 433 13.04 9.73 -8.26
C PRO B 433 11.93 9.40 -9.24
N LEU B 434 12.31 9.30 -10.53
CA LEU B 434 11.46 8.90 -11.63
C LEU B 434 11.60 7.41 -11.94
N ASP B 435 10.54 6.80 -12.51
CA ASP B 435 10.65 5.44 -13.00
C ASP B 435 11.18 5.44 -14.44
N LYS B 436 11.03 4.34 -15.17
CA LYS B 436 11.59 4.26 -16.52
C LYS B 436 10.63 4.78 -17.57
N MET B 437 9.49 5.32 -17.16
CA MET B 437 8.65 6.04 -18.10
C MET B 437 8.66 7.53 -17.85
N GLY B 438 9.41 8.00 -16.85
CA GLY B 438 9.57 9.42 -16.60
C GLY B 438 8.69 9.99 -15.52
N ASN B 439 7.98 9.15 -14.76
CA ASN B 439 7.02 9.55 -13.75
C ASN B 439 7.59 9.33 -12.35
N SER B 440 7.39 10.33 -11.49
CA SER B 440 7.77 10.24 -10.08
C SER B 440 7.23 8.97 -9.45
N VAL B 441 8.15 8.11 -8.99
CA VAL B 441 7.77 6.81 -8.42
C VAL B 441 6.78 7.01 -7.28
N LYS B 442 7.14 7.83 -6.29
CA LYS B 442 6.24 8.06 -5.17
C LYS B 442 4.95 8.69 -5.66
N GLY B 443 5.07 9.65 -6.59
CA GLY B 443 3.87 10.30 -7.12
C GLY B 443 2.90 9.30 -7.71
N ILE B 444 3.39 8.42 -8.60
CA ILE B 444 2.52 7.41 -9.19
C ILE B 444 1.88 6.55 -8.10
N HIS B 445 2.68 6.15 -7.11
CA HIS B 445 2.18 5.34 -6.01
C HIS B 445 1.06 6.06 -5.27
N PHE B 446 1.28 7.33 -4.95
CA PHE B 446 0.28 8.11 -4.21
C PHE B 446 -1.05 8.18 -4.96
N CYS B 447 -1.03 8.45 -6.27
CA CYS B 447 -2.29 8.61 -7.00
C CYS B 447 -3.04 7.31 -7.15
N HIS B 448 -2.31 6.20 -7.22
CA HIS B 448 -2.95 4.90 -7.23
C HIS B 448 -3.67 4.64 -5.92
N ASP B 449 -2.97 4.89 -4.79
CA ASP B 449 -3.59 4.70 -3.50
C ASP B 449 -4.74 5.66 -3.30
N LEU B 450 -4.61 6.88 -3.83
CA LEU B 450 -5.65 7.88 -3.63
C LEU B 450 -6.96 7.42 -4.27
N VAL B 451 -6.89 6.96 -5.52
CA VAL B 451 -8.09 6.51 -6.21
C VAL B 451 -8.53 5.17 -5.66
N SER B 452 -7.58 4.37 -5.21
CA SER B 452 -7.93 3.13 -4.57
C SER B 452 -8.71 3.33 -3.28
N LEU B 453 -8.70 4.52 -2.69
CA LEU B 453 -9.39 4.74 -1.43
C LEU B 453 -10.58 5.68 -1.51
N CYS B 454 -10.65 6.58 -2.50
CA CYS B 454 -11.82 7.44 -2.63
C CYS B 454 -12.30 7.44 -4.06
N ASN B 455 -13.60 7.74 -4.20
CA ASN B 455 -14.26 7.63 -5.48
C ASN B 455 -13.96 8.88 -6.32
N PHE B 456 -12.68 9.24 -6.38
CA PHE B 456 -12.23 10.34 -7.22
C PHE B 456 -11.98 9.89 -8.64
N HIS B 457 -11.92 8.58 -8.88
CA HIS B 457 -11.77 8.08 -10.24
C HIS B 457 -12.84 8.66 -11.12
N ASN B 458 -12.46 9.00 -12.35
CA ASN B 458 -13.34 9.70 -13.27
C ASN B 458 -14.68 9.00 -13.48
N TYR B 459 -14.71 7.67 -13.35
CA TYR B 459 -15.92 6.90 -13.59
C TYR B 459 -16.31 6.04 -12.40
N ASP B 460 -15.89 6.45 -11.21
CA ASP B 460 -16.57 5.96 -10.02
C ASP B 460 -17.96 6.56 -9.99
N ASN B 461 -18.89 5.81 -9.39
CA ASN B 461 -20.24 6.32 -9.19
C ASN B 461 -20.31 7.04 -7.85
N LEU B 462 -20.88 8.24 -7.85
CA LEU B 462 -21.01 9.00 -6.61
C LEU B 462 -22.11 8.44 -5.72
N ARG B 463 -22.79 7.39 -6.14
CA ARG B 463 -23.87 6.76 -5.40
C ARG B 463 -23.54 5.34 -4.96
N HIS B 464 -23.01 4.50 -5.85
CA HIS B 464 -22.66 3.12 -5.52
C HIS B 464 -21.16 2.95 -5.72
N PHE B 465 -20.39 2.89 -4.62
CA PHE B 465 -18.95 2.88 -4.81
C PHE B 465 -18.21 1.93 -3.86
N ALA B 466 -18.84 0.82 -3.49
CA ALA B 466 -18.20 -0.32 -2.82
C ALA B 466 -17.61 0.13 -1.47
N LYS B 467 -16.36 -0.26 -1.16
CA LYS B 467 -15.70 0.09 0.10
C LYS B 467 -14.82 1.33 -0.04
N LYS B 468 -15.03 2.12 -1.08
CA LYS B 468 -14.33 3.39 -1.17
C LYS B 468 -15.03 4.44 -0.29
N LEU B 469 -14.28 5.51 0.09
CA LEU B 469 -14.88 6.63 0.81
C LEU B 469 -15.35 7.66 -0.20
N ASP B 470 -16.21 8.55 0.27
CA ASP B 470 -16.53 9.77 -0.47
C ASP B 470 -16.30 10.92 0.51
N PRO B 471 -15.10 11.50 0.49
CA PRO B 471 -14.83 12.59 1.45
C PRO B 471 -15.75 13.76 1.26
N ARG B 472 -16.47 13.79 0.15
CA ARG B 472 -17.42 14.86 -0.09
C ARG B 472 -18.63 14.76 0.80
N ARG B 473 -18.79 13.71 1.62
CA ARG B 473 -20.05 13.62 2.36
C ARG B 473 -19.75 13.36 3.84
N GLU B 474 -20.76 13.64 4.68
CA GLU B 474 -20.55 13.75 6.13
C GLU B 474 -20.62 12.40 6.84
N GLY B 475 -21.80 11.80 6.87
CA GLY B 475 -22.00 10.57 7.61
C GLY B 475 -22.64 9.43 6.85
N PRO C 66 -46.64 12.88 12.49
CA PRO C 66 -46.13 13.00 11.11
C PRO C 66 -45.74 11.64 10.53
N SER C 67 -46.04 11.49 9.25
CA SER C 67 -46.01 10.24 8.51
C SER C 67 -46.00 10.54 7.03
N LEU C 68 -45.06 9.93 6.27
CA LEU C 68 -44.85 10.43 4.91
C LEU C 68 -46.11 10.43 4.06
N GLU C 69 -46.87 9.34 4.13
CA GLU C 69 -48.01 9.23 3.24
C GLU C 69 -48.97 10.40 3.47
N ASP C 70 -49.11 10.83 4.73
CA ASP C 70 -49.85 12.04 5.06
C ASP C 70 -49.19 13.28 4.45
N LEU C 71 -47.88 13.43 4.65
CA LEU C 71 -47.19 14.63 4.14
C LEU C 71 -47.31 14.72 2.64
N LEU C 72 -47.09 13.60 1.94
CA LEU C 72 -47.24 13.58 0.50
C LEU C 72 -48.69 13.78 0.09
N PHE C 73 -49.63 13.35 0.95
CA PHE C 73 -51.04 13.49 0.62
C PHE C 73 -51.41 14.95 0.42
N TYR C 74 -51.06 15.80 1.39
CA TYR C 74 -51.47 17.20 1.30
C TYR C 74 -50.67 17.97 0.26
N THR C 75 -49.50 17.44 -0.14
CA THR C 75 -48.72 18.03 -1.22
C THR C 75 -49.45 17.99 -2.56
N ILE C 76 -50.08 16.86 -2.88
CA ILE C 76 -50.88 16.77 -4.09
C ILE C 76 -52.30 17.20 -3.84
N ALA C 77 -52.76 17.12 -2.59
CA ALA C 77 -54.18 17.26 -2.32
C ALA C 77 -54.69 18.62 -2.78
N GLU C 78 -53.81 19.62 -2.82
CA GLU C 78 -54.02 21.05 -3.07
C GLU C 78 -54.45 21.70 -1.77
N GLY C 79 -54.55 20.94 -0.68
CA GLY C 79 -55.40 21.34 0.40
C GLY C 79 -56.85 20.96 0.17
N GLN C 80 -57.16 20.33 -0.96
CA GLN C 80 -58.52 19.86 -1.22
C GLN C 80 -58.80 18.57 -0.45
N GLU C 81 -60.06 18.13 -0.52
CA GLU C 81 -60.56 16.94 0.16
C GLU C 81 -59.76 15.69 -0.15
N LYS C 82 -59.91 15.19 -1.36
CA LYS C 82 -59.35 13.93 -1.81
C LYS C 82 -58.68 14.18 -3.15
N ILE C 83 -57.88 13.23 -3.61
CA ILE C 83 -57.15 13.36 -4.87
C ILE C 83 -57.79 12.45 -5.90
N PRO C 84 -58.31 12.99 -7.01
CA PRO C 84 -58.64 12.14 -8.15
C PRO C 84 -57.42 11.33 -8.59
N VAL C 85 -57.66 10.18 -9.23
CA VAL C 85 -56.51 9.33 -9.49
C VAL C 85 -55.78 9.79 -10.75
N HIS C 86 -56.49 10.39 -11.71
CA HIS C 86 -55.78 10.99 -12.83
C HIS C 86 -54.92 12.16 -12.40
N LYS C 87 -55.37 12.92 -11.39
CA LYS C 87 -54.53 13.99 -10.89
C LYS C 87 -53.29 13.42 -10.22
N PHE C 88 -53.43 12.26 -9.59
CA PHE C 88 -52.25 11.64 -9.01
C PHE C 88 -51.37 11.05 -10.09
N ILE C 89 -51.98 10.53 -11.16
CA ILE C 89 -51.21 9.85 -12.18
C ILE C 89 -50.48 10.84 -13.07
N THR C 90 -51.08 12.00 -13.31
CA THR C 90 -50.39 13.00 -14.13
C THR C 90 -49.32 13.72 -13.34
N ALA C 91 -49.52 13.88 -12.03
CA ALA C 91 -48.47 14.39 -11.16
C ALA C 91 -47.27 13.45 -11.13
N LEU C 92 -47.50 12.14 -11.12
CA LEU C 92 -46.38 11.20 -11.08
C LEU C 92 -45.69 11.14 -12.44
N LYS C 93 -46.47 11.04 -13.51
CA LYS C 93 -45.85 10.94 -14.83
C LYS C 93 -45.11 12.22 -15.17
N SER C 94 -45.48 13.34 -14.55
CA SER C 94 -44.79 14.59 -14.79
C SER C 94 -43.44 14.62 -14.09
N THR C 95 -43.25 13.78 -13.08
CA THR C 95 -41.91 13.56 -12.55
C THR C 95 -41.04 12.74 -13.47
N GLY C 96 -41.59 12.26 -14.59
CA GLY C 96 -40.84 11.46 -15.53
C GLY C 96 -40.92 9.96 -15.31
N LEU C 97 -41.32 9.49 -14.13
CA LEU C 97 -41.59 8.08 -13.95
C LEU C 97 -42.71 7.62 -14.89
N ARG C 98 -42.77 6.32 -15.16
CA ARG C 98 -43.86 5.82 -15.99
C ARG C 98 -44.64 4.86 -15.10
N THR C 99 -45.97 4.82 -15.27
CA THR C 99 -46.79 4.01 -14.38
C THR C 99 -46.43 2.52 -14.42
N SER C 100 -45.71 2.07 -15.44
CA SER C 100 -45.27 0.70 -15.52
C SER C 100 -43.96 0.42 -14.80
N ASP C 101 -43.39 1.40 -14.09
CA ASP C 101 -42.12 1.20 -13.40
C ASP C 101 -42.18 -0.05 -12.53
N PRO C 102 -41.20 -0.94 -12.63
CA PRO C 102 -41.18 -2.12 -11.76
C PRO C 102 -41.10 -1.82 -10.27
N ARG C 103 -40.46 -0.74 -9.85
CA ARG C 103 -40.42 -0.41 -8.43
C ARG C 103 -41.71 0.23 -7.94
N LEU C 104 -42.68 0.43 -8.84
CA LEU C 104 -44.00 0.95 -8.54
C LEU C 104 -45.11 -0.07 -8.73
N LYS C 105 -44.78 -1.35 -8.89
CA LYS C 105 -45.80 -2.31 -9.32
C LYS C 105 -46.84 -2.53 -8.23
N GLU C 106 -46.40 -2.62 -6.97
CA GLU C 106 -47.33 -2.79 -5.87
C GLU C 106 -48.30 -1.61 -5.75
N CYS C 107 -47.80 -0.40 -6.00
CA CYS C 107 -48.65 0.79 -5.89
C CYS C 107 -49.70 0.83 -7.00
N MET C 108 -49.33 0.45 -8.21
CA MET C 108 -50.28 0.51 -9.30
C MET C 108 -51.18 -0.71 -9.34
N ASP C 109 -50.76 -1.79 -8.67
CA ASP C 109 -51.64 -2.93 -8.53
C ASP C 109 -52.83 -2.60 -7.64
N MET C 110 -52.59 -1.87 -6.55
CA MET C 110 -53.70 -1.38 -5.74
C MET C 110 -54.39 -0.13 -6.26
N LEU C 111 -53.87 0.57 -7.24
CA LEU C 111 -54.78 1.59 -7.72
C LEU C 111 -55.79 1.00 -8.70
N ARG C 112 -55.37 0.00 -9.50
CA ARG C 112 -56.32 -0.70 -10.35
C ARG C 112 -57.33 -1.49 -9.55
N LEU C 113 -56.94 -1.99 -8.38
CA LEU C 113 -57.86 -2.77 -7.57
C LEU C 113 -58.95 -1.89 -7.00
N THR C 114 -58.59 -0.80 -6.33
CA THR C 114 -59.64 0.03 -5.76
C THR C 114 -60.39 0.81 -6.82
N LEU C 115 -59.91 0.87 -8.06
CA LEU C 115 -60.78 1.44 -9.07
C LEU C 115 -61.63 0.35 -9.70
N GLN C 116 -61.69 -0.79 -9.02
CA GLN C 116 -62.71 -1.81 -9.19
C GLN C 116 -63.59 -1.95 -7.97
N THR C 117 -63.06 -1.69 -6.78
CA THR C 117 -63.85 -1.75 -5.56
C THR C 117 -65.04 -0.79 -5.62
N THR C 118 -64.87 0.40 -6.20
CA THR C 118 -66.02 1.26 -6.51
C THR C 118 -65.87 1.90 -7.89
N SER C 119 -66.74 1.44 -8.84
CA SER C 119 -66.90 2.10 -10.13
C SER C 119 -67.50 3.59 -10.02
N ASP C 120 -68.05 4.17 -8.92
CA ASP C 120 -68.18 5.62 -8.85
C ASP C 120 -66.89 6.29 -8.37
N GLY C 121 -67.06 7.58 -8.09
CA GLY C 121 -66.13 8.60 -7.66
C GLY C 121 -64.70 8.16 -7.58
N VAL C 122 -63.86 8.67 -8.47
CA VAL C 122 -62.52 8.13 -8.67
C VAL C 122 -61.53 8.68 -7.65
N MET C 123 -62.03 9.29 -6.58
CA MET C 123 -61.19 10.08 -5.69
C MET C 123 -60.70 9.23 -4.54
N LEU C 124 -59.66 9.73 -3.85
CA LEU C 124 -58.82 8.91 -2.99
C LEU C 124 -58.77 9.55 -1.62
N ASP C 125 -59.16 8.79 -0.60
CA ASP C 125 -59.18 9.30 0.76
C ASP C 125 -57.75 9.44 1.27
N LYS C 126 -57.62 9.91 2.51
CA LYS C 126 -56.28 10.06 3.08
C LYS C 126 -55.62 8.70 3.33
N ASP C 127 -56.40 7.67 3.70
CA ASP C 127 -55.86 6.31 3.78
C ASP C 127 -56.04 5.54 2.49
N LEU C 128 -57.02 5.92 1.68
CA LEU C 128 -57.19 5.25 0.40
C LEU C 128 -55.98 5.54 -0.49
N PHE C 129 -55.54 6.79 -0.49
CA PHE C 129 -54.22 7.11 -1.02
C PHE C 129 -53.13 6.43 -0.20
N LYS C 130 -53.28 6.40 1.12
CA LYS C 130 -52.14 6.02 1.96
C LYS C 130 -51.77 4.56 1.85
N LYS C 131 -52.74 3.68 1.66
CA LYS C 131 -52.43 2.26 1.64
C LYS C 131 -52.28 1.72 0.22
N CYS C 132 -52.29 2.63 -0.78
CA CYS C 132 -51.87 2.37 -2.15
C CYS C 132 -50.41 2.71 -2.39
N VAL C 133 -49.90 3.75 -1.73
CA VAL C 133 -48.51 4.15 -1.89
C VAL C 133 -47.66 3.63 -0.74
N GLN C 134 -48.29 2.89 0.19
CA GLN C 134 -47.63 2.48 1.42
C GLN C 134 -46.38 1.64 1.14
N SER C 135 -46.45 0.76 0.15
CA SER C 135 -45.34 -0.14 -0.12
C SER C 135 -44.19 0.56 -0.83
N ASN C 136 -44.47 1.69 -1.52
CA ASN C 136 -43.51 2.29 -2.43
C ASN C 136 -43.17 3.72 -2.04
N ILE C 137 -43.41 4.12 -0.79
CA ILE C 137 -43.47 5.53 -0.43
C ILE C 137 -42.11 6.21 -0.59
N VAL C 138 -41.01 5.48 -0.31
CA VAL C 138 -39.71 6.16 -0.33
C VAL C 138 -39.38 6.63 -1.73
N LEU C 139 -39.79 5.87 -2.74
CA LEU C 139 -39.52 6.32 -4.09
C LEU C 139 -40.50 7.39 -4.55
N LEU C 140 -41.74 7.34 -4.10
CA LEU C 140 -42.70 8.31 -4.58
C LEU C 140 -42.40 9.69 -4.03
N THR C 141 -41.75 9.74 -2.87
CA THR C 141 -41.47 11.01 -2.25
C THR C 141 -40.29 11.69 -2.91
N GLN C 142 -39.25 10.94 -3.21
CA GLN C 142 -38.17 11.50 -3.99
C GLN C 142 -38.70 11.98 -5.33
N ALA C 143 -39.69 11.30 -5.86
CA ALA C 143 -40.32 11.74 -7.10
C ALA C 143 -41.09 13.05 -6.92
N PHE C 144 -41.79 13.21 -5.80
CA PHE C 144 -42.63 14.39 -5.64
C PHE C 144 -41.94 15.53 -4.92
N ARG C 145 -40.92 15.25 -4.11
CA ARG C 145 -40.11 16.24 -3.44
C ARG C 145 -38.92 16.75 -4.28
N ARG C 146 -39.00 16.70 -5.61
CA ARG C 146 -37.88 17.10 -6.47
C ARG C 146 -36.58 16.42 -6.08
N LYS C 147 -36.58 15.14 -5.72
CA LYS C 147 -35.29 14.63 -5.27
C LYS C 147 -34.61 13.73 -6.30
N PHE C 148 -35.09 13.71 -7.54
CA PHE C 148 -34.38 12.96 -8.55
C PHE C 148 -33.23 13.79 -9.16
N VAL C 149 -32.34 13.09 -9.87
CA VAL C 149 -31.12 13.72 -10.34
C VAL C 149 -31.41 14.77 -11.38
N ILE C 150 -32.55 14.68 -12.05
CA ILE C 150 -33.06 15.78 -12.87
C ILE C 150 -34.39 16.21 -12.27
N PRO C 151 -34.40 17.26 -11.46
CA PRO C 151 -35.63 17.62 -10.75
C PRO C 151 -36.71 18.15 -11.67
N ASP C 152 -36.34 18.99 -12.64
CA ASP C 152 -37.29 19.58 -13.56
C ASP C 152 -37.25 18.81 -14.89
N PHE C 153 -37.75 17.58 -14.80
CA PHE C 153 -37.68 16.65 -15.92
C PHE C 153 -38.53 17.11 -17.11
N MET C 154 -39.54 17.93 -16.87
CA MET C 154 -40.40 18.31 -17.99
C MET C 154 -39.67 19.23 -18.96
N SER C 155 -38.87 20.17 -18.46
CA SER C 155 -38.13 21.04 -19.36
C SER C 155 -36.95 20.31 -19.98
N PHE C 156 -36.33 19.42 -19.21
CA PHE C 156 -35.23 18.64 -19.76
C PHE C 156 -35.67 17.81 -20.97
N THR C 157 -36.85 17.18 -20.91
CA THR C 157 -37.28 16.46 -22.10
C THR C 157 -37.57 17.40 -23.23
N SER C 158 -38.05 18.60 -22.93
CA SER C 158 -38.34 19.54 -24.01
C SER C 158 -37.06 19.92 -24.72
N HIS C 159 -35.95 19.97 -23.98
CA HIS C 159 -34.62 20.15 -24.59
C HIS C 159 -34.19 18.94 -25.41
N ILE C 160 -34.38 17.73 -24.87
CA ILE C 160 -34.10 16.53 -25.65
C ILE C 160 -34.85 16.59 -26.97
N ASP C 161 -36.07 17.12 -26.93
CA ASP C 161 -36.88 17.20 -28.14
C ASP C 161 -36.25 18.14 -29.15
N GLU C 162 -35.82 19.32 -28.69
CA GLU C 162 -35.13 20.24 -29.60
C GLU C 162 -33.83 19.63 -30.08
N LEU C 163 -33.09 18.96 -29.18
CA LEU C 163 -31.88 18.27 -29.58
C LEU C 163 -32.18 17.19 -30.61
N TYR C 164 -33.25 16.42 -30.39
CA TYR C 164 -33.62 15.36 -31.31
C TYR C 164 -33.86 15.89 -32.71
N GLU C 165 -34.61 16.98 -32.79
CA GLU C 165 -35.09 17.48 -34.06
C GLU C 165 -34.02 18.26 -34.85
N SER C 166 -33.00 18.82 -34.20
CA SER C 166 -31.90 19.39 -34.96
C SER C 166 -31.01 18.30 -35.55
N ALA C 167 -30.89 17.17 -34.86
CA ALA C 167 -30.21 16.06 -35.50
C ALA C 167 -31.06 15.47 -36.62
N LYS C 168 -32.37 15.70 -36.59
CA LYS C 168 -33.25 15.04 -37.54
C LYS C 168 -33.12 15.61 -38.95
N LYS C 169 -32.66 16.86 -39.09
CA LYS C 169 -32.48 17.46 -40.41
C LYS C 169 -31.08 17.25 -40.97
N GLN C 170 -30.32 16.30 -40.44
CA GLN C 170 -29.01 15.96 -40.98
C GLN C 170 -29.23 14.77 -41.91
N SER C 171 -29.42 15.06 -43.20
CA SER C 171 -29.79 14.00 -44.14
C SER C 171 -28.59 13.21 -44.62
N GLY C 172 -27.39 13.58 -44.19
CA GLY C 172 -26.18 12.86 -44.57
C GLY C 172 -26.13 11.44 -44.04
N GLY C 173 -25.12 10.72 -44.49
CA GLY C 173 -24.83 9.38 -44.05
C GLY C 173 -25.19 8.34 -45.08
N LYS C 174 -24.64 7.14 -44.88
CA LYS C 174 -24.93 5.99 -45.71
C LYS C 174 -25.26 4.81 -44.80
N VAL C 175 -26.36 4.12 -45.13
CA VAL C 175 -26.75 2.97 -44.33
C VAL C 175 -25.83 1.81 -44.64
N ALA C 176 -25.48 1.05 -43.60
CA ALA C 176 -24.58 -0.06 -43.81
C ALA C 176 -25.22 -1.07 -44.74
N ASP C 177 -24.61 -1.27 -45.90
CA ASP C 177 -25.10 -2.20 -46.90
C ASP C 177 -24.34 -3.51 -46.87
N TYR C 178 -23.53 -3.74 -45.82
CA TYR C 178 -22.74 -4.96 -45.73
C TYR C 178 -23.59 -6.18 -46.03
N ILE C 179 -24.75 -6.25 -45.40
CA ILE C 179 -25.64 -7.39 -45.45
C ILE C 179 -27.03 -6.87 -45.79
N PRO C 180 -27.88 -7.67 -46.44
CA PRO C 180 -29.23 -7.18 -46.75
C PRO C 180 -30.00 -6.78 -45.50
N GLN C 181 -29.59 -7.22 -44.31
CA GLN C 181 -30.39 -6.97 -43.12
C GLN C 181 -30.26 -5.54 -42.59
N LEU C 182 -29.12 -4.88 -42.74
CA LEU C 182 -29.07 -3.49 -42.32
C LEU C 182 -29.32 -2.51 -43.45
N ALA C 183 -29.16 -2.93 -44.70
CA ALA C 183 -29.60 -2.09 -45.80
C ALA C 183 -31.11 -2.01 -45.83
N LYS C 184 -31.80 -3.08 -45.39
CA LYS C 184 -33.24 -3.07 -45.14
C LYS C 184 -33.73 -1.84 -44.37
N PHE C 185 -32.94 -1.33 -43.41
CA PHE C 185 -33.38 -0.27 -42.52
C PHE C 185 -33.43 1.10 -43.22
N SER C 186 -34.46 1.89 -42.87
CA SER C 186 -34.76 3.19 -43.47
C SER C 186 -33.82 4.27 -42.96
N PRO C 187 -33.35 5.15 -43.84
CA PRO C 187 -32.51 6.28 -43.41
C PRO C 187 -33.27 7.33 -42.60
N ASP C 188 -34.61 7.31 -42.59
CA ASP C 188 -35.35 8.34 -41.88
C ASP C 188 -35.71 7.90 -40.47
N LEU C 189 -35.36 6.68 -40.10
CA LEU C 189 -35.47 6.25 -38.72
C LEU C 189 -34.46 7.00 -37.86
N TRP C 190 -34.92 7.48 -36.70
CA TRP C 190 -34.10 8.31 -35.84
C TRP C 190 -34.77 8.30 -34.48
N GLY C 191 -34.11 7.70 -33.49
CA GLY C 191 -34.70 7.60 -32.16
C GLY C 191 -33.73 7.91 -31.03
N VAL C 192 -34.21 8.62 -30.01
CA VAL C 192 -33.42 8.94 -28.83
C VAL C 192 -34.24 8.60 -27.60
N SER C 193 -33.61 7.90 -26.67
CA SER C 193 -34.25 7.40 -25.46
C SER C 193 -33.41 7.74 -24.26
N VAL C 194 -34.07 8.23 -23.22
CA VAL C 194 -33.41 8.63 -21.99
C VAL C 194 -33.90 7.75 -20.86
N CYS C 195 -32.96 7.37 -20.00
CA CYS C 195 -33.27 6.72 -18.72
C CYS C 195 -32.26 7.21 -17.71
N THR C 196 -32.73 7.81 -16.61
CA THR C 196 -31.84 8.41 -15.63
C THR C 196 -31.38 7.40 -14.61
N ALA C 197 -30.39 7.78 -13.81
CA ALA C 197 -29.98 6.96 -12.68
C ALA C 197 -31.11 6.80 -11.64
N ASP C 198 -32.24 7.51 -11.79
CA ASP C 198 -33.36 7.37 -10.85
C ASP C 198 -34.57 6.69 -11.47
N GLY C 199 -34.52 6.39 -12.77
CA GLY C 199 -35.58 5.74 -13.48
C GLY C 199 -36.44 6.61 -14.37
N GLN C 200 -36.17 7.92 -14.44
CA GLN C 200 -36.99 8.79 -15.27
C GLN C 200 -36.74 8.52 -16.75
N ARG C 201 -37.81 8.46 -17.52
CA ARG C 201 -37.71 8.05 -18.92
C ARG C 201 -38.28 9.12 -19.84
N HIS C 202 -37.74 9.17 -21.05
CA HIS C 202 -38.30 9.98 -22.12
C HIS C 202 -37.81 9.43 -23.44
N SER C 203 -38.68 9.50 -24.45
CA SER C 203 -38.32 9.09 -25.79
C SER C 203 -38.95 10.01 -26.82
N THR C 204 -38.37 9.97 -28.01
CA THR C 204 -38.80 10.75 -29.16
C THR C 204 -38.34 10.02 -30.40
N GLY C 205 -39.19 9.98 -31.42
CA GLY C 205 -38.83 9.28 -32.65
C GLY C 205 -39.04 7.78 -32.58
N ASP C 206 -38.27 7.06 -33.39
CA ASP C 206 -38.50 5.65 -33.66
C ASP C 206 -37.86 4.80 -32.56
N THR C 207 -38.49 4.89 -31.40
CA THR C 207 -37.90 4.47 -30.15
C THR C 207 -38.19 3.03 -29.76
N LYS C 208 -39.16 2.37 -30.37
CA LYS C 208 -39.39 0.96 -30.10
C LYS C 208 -39.28 0.13 -31.37
N VAL C 209 -38.36 0.52 -32.24
CA VAL C 209 -37.97 -0.33 -33.39
C VAL C 209 -36.87 -1.09 -33.05
N PRO C 210 -36.83 -2.46 -33.15
CA PRO C 210 -35.72 -3.28 -32.80
C PRO C 210 -34.60 -3.13 -33.82
N PHE C 211 -33.37 -3.15 -33.31
CA PHE C 211 -32.18 -3.16 -34.14
C PHE C 211 -31.11 -3.86 -33.34
N CYS C 212 -30.09 -4.36 -34.03
CA CYS C 212 -29.11 -5.13 -33.27
C CYS C 212 -28.08 -4.19 -32.69
N LEU C 213 -27.53 -4.57 -31.55
CA LEU C 213 -26.53 -3.74 -30.93
C LEU C 213 -25.34 -3.60 -31.86
N GLN C 214 -25.03 -4.67 -32.59
CA GLN C 214 -23.75 -4.88 -33.26
C GLN C 214 -22.68 -4.52 -32.24
N SER C 215 -21.78 -3.60 -32.55
CA SER C 215 -20.69 -3.44 -31.60
C SER C 215 -21.08 -2.56 -30.40
N CYS C 216 -22.36 -2.20 -30.26
CA CYS C 216 -22.82 -1.65 -28.98
C CYS C 216 -22.83 -2.70 -27.89
N VAL C 217 -22.65 -3.98 -28.24
CA VAL C 217 -22.59 -5.01 -27.21
C VAL C 217 -21.19 -5.16 -26.64
N LYS C 218 -20.17 -4.61 -27.30
CA LYS C 218 -18.81 -4.83 -26.82
C LYS C 218 -18.59 -4.30 -25.40
N PRO C 219 -19.00 -3.09 -25.03
CA PRO C 219 -18.89 -2.72 -23.61
C PRO C 219 -19.67 -3.64 -22.70
N LEU C 220 -20.84 -4.12 -23.13
CA LEU C 220 -21.65 -4.93 -22.24
C LEU C 220 -20.99 -6.27 -21.96
N LYS C 221 -20.45 -6.94 -23.00
CA LYS C 221 -19.78 -8.19 -22.71
C LYS C 221 -18.47 -8.00 -21.96
N TYR C 222 -17.75 -6.89 -22.19
CA TYR C 222 -16.58 -6.61 -21.38
C TYR C 222 -16.95 -6.45 -19.91
N ALA C 223 -18.04 -5.74 -19.63
CA ALA C 223 -18.45 -5.56 -18.24
C ALA C 223 -18.73 -6.90 -17.61
N ILE C 224 -19.50 -7.74 -18.31
CA ILE C 224 -19.84 -9.07 -17.81
C ILE C 224 -18.57 -9.85 -17.51
N ALA C 225 -17.59 -9.78 -18.40
CA ALA C 225 -16.35 -10.51 -18.18
C ALA C 225 -15.64 -10.01 -16.93
N VAL C 226 -15.53 -8.69 -16.79
CA VAL C 226 -14.83 -8.13 -15.63
C VAL C 226 -15.59 -8.47 -14.35
N ASN C 227 -16.93 -8.45 -14.41
CA ASN C 227 -17.72 -8.79 -13.24
C ASN C 227 -17.42 -10.21 -12.75
N ASP C 228 -17.37 -11.17 -13.67
CA ASP C 228 -17.14 -12.54 -13.22
C ASP C 228 -15.67 -12.86 -13.03
N LEU C 229 -14.76 -12.27 -13.82
CA LEU C 229 -13.38 -12.70 -13.77
C LEU C 229 -12.45 -11.66 -13.16
N GLY C 230 -12.86 -10.41 -13.11
CA GLY C 230 -11.99 -9.43 -12.48
C GLY C 230 -11.07 -8.75 -13.47
N THR C 231 -10.69 -7.51 -13.12
CA THR C 231 -9.89 -6.70 -14.03
C THR C 231 -8.59 -7.38 -14.38
N GLU C 232 -7.91 -7.90 -13.38
CA GLU C 232 -6.56 -8.37 -13.57
C GLU C 232 -6.53 -9.60 -14.49
N TYR C 233 -7.51 -10.50 -14.37
CA TYR C 233 -7.55 -11.64 -15.28
C TYR C 233 -7.89 -11.21 -16.69
N VAL C 234 -9.03 -10.52 -16.84
CA VAL C 234 -9.51 -10.14 -18.17
C VAL C 234 -8.41 -9.41 -18.93
N HIS C 235 -7.64 -8.57 -18.25
CA HIS C 235 -6.66 -7.78 -18.97
C HIS C 235 -5.30 -8.47 -19.11
N ARG C 236 -5.22 -9.75 -18.75
CA ARG C 236 -4.16 -10.58 -19.30
C ARG C 236 -4.33 -10.78 -20.79
N TYR C 237 -5.56 -10.66 -21.26
CA TYR C 237 -5.89 -11.10 -22.60
C TYR C 237 -6.23 -9.95 -23.53
N VAL C 238 -6.47 -8.76 -22.99
CA VAL C 238 -6.86 -7.61 -23.80
C VAL C 238 -6.26 -6.36 -23.17
N GLY C 239 -5.84 -5.41 -24.01
CA GLY C 239 -5.27 -4.17 -23.53
C GLY C 239 -6.30 -3.20 -22.97
N LYS C 240 -5.83 -1.99 -22.61
CA LYS C 240 -6.72 -0.99 -22.06
C LYS C 240 -6.46 0.40 -22.60
N GLU C 241 -6.01 0.52 -23.83
CA GLU C 241 -5.71 1.83 -24.39
C GLU C 241 -6.25 1.91 -25.82
N PRO C 242 -6.47 3.11 -26.33
CA PRO C 242 -6.76 3.24 -27.76
C PRO C 242 -5.51 2.95 -28.55
N SER C 243 -5.69 2.38 -29.74
CA SER C 243 -4.55 1.94 -30.53
C SER C 243 -3.69 3.13 -30.92
N GLY C 244 -4.35 4.20 -31.32
CA GLY C 244 -3.72 5.34 -31.92
C GLY C 244 -4.25 5.43 -33.34
N LEU C 245 -4.60 6.62 -33.86
CA LEU C 245 -5.31 6.58 -35.14
C LEU C 245 -4.42 6.30 -36.32
N ARG C 246 -3.27 5.71 -36.01
CA ARG C 246 -2.43 5.02 -36.98
C ARG C 246 -2.61 3.53 -36.94
N PHE C 247 -3.29 3.01 -35.92
CA PHE C 247 -3.50 1.59 -35.71
C PHE C 247 -4.96 1.16 -35.75
N ASN C 248 -5.84 1.88 -36.44
CA ASN C 248 -7.12 1.24 -36.74
C ASN C 248 -6.96 -0.12 -37.43
N LYS C 249 -5.72 -0.48 -37.85
CA LYS C 249 -5.44 -1.53 -38.82
C LYS C 249 -4.84 -2.82 -38.24
N LEU C 250 -4.19 -2.76 -37.10
CA LEU C 250 -3.51 -3.91 -36.49
C LEU C 250 -4.40 -4.54 -35.43
N PHE C 251 -4.16 -5.82 -35.16
CA PHE C 251 -4.99 -6.55 -34.22
C PHE C 251 -4.42 -6.53 -32.82
N LEU C 252 -3.09 -6.46 -32.71
CA LEU C 252 -2.40 -6.64 -31.44
C LEU C 252 -1.48 -5.45 -31.18
N ASN C 253 -1.38 -5.07 -29.91
CA ASN C 253 -0.37 -4.14 -29.44
C ASN C 253 0.92 -4.95 -29.24
N GLU C 254 1.94 -4.36 -28.60
CA GLU C 254 3.24 -5.02 -28.61
C GLU C 254 3.46 -6.00 -27.47
N ASP C 255 2.47 -6.19 -26.60
CA ASP C 255 2.48 -7.35 -25.72
C ASP C 255 1.66 -8.49 -26.31
N ASP C 256 1.31 -8.37 -27.59
CA ASP C 256 0.57 -9.39 -28.34
C ASP C 256 -0.82 -9.62 -27.77
N LYS C 257 -1.37 -8.59 -27.16
CA LYS C 257 -2.74 -8.49 -26.71
C LYS C 257 -3.46 -7.51 -27.63
N PRO C 258 -4.71 -7.77 -27.98
CA PRO C 258 -5.50 -6.73 -28.65
C PRO C 258 -5.54 -5.48 -27.79
N HIS C 259 -5.72 -4.34 -28.47
CA HIS C 259 -5.45 -3.05 -27.84
C HIS C 259 -6.40 -2.74 -26.69
N ASN C 260 -7.66 -3.13 -26.82
CA ASN C 260 -8.69 -2.80 -25.83
C ASN C 260 -9.96 -3.55 -26.20
N PRO C 261 -10.90 -3.67 -25.26
CA PRO C 261 -12.13 -4.42 -25.56
C PRO C 261 -13.02 -3.78 -26.61
N MET C 262 -12.81 -2.55 -27.01
CA MET C 262 -13.77 -1.94 -27.91
C MET C 262 -13.51 -2.22 -29.38
N VAL C 263 -12.41 -2.90 -29.73
CA VAL C 263 -12.12 -3.20 -31.12
C VAL C 263 -12.38 -4.69 -31.37
N ASN C 264 -12.59 -5.01 -32.65
CA ASN C 264 -13.12 -6.32 -32.99
C ASN C 264 -12.23 -7.42 -32.42
N ALA C 265 -10.91 -7.29 -32.58
CA ALA C 265 -10.00 -8.30 -32.05
C ALA C 265 -10.16 -8.48 -30.56
N GLY C 266 -10.35 -7.38 -29.83
CA GLY C 266 -10.46 -7.45 -28.39
C GLY C 266 -11.81 -7.95 -27.92
N ALA C 267 -12.88 -7.47 -28.56
CA ALA C 267 -14.19 -8.03 -28.25
C ALA C 267 -14.14 -9.54 -28.40
N ILE C 268 -13.56 -10.00 -29.50
CA ILE C 268 -13.46 -11.41 -29.81
C ILE C 268 -12.68 -12.15 -28.74
N VAL C 269 -11.60 -11.55 -28.22
CA VAL C 269 -10.91 -12.19 -27.11
C VAL C 269 -11.79 -12.15 -25.86
N VAL C 270 -12.43 -11.02 -25.60
CA VAL C 270 -13.29 -10.97 -24.42
C VAL C 270 -14.37 -12.03 -24.51
N THR C 271 -14.99 -12.17 -25.69
CA THR C 271 -16.03 -13.19 -25.87
C THR C 271 -15.51 -14.59 -25.58
N SER C 272 -14.24 -14.82 -25.83
CA SER C 272 -13.59 -16.09 -25.53
C SER C 272 -13.48 -16.35 -24.03
N LEU C 273 -13.70 -15.34 -23.19
CA LEU C 273 -13.54 -15.42 -21.74
C LEU C 273 -14.84 -15.68 -21.00
N ILE C 274 -15.98 -15.29 -21.56
CA ILE C 274 -17.24 -15.38 -20.85
C ILE C 274 -17.63 -16.84 -20.70
N LYS C 275 -17.82 -17.27 -19.45
CA LYS C 275 -18.49 -18.53 -19.15
C LYS C 275 -17.85 -19.70 -19.89
N GLN C 276 -16.56 -19.88 -19.61
CA GLN C 276 -15.83 -21.01 -20.17
C GLN C 276 -16.38 -22.32 -19.62
N GLY C 277 -16.11 -23.40 -20.35
CA GLY C 277 -16.52 -24.73 -19.92
C GLY C 277 -17.95 -25.12 -20.23
N VAL C 278 -18.74 -24.26 -20.86
CA VAL C 278 -20.09 -24.63 -21.29
C VAL C 278 -20.21 -24.34 -22.78
N ASN C 279 -21.22 -24.94 -23.40
CA ASN C 279 -21.40 -24.80 -24.84
C ASN C 279 -22.00 -23.43 -25.20
N ASN C 280 -22.08 -23.15 -26.51
CA ASN C 280 -22.47 -21.84 -27.01
C ASN C 280 -23.93 -21.51 -26.76
N ALA C 281 -24.80 -22.49 -26.57
CA ALA C 281 -26.17 -22.17 -26.23
C ALA C 281 -26.28 -21.66 -24.80
N GLU C 282 -25.55 -22.30 -23.88
CA GLU C 282 -25.57 -21.88 -22.48
C GLU C 282 -24.88 -20.53 -22.29
N LYS C 283 -23.71 -20.34 -22.93
CA LYS C 283 -23.06 -19.03 -22.85
C LYS C 283 -24.03 -17.93 -23.27
N PHE C 284 -24.66 -18.12 -24.43
CA PHE C 284 -25.54 -17.10 -24.99
C PHE C 284 -26.66 -16.71 -24.02
N ASP C 285 -27.27 -17.69 -23.37
CA ASP C 285 -28.33 -17.37 -22.42
C ASP C 285 -27.78 -16.71 -21.17
N TYR C 286 -26.60 -17.14 -20.72
CA TYR C 286 -25.98 -16.49 -19.57
C TYR C 286 -25.74 -15.01 -19.85
N VAL C 287 -25.30 -14.66 -21.06
CA VAL C 287 -25.18 -13.24 -21.43
C VAL C 287 -26.56 -12.62 -21.59
N MET C 288 -27.53 -13.39 -22.08
CA MET C 288 -28.84 -12.81 -22.35
C MET C 288 -29.60 -12.52 -21.07
N GLN C 289 -29.49 -13.40 -20.07
CA GLN C 289 -30.12 -13.08 -18.80
C GLN C 289 -29.45 -11.85 -18.18
N PHE C 290 -28.16 -11.72 -18.40
CA PHE C 290 -27.43 -10.54 -17.94
C PHE C 290 -27.97 -9.27 -18.60
N LEU C 291 -28.13 -9.29 -19.92
CA LEU C 291 -28.63 -8.09 -20.58
C LEU C 291 -30.06 -7.81 -20.17
N ASN C 292 -30.80 -8.86 -19.83
CA ASN C 292 -32.14 -8.64 -19.29
C ASN C 292 -32.08 -7.87 -17.98
N LYS C 293 -31.15 -8.22 -17.08
CA LYS C 293 -31.03 -7.50 -15.81
C LYS C 293 -30.57 -6.06 -16.03
N MET C 294 -29.65 -5.82 -16.96
CA MET C 294 -29.24 -4.44 -17.22
C MET C 294 -30.39 -3.60 -17.78
N ALA C 295 -31.36 -4.23 -18.42
CA ALA C 295 -32.42 -3.52 -19.09
C ALA C 295 -33.72 -3.50 -18.29
N GLY C 296 -33.67 -3.90 -17.02
CA GLY C 296 -34.89 -3.98 -16.26
C GLY C 296 -35.91 -4.86 -16.91
N ASN C 297 -35.46 -5.88 -17.63
CA ASN C 297 -36.31 -6.86 -18.32
C ASN C 297 -37.12 -6.21 -19.43
N GLU C 298 -36.63 -5.11 -19.99
CA GLU C 298 -37.23 -4.58 -21.21
C GLU C 298 -36.70 -5.39 -22.39
N TYR C 299 -36.99 -4.95 -23.61
CA TYR C 299 -36.81 -5.84 -24.75
C TYR C 299 -35.34 -6.11 -24.99
N VAL C 300 -34.95 -7.39 -24.97
CA VAL C 300 -33.65 -7.83 -25.47
C VAL C 300 -33.91 -9.07 -26.30
N GLY C 301 -33.62 -8.97 -27.59
CA GLY C 301 -33.96 -10.06 -28.47
C GLY C 301 -32.78 -10.63 -29.19
N PHE C 302 -33.06 -11.19 -30.36
CA PHE C 302 -32.06 -11.88 -31.16
C PHE C 302 -32.57 -11.94 -32.57
N SER C 303 -31.76 -11.49 -33.51
CA SER C 303 -32.13 -11.50 -34.92
C SER C 303 -31.28 -12.57 -35.59
N ASN C 304 -31.89 -13.74 -35.83
CA ASN C 304 -31.14 -14.80 -36.49
C ASN C 304 -30.81 -14.44 -37.93
N ALA C 305 -31.61 -13.56 -38.56
CA ALA C 305 -31.28 -13.07 -39.90
C ALA C 305 -29.89 -12.44 -39.91
N THR C 306 -29.66 -11.46 -39.04
CA THR C 306 -28.36 -10.82 -38.96
C THR C 306 -27.26 -11.82 -38.62
N PHE C 307 -27.56 -12.78 -37.74
CA PHE C 307 -26.51 -13.71 -37.30
C PHE C 307 -26.04 -14.60 -38.44
N GLN C 308 -26.97 -15.10 -39.25
CA GLN C 308 -26.55 -15.99 -40.32
C GLN C 308 -25.85 -15.21 -41.42
N SER C 309 -26.23 -13.95 -41.60
CA SER C 309 -25.59 -13.13 -42.60
C SER C 309 -24.20 -12.65 -42.15
N GLU C 310 -23.98 -12.49 -40.85
CA GLU C 310 -22.66 -12.18 -40.32
C GLU C 310 -21.76 -13.41 -40.30
N ARG C 311 -22.33 -14.60 -40.49
CA ARG C 311 -21.54 -15.81 -40.66
C ARG C 311 -20.97 -15.93 -42.06
N GLU C 312 -21.59 -15.29 -43.07
CA GLU C 312 -21.09 -15.35 -44.43
C GLU C 312 -19.89 -14.44 -44.65
N SER C 313 -19.88 -13.30 -43.99
CA SER C 313 -19.11 -12.12 -44.39
C SER C 313 -18.16 -11.67 -43.30
N GLY C 314 -17.66 -12.64 -42.54
CA GLY C 314 -16.78 -12.33 -41.44
C GLY C 314 -15.40 -12.84 -41.74
N ASP C 315 -14.96 -12.60 -42.98
CA ASP C 315 -13.62 -12.99 -43.37
C ASP C 315 -12.57 -12.25 -42.53
N ARG C 316 -12.84 -10.98 -42.19
CA ARG C 316 -11.95 -10.24 -41.29
C ARG C 316 -11.96 -10.87 -39.91
N ASN C 317 -13.15 -11.20 -39.38
CA ASN C 317 -13.22 -11.87 -38.08
C ASN C 317 -12.59 -13.26 -38.13
N PHE C 318 -12.85 -14.00 -39.20
CA PHE C 318 -12.11 -15.25 -39.39
C PHE C 318 -10.62 -14.97 -39.57
N ALA C 319 -10.27 -13.89 -40.28
CA ALA C 319 -8.87 -13.48 -40.28
C ALA C 319 -8.41 -13.24 -38.85
N ILE C 320 -9.14 -12.40 -38.12
CA ILE C 320 -8.71 -12.03 -36.76
C ILE C 320 -8.66 -13.26 -35.87
N GLY C 321 -9.68 -14.10 -35.97
CA GLY C 321 -9.74 -15.26 -35.11
C GLY C 321 -8.52 -16.14 -35.26
N TYR C 322 -8.17 -16.44 -36.51
CA TYR C 322 -6.99 -17.28 -36.75
C TYR C 322 -5.71 -16.53 -36.34
N TYR C 323 -5.62 -15.23 -36.64
CA TYR C 323 -4.44 -14.51 -36.18
C TYR C 323 -4.32 -14.62 -34.66
N LEU C 324 -5.45 -14.60 -33.93
CA LEU C 324 -5.34 -14.67 -32.49
C LEU C 324 -4.98 -16.06 -31.98
N LYS C 325 -5.44 -17.13 -32.64
CA LYS C 325 -5.23 -18.47 -32.11
C LYS C 325 -3.76 -18.82 -32.19
N GLU C 326 -3.18 -18.50 -33.34
CA GLU C 326 -1.75 -18.49 -33.57
C GLU C 326 -0.94 -17.86 -32.46
N LYS C 327 -1.22 -16.61 -32.14
CA LYS C 327 -0.38 -15.85 -31.22
C LYS C 327 -0.65 -16.20 -29.76
N LYS C 328 -1.41 -17.27 -29.51
CA LYS C 328 -1.69 -17.76 -28.18
C LYS C 328 -2.33 -16.67 -27.33
N CYS C 329 -3.40 -16.09 -27.89
CA CYS C 329 -4.19 -15.01 -27.34
C CYS C 329 -5.46 -15.45 -26.63
N PHE C 330 -5.96 -16.63 -26.92
CA PHE C 330 -7.12 -17.10 -26.21
C PHE C 330 -6.66 -17.89 -24.99
N PRO C 331 -7.55 -18.19 -24.06
CA PRO C 331 -7.18 -19.09 -22.95
C PRO C 331 -7.19 -20.53 -23.42
N GLU C 332 -6.37 -21.34 -22.75
CA GLU C 332 -6.20 -22.71 -23.21
C GLU C 332 -7.54 -23.42 -23.24
N GLY C 333 -7.73 -24.23 -24.28
CA GLY C 333 -8.96 -24.95 -24.47
C GLY C 333 -10.03 -24.19 -25.20
N THR C 334 -9.68 -23.10 -25.88
CA THR C 334 -10.66 -22.33 -26.64
C THR C 334 -10.89 -22.94 -28.01
N ASP C 335 -12.17 -23.06 -28.38
CA ASP C 335 -12.55 -23.49 -29.72
C ASP C 335 -12.84 -22.20 -30.49
N MET C 336 -11.81 -21.71 -31.19
CA MET C 336 -11.84 -20.38 -31.80
C MET C 336 -13.01 -20.24 -32.76
N VAL C 337 -13.18 -21.19 -33.67
CA VAL C 337 -14.23 -21.06 -34.66
C VAL C 337 -15.59 -21.00 -33.99
N GLY C 338 -15.76 -21.74 -32.88
CA GLY C 338 -17.01 -21.66 -32.12
C GLY C 338 -17.19 -20.32 -31.42
N ILE C 339 -16.12 -19.80 -30.85
CA ILE C 339 -16.15 -18.46 -30.26
C ILE C 339 -16.53 -17.43 -31.33
N LEU C 340 -16.08 -17.64 -32.56
CA LEU C 340 -16.47 -16.76 -33.65
C LEU C 340 -17.98 -16.80 -33.85
N ASP C 341 -18.56 -18.00 -33.71
CA ASP C 341 -19.99 -18.19 -33.85
C ASP C 341 -20.73 -17.48 -32.72
N PHE C 342 -20.28 -17.70 -31.48
CA PHE C 342 -20.79 -16.94 -30.35
C PHE C 342 -20.68 -15.44 -30.59
N TYR C 343 -19.53 -14.98 -31.10
CA TYR C 343 -19.33 -13.55 -31.33
C TYR C 343 -20.35 -13.00 -32.32
N PHE C 344 -20.55 -13.69 -33.43
CA PHE C 344 -21.56 -13.23 -34.37
C PHE C 344 -22.94 -13.21 -33.73
N GLN C 345 -23.20 -14.17 -32.82
CA GLN C 345 -24.47 -14.18 -32.11
C GLN C 345 -24.63 -12.92 -31.26
N LEU C 346 -23.66 -12.66 -30.40
CA LEU C 346 -23.73 -11.50 -29.52
C LEU C 346 -23.90 -10.20 -30.31
N CYS C 347 -23.44 -10.15 -31.56
CA CYS C 347 -23.57 -8.93 -32.33
C CYS C 347 -24.93 -8.77 -32.99
N SER C 348 -25.69 -9.85 -33.05
CA SER C 348 -27.02 -9.82 -33.63
C SER C 348 -28.11 -9.81 -32.57
N ILE C 349 -27.73 -9.59 -31.31
CA ILE C 349 -28.72 -9.39 -30.25
C ILE C 349 -29.46 -8.09 -30.52
N GLU C 350 -30.77 -8.11 -30.34
CA GLU C 350 -31.61 -6.98 -30.68
C GLU C 350 -32.02 -6.18 -29.45
N VAL C 351 -32.28 -4.88 -29.66
CA VAL C 351 -32.82 -3.97 -28.67
C VAL C 351 -33.67 -2.93 -29.39
N THR C 352 -34.38 -2.12 -28.62
CA THR C 352 -34.90 -0.82 -29.05
C THR C 352 -34.11 0.26 -28.34
N CYS C 353 -34.43 1.52 -28.61
CA CYS C 353 -33.71 2.57 -27.88
C CYS C 353 -34.17 2.66 -26.44
N GLU C 354 -35.41 2.26 -26.16
CA GLU C 354 -35.88 2.31 -24.79
C GLU C 354 -35.22 1.23 -23.96
N SER C 355 -35.38 -0.04 -24.38
CA SER C 355 -34.57 -1.13 -23.88
C SER C 355 -33.14 -0.66 -23.63
N ALA C 356 -32.45 -0.20 -24.68
CA ALA C 356 -31.04 0.06 -24.55
C ALA C 356 -30.73 1.27 -23.67
N SER C 357 -31.59 2.31 -23.66
CA SER C 357 -31.34 3.43 -22.75
C SER C 357 -31.30 2.99 -21.29
N VAL C 358 -32.08 1.98 -20.91
CA VAL C 358 -32.01 1.44 -19.56
C VAL C 358 -30.71 0.67 -19.39
N MET C 359 -30.24 0.05 -20.47
CA MET C 359 -28.96 -0.63 -20.45
C MET C 359 -27.84 0.37 -20.13
N ALA C 360 -27.80 1.48 -20.86
CA ALA C 360 -26.86 2.56 -20.58
C ALA C 360 -27.03 3.13 -19.17
N ALA C 361 -28.27 3.31 -18.72
CA ALA C 361 -28.44 3.90 -17.40
C ALA C 361 -27.85 3.01 -16.30
N THR C 362 -27.84 1.70 -16.52
CA THR C 362 -27.23 0.80 -15.53
C THR C 362 -25.74 1.10 -15.35
N LEU C 363 -25.05 1.48 -16.43
CA LEU C 363 -23.64 1.89 -16.32
C LEU C 363 -23.52 3.31 -15.82
N ALA C 364 -24.49 4.16 -16.17
CA ALA C 364 -24.57 5.47 -15.55
C ALA C 364 -24.71 5.37 -14.04
N ASN C 365 -25.19 4.23 -13.54
CA ASN C 365 -25.63 4.11 -12.16
C ASN C 365 -24.82 3.11 -11.36
N GLY C 366 -23.54 2.96 -11.68
CA GLY C 366 -22.68 2.14 -10.84
C GLY C 366 -23.05 0.67 -10.82
N GLY C 367 -23.78 0.21 -11.84
CA GLY C 367 -24.14 -1.17 -11.95
C GLY C 367 -25.49 -1.52 -11.40
N PHE C 368 -26.27 -0.54 -10.93
CA PHE C 368 -27.63 -0.80 -10.48
C PHE C 368 -28.61 -0.40 -11.58
N CYS C 369 -29.48 -1.33 -11.95
CA CYS C 369 -30.51 -1.03 -12.94
C CYS C 369 -31.50 -0.02 -12.38
N PRO C 370 -31.66 1.13 -13.01
CA PRO C 370 -32.45 2.19 -12.37
C PRO C 370 -33.93 1.86 -12.21
N ILE C 371 -34.48 0.97 -13.03
CA ILE C 371 -35.91 0.71 -12.95
C ILE C 371 -36.22 -0.52 -12.14
N THR C 372 -35.22 -1.22 -11.62
CA THR C 372 -35.48 -2.34 -10.73
C THR C 372 -34.75 -2.27 -9.40
N GLY C 373 -33.68 -1.49 -9.30
CA GLY C 373 -32.86 -1.43 -8.11
C GLY C 373 -31.95 -2.61 -7.91
N GLU C 374 -31.91 -3.59 -8.82
CA GLU C 374 -31.07 -4.75 -8.57
C GLU C 374 -29.65 -4.48 -9.05
N ARG C 375 -28.69 -5.06 -8.34
CA ARG C 375 -27.29 -4.91 -8.71
C ARG C 375 -26.97 -5.86 -9.85
N VAL C 376 -26.61 -5.30 -11.00
CA VAL C 376 -26.35 -6.08 -12.21
C VAL C 376 -24.85 -6.25 -12.45
N LEU C 377 -24.08 -5.17 -12.39
CA LEU C 377 -22.64 -5.20 -12.63
C LEU C 377 -21.90 -4.63 -11.42
N SER C 378 -20.73 -5.22 -11.14
CA SER C 378 -19.85 -4.72 -10.08
C SER C 378 -19.36 -3.31 -10.41
N PRO C 379 -19.09 -2.47 -9.40
CA PRO C 379 -18.62 -1.11 -9.70
C PRO C 379 -17.31 -1.10 -10.47
N GLU C 380 -16.45 -2.06 -10.16
CA GLU C 380 -15.20 -2.23 -10.91
C GLU C 380 -15.49 -2.55 -12.38
N ALA C 381 -16.51 -3.37 -12.63
CA ALA C 381 -16.86 -3.66 -14.02
C ALA C 381 -17.37 -2.41 -14.73
N VAL C 382 -18.23 -1.65 -14.06
CA VAL C 382 -18.81 -0.47 -14.70
C VAL C 382 -17.73 0.60 -14.90
N ARG C 383 -16.86 0.78 -13.91
CA ARG C 383 -15.83 1.81 -14.05
C ARG C 383 -14.90 1.50 -15.22
N ASN C 384 -14.41 0.27 -15.31
CA ASN C 384 -13.52 -0.09 -16.41
C ASN C 384 -14.25 0.08 -17.73
N THR C 385 -15.52 -0.35 -17.77
CA THR C 385 -16.26 -0.28 -19.02
C THR C 385 -16.44 1.16 -19.46
N LEU C 386 -16.66 2.06 -18.51
CA LEU C 386 -16.78 3.46 -18.88
C LEU C 386 -15.42 4.06 -19.23
N SER C 387 -14.37 3.69 -18.49
CA SER C 387 -13.01 4.10 -18.81
C SER C 387 -12.70 3.83 -20.28
N LEU C 388 -13.04 2.63 -20.77
CA LEU C 388 -12.64 2.25 -22.12
C LEU C 388 -13.64 2.72 -23.17
N MET C 389 -14.93 2.86 -22.84
CA MET C 389 -15.85 3.52 -23.77
C MET C 389 -15.46 4.98 -23.99
N HIS C 390 -14.91 5.61 -22.95
CA HIS C 390 -14.42 6.98 -23.05
C HIS C 390 -13.40 7.10 -24.18
N SER C 391 -12.37 6.24 -24.16
CA SER C 391 -11.24 6.42 -25.06
C SER C 391 -11.33 5.60 -26.34
N CYS C 392 -12.06 4.48 -26.36
CA CYS C 392 -11.99 3.57 -27.48
C CYS C 392 -13.36 3.29 -28.09
N GLY C 393 -14.34 4.12 -27.80
CA GLY C 393 -15.71 3.71 -28.02
C GLY C 393 -16.32 4.11 -29.33
N MET C 394 -15.68 4.99 -30.07
CA MET C 394 -16.28 5.51 -31.30
C MET C 394 -15.38 5.27 -32.51
N TYR C 395 -14.75 4.10 -32.55
CA TYR C 395 -13.91 3.73 -33.69
C TYR C 395 -12.83 4.80 -33.81
N ASP C 396 -12.53 5.26 -35.02
CA ASP C 396 -11.51 6.28 -35.21
C ASP C 396 -11.92 7.64 -34.62
N PHE C 397 -13.19 7.88 -34.37
CA PHE C 397 -13.60 9.16 -33.83
C PHE C 397 -13.44 9.25 -32.33
N SER C 398 -12.85 8.24 -31.68
CA SER C 398 -12.87 8.19 -30.21
C SER C 398 -12.19 9.41 -29.58
N GLY C 399 -10.95 9.67 -29.98
CA GLY C 399 -10.23 10.79 -29.40
C GLY C 399 -10.89 12.13 -29.65
N GLN C 400 -11.44 12.30 -30.86
CA GLN C 400 -12.23 13.50 -31.14
C GLN C 400 -13.46 13.54 -30.27
N PHE C 401 -14.10 12.38 -30.08
CA PHE C 401 -15.29 12.31 -29.25
C PHE C 401 -14.95 12.59 -27.80
N ALA C 402 -13.84 12.03 -27.32
CA ALA C 402 -13.45 12.24 -25.94
C ALA C 402 -13.11 13.70 -25.67
N PHE C 403 -12.61 14.39 -26.69
CA PHE C 403 -12.32 15.80 -26.57
C PHE C 403 -13.59 16.63 -26.57
N HIS C 404 -14.39 16.52 -27.63
CA HIS C 404 -15.52 17.43 -27.86
C HIS C 404 -16.78 17.06 -27.09
N VAL C 405 -17.01 15.78 -26.82
CA VAL C 405 -18.19 15.34 -26.10
C VAL C 405 -17.85 14.91 -24.68
N GLY C 406 -16.73 14.24 -24.49
CA GLY C 406 -16.36 13.87 -23.14
C GLY C 406 -17.36 12.96 -22.46
N LEU C 407 -18.04 12.10 -23.23
CA LEU C 407 -18.95 11.15 -22.64
C LEU C 407 -18.59 9.72 -23.03
N PRO C 408 -18.67 8.81 -22.07
CA PRO C 408 -18.51 7.39 -22.41
C PRO C 408 -19.60 6.97 -23.37
N ALA C 409 -19.19 6.55 -24.56
CA ALA C 409 -20.15 6.15 -25.57
C ALA C 409 -19.63 4.96 -26.34
N LYS C 410 -20.56 4.30 -27.04
CA LYS C 410 -20.24 3.20 -27.95
C LYS C 410 -21.17 3.24 -29.13
N SER C 411 -20.62 3.09 -30.32
CA SER C 411 -21.42 3.11 -31.54
C SER C 411 -21.48 1.73 -32.15
N GLY C 412 -22.46 1.53 -33.02
CA GLY C 412 -22.62 0.27 -33.73
C GLY C 412 -23.03 0.56 -35.16
N VAL C 413 -22.72 -0.40 -36.03
CA VAL C 413 -22.94 -0.21 -37.47
C VAL C 413 -24.44 -0.22 -37.83
N ALA C 414 -25.28 -0.74 -36.93
CA ALA C 414 -26.73 -0.67 -37.06
C ALA C 414 -27.27 0.76 -36.92
N GLY C 415 -26.45 1.69 -36.45
CA GLY C 415 -26.90 3.05 -36.21
C GLY C 415 -27.00 3.42 -34.75
N GLY C 416 -26.62 2.55 -33.84
CA GLY C 416 -26.73 2.83 -32.44
C GLY C 416 -25.53 3.58 -31.91
N ILE C 417 -25.79 4.44 -30.91
CA ILE C 417 -24.76 5.01 -30.06
C ILE C 417 -25.26 4.82 -28.63
N LEU C 418 -24.55 4.03 -27.87
CA LEU C 418 -24.87 3.80 -26.47
C LEU C 418 -24.13 4.83 -25.64
N LEU C 419 -24.85 5.82 -25.13
CA LEU C 419 -24.27 6.97 -24.45
C LEU C 419 -24.55 6.90 -22.97
N VAL C 420 -23.55 7.26 -22.17
CA VAL C 420 -23.68 7.22 -20.72
C VAL C 420 -23.17 8.54 -20.16
N VAL C 421 -24.04 9.25 -19.47
CA VAL C 421 -23.71 10.42 -18.67
C VAL C 421 -23.61 9.97 -17.23
N PRO C 422 -22.42 9.65 -16.73
CA PRO C 422 -22.31 9.03 -15.41
C PRO C 422 -22.95 9.87 -14.31
N ASN C 423 -23.60 9.17 -13.38
CA ASN C 423 -24.34 9.70 -12.24
C ASN C 423 -25.59 10.44 -12.65
N VAL C 424 -25.93 10.51 -13.93
CA VAL C 424 -27.08 11.27 -14.37
C VAL C 424 -28.04 10.37 -15.12
N MET C 425 -27.63 9.89 -16.28
CA MET C 425 -28.56 9.18 -17.15
C MET C 425 -27.79 8.31 -18.12
N GLY C 426 -28.49 7.33 -18.68
CA GLY C 426 -28.02 6.57 -19.82
C GLY C 426 -28.96 6.79 -20.99
N MET C 427 -28.43 6.65 -22.20
CA MET C 427 -29.22 6.90 -23.40
C MET C 427 -28.80 5.96 -24.53
N MET C 428 -29.66 5.91 -25.55
CA MET C 428 -29.37 5.17 -26.78
C MET C 428 -29.96 5.96 -27.94
N CYS C 429 -29.11 6.44 -28.83
CA CYS C 429 -29.60 7.07 -30.05
C CYS C 429 -29.45 6.09 -31.20
N TRP C 430 -30.31 6.24 -32.20
CA TRP C 430 -30.32 5.27 -33.28
C TRP C 430 -30.72 5.96 -34.58
N SER C 431 -29.81 5.94 -35.54
CA SER C 431 -30.08 6.31 -36.93
C SER C 431 -29.15 5.47 -37.79
N PRO C 432 -29.67 4.67 -38.70
CA PRO C 432 -28.84 3.70 -39.40
C PRO C 432 -27.79 4.35 -40.29
N PRO C 433 -28.05 5.54 -40.91
CA PRO C 433 -27.01 6.13 -41.75
C PRO C 433 -25.72 6.46 -41.01
N LEU C 434 -24.65 5.75 -41.37
CA LEU C 434 -23.33 6.01 -40.81
C LEU C 434 -22.58 7.05 -41.63
N ASP C 435 -21.64 7.74 -40.97
CA ASP C 435 -20.74 8.65 -41.66
C ASP C 435 -19.60 7.79 -42.20
N LYS C 436 -18.49 8.39 -42.61
CA LYS C 436 -17.47 7.55 -43.23
C LYS C 436 -16.55 6.90 -42.21
N MET C 437 -16.82 7.07 -40.92
CA MET C 437 -16.09 6.35 -39.89
C MET C 437 -16.92 5.30 -39.16
N GLY C 438 -18.20 5.12 -39.50
CA GLY C 438 -19.00 4.07 -38.93
C GLY C 438 -19.94 4.49 -37.82
N ASN C 439 -20.10 5.78 -37.60
CA ASN C 439 -20.89 6.31 -36.50
C ASN C 439 -22.15 6.98 -37.03
N SER C 440 -23.29 6.71 -36.37
CA SER C 440 -24.56 7.36 -36.70
C SER C 440 -24.39 8.87 -36.86
N VAL C 441 -24.69 9.36 -38.06
CA VAL C 441 -24.52 10.79 -38.33
C VAL C 441 -25.38 11.59 -37.35
N LYS C 442 -26.68 11.28 -37.32
CA LYS C 442 -27.58 11.98 -36.43
C LYS C 442 -27.17 11.78 -34.98
N GLY C 443 -26.72 10.57 -34.65
CA GLY C 443 -26.24 10.32 -33.30
C GLY C 443 -25.09 11.22 -32.94
N ILE C 444 -24.08 11.27 -33.81
CA ILE C 444 -22.94 12.14 -33.58
C ILE C 444 -23.38 13.59 -33.46
N HIS C 445 -24.29 14.02 -34.34
CA HIS C 445 -24.82 15.39 -34.28
C HIS C 445 -25.52 15.62 -32.95
N PHE C 446 -26.37 14.69 -32.54
CA PHE C 446 -27.07 14.82 -31.27
C PHE C 446 -26.11 14.96 -30.11
N CYS C 447 -25.06 14.13 -30.06
CA CYS C 447 -24.18 14.15 -28.89
C CYS C 447 -23.37 15.44 -28.80
N HIS C 448 -23.00 16.02 -29.93
CA HIS C 448 -22.33 17.33 -29.92
C HIS C 448 -23.28 18.41 -29.42
N ASP C 449 -24.51 18.41 -29.92
CA ASP C 449 -25.45 19.40 -29.46
C ASP C 449 -25.75 19.23 -27.98
N LEU C 450 -25.79 17.98 -27.51
CA LEU C 450 -26.17 17.72 -26.12
C LEU C 450 -25.20 18.38 -25.14
N VAL C 451 -23.89 18.17 -25.32
CA VAL C 451 -22.94 18.73 -24.36
C VAL C 451 -22.69 20.22 -24.60
N SER C 452 -22.89 20.70 -25.83
CA SER C 452 -22.83 22.14 -26.01
C SER C 452 -23.96 22.85 -25.27
N LEU C 453 -24.99 22.11 -24.83
CA LEU C 453 -26.12 22.70 -24.13
C LEU C 453 -26.14 22.41 -22.63
N CYS C 454 -25.52 21.33 -22.18
CA CYS C 454 -25.47 21.03 -20.76
C CYS C 454 -24.08 20.61 -20.34
N ASN C 455 -23.78 20.82 -19.06
CA ASN C 455 -22.44 20.58 -18.54
C ASN C 455 -22.18 19.11 -18.26
N PHE C 456 -22.58 18.23 -19.16
CA PHE C 456 -22.37 16.80 -18.96
C PHE C 456 -21.00 16.33 -19.42
N HIS C 457 -20.26 17.19 -20.15
CA HIS C 457 -18.92 16.83 -20.54
C HIS C 457 -18.15 16.40 -19.30
N ASN C 458 -17.35 15.35 -19.46
CA ASN C 458 -16.63 14.78 -18.33
C ASN C 458 -15.80 15.81 -17.60
N TYR C 459 -15.35 16.85 -18.28
CA TYR C 459 -14.51 17.84 -17.65
C TYR C 459 -15.12 19.23 -17.72
N ASP C 460 -16.44 19.29 -17.84
CA ASP C 460 -17.15 20.49 -17.45
C ASP C 460 -17.08 20.62 -15.94
N ASN C 461 -17.17 21.86 -15.45
CA ASN C 461 -17.23 22.09 -14.02
C ASN C 461 -18.69 22.17 -13.56
N LEU C 462 -18.99 21.50 -12.44
CA LEU C 462 -20.35 21.52 -11.87
C LEU C 462 -20.68 22.82 -11.15
N ARG C 463 -19.76 23.76 -11.05
CA ARG C 463 -20.02 25.05 -10.41
C ARG C 463 -19.93 26.20 -11.41
N HIS C 464 -18.90 26.22 -12.24
CA HIS C 464 -18.69 27.28 -13.22
C HIS C 464 -18.76 26.69 -14.62
N PHE C 465 -19.85 26.94 -15.33
CA PHE C 465 -20.02 26.34 -16.63
C PHE C 465 -20.57 27.31 -17.66
N ALA C 466 -20.22 28.58 -17.54
CA ALA C 466 -20.46 29.57 -18.61
C ALA C 466 -21.95 29.63 -18.90
N LYS C 467 -22.37 29.57 -20.16
CA LYS C 467 -23.76 29.70 -20.56
C LYS C 467 -24.46 28.35 -20.77
N LYS C 468 -23.89 27.26 -20.28
CA LYS C 468 -24.52 25.97 -20.36
C LYS C 468 -25.59 25.82 -19.27
N LEU C 469 -26.51 24.88 -19.48
CA LEU C 469 -27.49 24.50 -18.47
C LEU C 469 -26.98 23.36 -17.62
N ASP C 470 -27.57 23.22 -16.44
CA ASP C 470 -27.33 22.07 -15.58
C ASP C 470 -28.69 21.54 -15.15
N PRO C 471 -29.22 20.54 -15.85
CA PRO C 471 -30.54 20.00 -15.48
C PRO C 471 -30.60 19.38 -14.10
N ARG C 472 -29.45 19.14 -13.46
CA ARG C 472 -29.42 18.64 -12.08
C ARG C 472 -29.87 19.65 -11.03
N ARG C 473 -30.18 20.89 -11.42
CA ARG C 473 -30.51 21.95 -10.47
C ARG C 473 -31.76 22.68 -10.94
N GLU C 474 -32.34 23.47 -10.02
CA GLU C 474 -33.70 23.97 -10.20
C GLU C 474 -33.78 25.19 -11.10
N GLY C 475 -33.37 26.34 -10.60
CA GLY C 475 -33.44 27.57 -11.39
C GLY C 475 -33.75 28.81 -10.57
N PRO D 66 -16.97 -11.42 44.34
CA PRO D 66 -16.29 -11.54 43.04
C PRO D 66 -16.32 -12.97 42.52
N SER D 67 -16.54 -13.15 41.22
CA SER D 67 -16.42 -14.46 40.59
C SER D 67 -16.29 -14.25 39.08
N LEU D 68 -15.36 -15.01 38.50
CA LEU D 68 -14.79 -14.71 37.20
C LEU D 68 -15.84 -14.75 36.09
N GLU D 69 -16.77 -15.69 36.18
CA GLU D 69 -17.81 -15.78 35.17
C GLU D 69 -18.72 -14.55 35.22
N ASP D 70 -19.07 -14.11 36.45
CA ASP D 70 -19.88 -12.91 36.62
C ASP D 70 -19.16 -11.69 36.06
N LEU D 71 -17.89 -11.52 36.41
CA LEU D 71 -17.18 -10.33 35.97
C LEU D 71 -17.19 -10.24 34.45
N LEU D 72 -16.95 -11.37 33.78
CA LEU D 72 -17.07 -11.36 32.33
C LEU D 72 -18.50 -11.11 31.90
N PHE D 73 -19.49 -11.55 32.71
CA PHE D 73 -20.89 -11.36 32.36
C PHE D 73 -21.25 -9.88 32.25
N TYR D 74 -20.94 -9.09 33.28
CA TYR D 74 -21.37 -7.69 33.23
C TYR D 74 -20.53 -6.88 32.26
N THR D 75 -19.33 -7.36 31.90
CA THR D 75 -18.55 -6.67 30.87
C THR D 75 -19.26 -6.74 29.51
N ILE D 76 -19.90 -7.87 29.20
CA ILE D 76 -20.70 -7.96 27.98
C ILE D 76 -22.15 -7.57 28.23
N ALA D 77 -22.62 -7.69 29.47
CA ALA D 77 -24.06 -7.64 29.72
C ALA D 77 -24.63 -6.31 29.28
N GLU D 78 -23.81 -5.26 29.31
CA GLU D 78 -24.16 -3.84 29.15
C GLU D 78 -24.58 -3.30 30.52
N GLY D 79 -24.61 -4.14 31.55
CA GLY D 79 -25.37 -3.85 32.75
C GLY D 79 -26.84 -4.12 32.58
N GLN D 80 -27.24 -4.51 31.37
CA GLN D 80 -28.61 -4.82 31.04
C GLN D 80 -29.02 -6.21 31.51
N GLU D 81 -30.32 -6.45 31.30
CA GLU D 81 -31.08 -7.70 31.32
C GLU D 81 -30.28 -8.99 31.46
N LYS D 82 -30.17 -9.59 30.29
CA LYS D 82 -29.61 -10.87 29.93
C LYS D 82 -28.78 -10.57 28.69
N ILE D 83 -28.07 -11.55 28.16
CA ILE D 83 -27.31 -11.31 26.94
C ILE D 83 -27.98 -12.10 25.81
N PRO D 84 -28.44 -11.46 24.75
CA PRO D 84 -28.82 -12.25 23.57
C PRO D 84 -27.60 -13.07 23.17
N VAL D 85 -27.81 -14.27 22.63
CA VAL D 85 -26.62 -15.10 22.45
C VAL D 85 -25.93 -14.83 21.13
N HIS D 86 -26.58 -14.16 20.19
CA HIS D 86 -25.86 -13.63 19.05
C HIS D 86 -24.95 -12.49 19.46
N LYS D 87 -25.40 -11.67 20.42
CA LYS D 87 -24.54 -10.59 20.87
C LYS D 87 -23.34 -11.14 21.61
N PHE D 88 -23.49 -12.27 22.28
CA PHE D 88 -22.31 -12.85 22.91
C PHE D 88 -21.40 -13.45 21.85
N ILE D 89 -21.97 -14.01 20.80
CA ILE D 89 -21.13 -14.70 19.84
C ILE D 89 -20.51 -13.74 18.84
N THR D 90 -21.16 -12.61 18.52
CA THR D 90 -20.44 -11.68 17.66
C THR D 90 -19.36 -10.95 18.44
N ALA D 91 -19.58 -10.75 19.75
CA ALA D 91 -18.52 -10.28 20.63
C ALA D 91 -17.37 -11.27 20.69
N LEU D 92 -17.68 -12.57 20.72
CA LEU D 92 -16.63 -13.57 20.78
C LEU D 92 -15.87 -13.66 19.47
N LYS D 93 -16.60 -13.65 18.35
CA LYS D 93 -15.92 -13.80 17.06
C LYS D 93 -15.05 -12.60 16.74
N SER D 94 -15.40 -11.42 17.26
CA SER D 94 -14.63 -10.23 16.93
C SER D 94 -13.32 -10.17 17.69
N THR D 95 -13.16 -11.00 18.73
CA THR D 95 -11.81 -11.22 19.22
C THR D 95 -10.98 -12.06 18.25
N GLY D 96 -11.57 -12.56 17.17
CA GLY D 96 -10.84 -13.37 16.24
C GLY D 96 -10.91 -14.86 16.52
N LEU D 97 -11.31 -15.27 17.72
CA LEU D 97 -11.54 -16.68 17.94
C LEU D 97 -12.66 -17.18 17.01
N ARG D 98 -12.68 -18.49 16.81
CA ARG D 98 -13.73 -19.12 16.03
C ARG D 98 -14.56 -20.00 16.94
N THR D 99 -15.88 -20.02 16.71
CA THR D 99 -16.72 -20.86 17.57
C THR D 99 -16.33 -22.33 17.45
N SER D 100 -15.59 -22.67 16.39
CA SER D 100 -15.11 -24.03 16.19
C SER D 100 -13.81 -24.32 16.94
N ASP D 101 -13.25 -23.35 17.66
CA ASP D 101 -12.04 -23.57 18.43
C ASP D 101 -12.18 -24.80 19.32
N PRO D 102 -11.21 -25.71 19.32
CA PRO D 102 -11.30 -26.87 20.21
C PRO D 102 -11.31 -26.52 21.69
N ARG D 103 -10.67 -25.42 22.09
CA ARG D 103 -10.69 -25.00 23.50
C ARG D 103 -12.01 -24.33 23.92
N LEU D 104 -12.95 -24.19 23.00
CA LEU D 104 -14.28 -23.65 23.29
C LEU D 104 -15.40 -24.68 23.08
N LYS D 105 -15.07 -25.96 22.91
CA LYS D 105 -16.09 -26.89 22.45
C LYS D 105 -17.16 -27.09 23.51
N GLU D 106 -16.76 -27.17 24.79
CA GLU D 106 -17.74 -27.31 25.86
C GLU D 106 -18.69 -26.11 25.96
N CYS D 107 -18.20 -24.89 25.70
CA CYS D 107 -19.07 -23.73 25.78
C CYS D 107 -20.10 -23.72 24.68
N MET D 108 -19.71 -24.09 23.46
CA MET D 108 -20.66 -24.08 22.37
C MET D 108 -21.50 -25.34 22.35
N ASP D 109 -21.05 -26.41 23.00
CA ASP D 109 -21.93 -27.55 23.17
C ASP D 109 -23.07 -27.20 24.11
N MET D 110 -22.75 -26.48 25.18
CA MET D 110 -23.76 -26.10 26.15
C MET D 110 -24.54 -24.87 25.73
N LEU D 111 -24.12 -24.19 24.68
CA LEU D 111 -24.98 -23.14 24.18
C LEU D 111 -25.96 -23.68 23.16
N ARG D 112 -25.50 -24.59 22.30
CA ARG D 112 -26.44 -25.26 21.41
C ARG D 112 -27.41 -26.12 22.20
N LEU D 113 -26.96 -26.65 23.34
CA LEU D 113 -27.84 -27.44 24.16
C LEU D 113 -28.91 -26.58 24.82
N THR D 114 -28.50 -25.49 25.49
CA THR D 114 -29.54 -24.71 26.16
C THR D 114 -30.36 -23.89 25.19
N LEU D 115 -29.99 -23.85 23.90
CA LEU D 115 -30.91 -23.29 22.92
C LEU D 115 -31.80 -24.36 22.34
N GLN D 116 -31.87 -25.49 23.03
CA GLN D 116 -32.90 -26.50 22.88
C GLN D 116 -33.71 -26.68 24.17
N THR D 117 -33.08 -26.49 25.32
CA THR D 117 -33.75 -26.56 26.61
C THR D 117 -34.86 -25.54 26.71
N THR D 118 -34.66 -24.37 26.12
CA THR D 118 -35.76 -23.47 25.83
C THR D 118 -35.46 -22.92 24.44
N SER D 119 -36.18 -23.46 23.44
CA SER D 119 -36.09 -23.16 22.00
C SER D 119 -36.47 -21.73 21.62
N ASP D 120 -36.47 -20.85 22.60
CA ASP D 120 -37.37 -19.71 22.61
C ASP D 120 -36.90 -18.73 23.65
N GLY D 121 -35.75 -18.12 23.44
CA GLY D 121 -35.21 -17.25 24.45
C GLY D 121 -35.17 -15.81 23.99
N VAL D 122 -34.09 -15.45 23.32
CA VAL D 122 -32.89 -16.28 23.28
C VAL D 122 -31.88 -15.94 24.41
N MET D 123 -32.31 -15.24 25.46
CA MET D 123 -31.43 -14.47 26.33
C MET D 123 -30.83 -15.28 27.49
N LEU D 124 -29.81 -14.71 28.13
CA LEU D 124 -28.88 -15.46 28.97
C LEU D 124 -28.82 -14.86 30.36
N ASP D 125 -29.16 -15.67 31.37
CA ASP D 125 -29.16 -15.16 32.72
C ASP D 125 -27.73 -15.06 33.22
N LYS D 126 -27.59 -14.50 34.42
CA LYS D 126 -26.27 -14.46 35.05
C LYS D 126 -25.82 -15.87 35.43
N ASP D 127 -26.77 -16.74 35.80
CA ASP D 127 -26.45 -18.12 36.14
C ASP D 127 -26.46 -19.03 34.93
N LEU D 128 -27.19 -18.66 33.87
CA LEU D 128 -27.19 -19.39 32.60
C LEU D 128 -25.90 -19.14 31.81
N PHE D 129 -25.43 -17.90 31.77
CA PHE D 129 -24.09 -17.62 31.25
C PHE D 129 -23.04 -18.38 32.04
N LYS D 130 -23.25 -18.53 33.34
CA LYS D 130 -22.19 -19.11 34.16
C LYS D 130 -21.96 -20.58 33.84
N LYS D 131 -23.00 -21.30 33.43
CA LYS D 131 -22.85 -22.74 33.19
C LYS D 131 -22.53 -23.10 31.74
N CYS D 132 -22.45 -22.12 30.84
CA CYS D 132 -21.96 -22.34 29.49
C CYS D 132 -20.48 -22.01 29.35
N VAL D 133 -20.02 -20.98 30.05
CA VAL D 133 -18.63 -20.57 29.96
C VAL D 133 -17.80 -21.12 31.11
N GLN D 134 -18.42 -21.86 32.05
CA GLN D 134 -17.71 -22.28 33.25
C GLN D 134 -16.48 -23.11 32.89
N SER D 135 -16.59 -23.99 31.91
CA SER D 135 -15.48 -24.87 31.59
C SER D 135 -14.39 -24.15 30.81
N ASN D 136 -14.70 -23.01 30.17
CA ASN D 136 -13.78 -22.36 29.24
C ASN D 136 -13.41 -20.94 29.67
N ILE D 137 -13.64 -20.58 30.95
CA ILE D 137 -13.68 -19.17 31.32
C ILE D 137 -12.31 -18.52 31.24
N VAL D 138 -11.24 -19.28 31.49
CA VAL D 138 -9.91 -18.67 31.51
C VAL D 138 -9.52 -18.18 30.12
N LEU D 139 -9.90 -18.93 29.09
CA LEU D 139 -9.63 -18.48 27.73
C LEU D 139 -10.58 -17.39 27.28
N LEU D 140 -11.83 -17.42 27.73
CA LEU D 140 -12.76 -16.40 27.25
C LEU D 140 -12.45 -15.05 27.85
N THR D 141 -11.82 -15.04 29.02
CA THR D 141 -11.54 -13.76 29.63
C THR D 141 -10.37 -13.08 28.96
N GLN D 142 -9.31 -13.84 28.69
CA GLN D 142 -8.21 -13.26 27.94
C GLN D 142 -8.68 -12.78 26.59
N ALA D 143 -9.67 -13.44 26.01
CA ALA D 143 -10.28 -12.96 24.78
C ALA D 143 -11.05 -11.66 25.01
N PHE D 144 -11.78 -11.57 26.11
CA PHE D 144 -12.62 -10.40 26.28
C PHE D 144 -11.93 -9.28 27.05
N ARG D 145 -10.95 -9.59 27.90
CA ARG D 145 -10.13 -8.56 28.53
C ARG D 145 -9.01 -8.08 27.60
N ARG D 146 -9.16 -8.37 26.31
CA ARG D 146 -8.25 -7.92 25.26
C ARG D 146 -6.81 -8.23 25.63
N LYS D 147 -6.58 -9.45 26.12
CA LYS D 147 -5.25 -9.86 26.55
C LYS D 147 -4.56 -10.83 25.58
N PHE D 148 -5.08 -10.97 24.36
CA PHE D 148 -4.40 -11.77 23.37
C PHE D 148 -3.28 -10.95 22.71
N VAL D 149 -2.40 -11.65 21.99
CA VAL D 149 -1.19 -11.03 21.49
C VAL D 149 -1.50 -9.93 20.47
N ILE D 150 -2.63 -10.01 19.79
CA ILE D 150 -3.15 -8.91 18.98
C ILE D 150 -4.50 -8.48 19.56
N PRO D 151 -4.54 -7.38 20.33
CA PRO D 151 -5.80 -7.04 21.00
C PRO D 151 -6.89 -6.55 20.05
N ASP D 152 -6.53 -5.73 19.05
CA ASP D 152 -7.51 -5.17 18.13
C ASP D 152 -7.45 -5.96 16.82
N PHE D 153 -8.00 -7.16 16.87
CA PHE D 153 -7.94 -8.05 15.73
C PHE D 153 -8.73 -7.50 14.54
N MET D 154 -9.72 -6.65 14.79
CA MET D 154 -10.55 -6.15 13.69
C MET D 154 -9.76 -5.20 12.80
N SER D 155 -8.84 -4.45 13.40
CA SER D 155 -7.99 -3.52 12.69
C SER D 155 -7.01 -4.28 11.81
N PHE D 156 -6.39 -5.24 12.45
CA PHE D 156 -5.33 -6.01 11.85
C PHE D 156 -5.84 -6.81 10.67
N THR D 157 -7.00 -7.44 10.79
CA THR D 157 -7.49 -8.14 9.61
C THR D 157 -7.85 -7.15 8.52
N SER D 158 -8.31 -5.96 8.90
CA SER D 158 -8.61 -4.96 7.88
C SER D 158 -7.35 -4.60 7.12
N HIS D 159 -6.21 -4.60 7.82
CA HIS D 159 -4.90 -4.42 7.17
C HIS D 159 -4.51 -5.62 6.32
N ILE D 160 -4.69 -6.83 6.85
CA ILE D 160 -4.37 -8.04 6.09
C ILE D 160 -5.11 -8.02 4.76
N ASP D 161 -6.34 -7.50 4.76
CA ASP D 161 -7.13 -7.47 3.52
C ASP D 161 -6.46 -6.56 2.49
N GLU D 162 -6.03 -5.38 2.91
CA GLU D 162 -5.34 -4.48 2.00
C GLU D 162 -4.02 -5.08 1.56
N LEU D 163 -3.30 -5.75 2.47
CA LEU D 163 -2.10 -6.46 2.06
C LEU D 163 -2.42 -7.52 1.01
N TYR D 164 -3.48 -8.30 1.25
CA TYR D 164 -3.93 -9.32 0.31
C TYR D 164 -4.29 -8.73 -1.05
N GLU D 165 -4.99 -7.59 -1.05
CA GLU D 165 -5.50 -7.03 -2.29
C GLU D 165 -4.39 -6.32 -3.07
N SER D 166 -3.37 -5.84 -2.38
CA SER D 166 -2.24 -5.26 -3.11
C SER D 166 -1.38 -6.33 -3.74
N ALA D 167 -1.24 -7.47 -3.08
CA ALA D 167 -0.59 -8.60 -3.74
C ALA D 167 -1.44 -9.20 -4.84
N LYS D 168 -2.76 -9.00 -4.82
CA LYS D 168 -3.59 -9.66 -5.83
C LYS D 168 -3.35 -9.07 -7.21
N LYS D 169 -2.87 -7.82 -7.30
CA LYS D 169 -2.65 -7.19 -8.60
C LYS D 169 -1.26 -7.48 -9.17
N GLN D 170 -0.55 -8.49 -8.65
CA GLN D 170 0.76 -8.88 -9.17
C GLN D 170 0.63 -10.12 -10.04
N SER D 171 0.47 -9.91 -11.35
CA SER D 171 0.18 -10.99 -12.28
C SER D 171 1.43 -11.73 -12.75
N GLY D 172 2.62 -11.30 -12.34
CA GLY D 172 3.85 -11.96 -12.73
C GLY D 172 3.97 -13.38 -12.22
N GLY D 173 4.98 -14.07 -12.72
CA GLY D 173 5.29 -15.40 -12.25
C GLY D 173 4.76 -16.46 -13.20
N LYS D 174 5.29 -17.67 -13.06
CA LYS D 174 4.79 -18.81 -13.81
C LYS D 174 4.62 -20.03 -12.90
N VAL D 175 3.51 -20.75 -13.13
CA VAL D 175 3.17 -21.91 -12.32
C VAL D 175 4.09 -23.06 -12.66
N ALA D 176 4.42 -23.87 -11.65
CA ALA D 176 5.32 -24.99 -11.90
C ALA D 176 4.68 -25.97 -12.87
N ASP D 177 5.31 -26.15 -14.03
CA ASP D 177 4.82 -27.12 -15.00
C ASP D 177 5.61 -28.43 -14.92
N TYR D 178 6.42 -28.58 -13.86
CA TYR D 178 7.22 -29.78 -13.61
C TYR D 178 6.41 -31.06 -13.81
N ILE D 179 5.21 -31.09 -13.23
CA ILE D 179 4.34 -32.25 -13.32
C ILE D 179 2.96 -31.72 -13.72
N PRO D 180 2.12 -32.52 -14.38
CA PRO D 180 0.77 -32.03 -14.71
C PRO D 180 -0.04 -31.64 -13.48
N GLN D 181 0.39 -32.06 -12.29
CA GLN D 181 -0.34 -31.83 -11.04
C GLN D 181 -0.24 -30.40 -10.53
N LEU D 182 0.83 -29.68 -10.85
CA LEU D 182 0.92 -28.28 -10.47
C LEU D 182 0.54 -27.33 -11.59
N ALA D 183 0.64 -27.76 -12.86
CA ALA D 183 0.19 -26.94 -13.97
C ALA D 183 -1.33 -26.82 -13.98
N LYS D 184 -2.03 -27.85 -13.50
CA LYS D 184 -3.47 -27.76 -13.27
C LYS D 184 -3.90 -26.46 -12.57
N PHE D 185 -3.10 -25.95 -11.62
CA PHE D 185 -3.54 -24.86 -10.74
C PHE D 185 -3.61 -23.51 -11.46
N SER D 186 -4.67 -22.76 -11.15
CA SER D 186 -4.91 -21.48 -11.81
C SER D 186 -3.92 -20.44 -11.28
N PRO D 187 -3.37 -19.58 -12.14
CA PRO D 187 -2.48 -18.52 -11.65
C PRO D 187 -3.16 -17.50 -10.76
N ASP D 188 -4.49 -17.49 -10.73
CA ASP D 188 -5.23 -16.49 -9.98
C ASP D 188 -5.67 -16.96 -8.60
N LEU D 189 -5.35 -18.20 -8.24
CA LEU D 189 -5.53 -18.63 -6.87
C LEU D 189 -4.57 -17.85 -5.98
N TRP D 190 -5.07 -17.35 -4.86
CA TRP D 190 -4.31 -16.47 -3.98
C TRP D 190 -5.01 -16.47 -2.64
N GLY D 191 -4.39 -17.07 -1.65
CA GLY D 191 -4.99 -17.20 -0.34
C GLY D 191 -3.99 -16.86 0.73
N VAL D 192 -4.47 -16.14 1.73
CA VAL D 192 -3.69 -15.77 2.90
C VAL D 192 -4.53 -16.08 4.13
N SER D 193 -3.92 -16.77 5.09
CA SER D 193 -4.60 -17.18 6.30
C SER D 193 -3.71 -16.91 7.50
N VAL D 194 -4.31 -16.44 8.58
CA VAL D 194 -3.59 -16.08 9.80
C VAL D 194 -4.04 -16.97 10.95
N CYS D 195 -3.08 -17.33 11.81
CA CYS D 195 -3.39 -17.92 13.11
C CYS D 195 -2.37 -17.42 14.13
N THR D 196 -2.85 -16.83 15.22
CA THR D 196 -1.99 -16.22 16.23
C THR D 196 -1.58 -17.24 17.28
N ALA D 197 -0.62 -16.84 18.12
CA ALA D 197 -0.18 -17.67 19.23
C ALA D 197 -1.30 -17.92 20.25
N ASP D 198 -2.43 -17.25 20.11
CA ASP D 198 -3.55 -17.44 21.02
C ASP D 198 -4.73 -18.11 20.35
N GLY D 199 -4.66 -18.35 19.04
CA GLY D 199 -5.72 -19.01 18.32
C GLY D 199 -6.60 -18.11 17.48
N GLN D 200 -6.36 -16.81 17.44
CA GLN D 200 -7.18 -15.94 16.62
C GLN D 200 -6.89 -16.18 15.15
N ARG D 201 -7.93 -16.23 14.35
CA ARG D 201 -7.80 -16.61 12.95
C ARG D 201 -8.42 -15.54 12.06
N HIS D 202 -7.91 -15.48 10.82
CA HIS D 202 -8.48 -14.70 9.75
C HIS D 202 -7.96 -15.26 8.43
N SER D 203 -8.82 -15.25 7.42
CA SER D 203 -8.40 -15.66 6.11
C SER D 203 -9.06 -14.77 5.07
N THR D 204 -8.46 -14.76 3.89
CA THR D 204 -8.86 -13.95 2.75
C THR D 204 -8.40 -14.69 1.51
N GLY D 205 -9.24 -14.70 0.48
CA GLY D 205 -8.89 -15.43 -0.72
C GLY D 205 -9.15 -16.92 -0.56
N ASP D 206 -8.39 -17.70 -1.34
CA ASP D 206 -8.65 -19.13 -1.54
C ASP D 206 -7.99 -19.98 -0.44
N THR D 207 -8.53 -19.83 0.76
CA THR D 207 -7.88 -20.34 1.96
C THR D 207 -8.28 -21.76 2.34
N LYS D 208 -9.29 -22.38 1.72
CA LYS D 208 -9.47 -23.81 1.95
C LYS D 208 -9.40 -24.59 0.64
N VAL D 209 -8.51 -24.18 -0.26
CA VAL D 209 -8.17 -24.97 -1.45
C VAL D 209 -6.95 -25.82 -1.16
N PRO D 210 -6.99 -27.13 -1.35
CA PRO D 210 -5.82 -27.95 -0.99
C PRO D 210 -4.70 -27.81 -1.99
N PHE D 211 -3.48 -27.88 -1.46
CA PHE D 211 -2.24 -27.90 -2.24
C PHE D 211 -1.20 -28.64 -1.42
N CYS D 212 -0.14 -29.11 -2.09
CA CYS D 212 0.86 -29.89 -1.38
C CYS D 212 1.93 -29.00 -0.77
N LEU D 213 2.50 -29.46 0.33
CA LEU D 213 3.51 -28.68 1.00
C LEU D 213 4.72 -28.50 0.10
N GLN D 214 5.03 -29.52 -0.69
CA GLN D 214 6.33 -29.69 -1.36
C GLN D 214 7.42 -29.37 -0.36
N SER D 215 8.24 -28.40 -0.67
CA SER D 215 9.37 -28.17 0.20
C SER D 215 9.02 -27.34 1.43
N CYS D 216 7.75 -26.97 1.61
CA CYS D 216 7.34 -26.48 2.92
C CYS D 216 7.32 -27.57 3.97
N VAL D 217 7.52 -28.84 3.60
CA VAL D 217 7.57 -29.85 4.64
C VAL D 217 8.94 -29.97 5.27
N LYS D 218 9.98 -29.40 4.64
CA LYS D 218 11.34 -29.61 5.13
C LYS D 218 11.53 -29.08 6.54
N PRO D 219 11.12 -27.86 6.87
CA PRO D 219 11.21 -27.42 8.27
C PRO D 219 10.44 -28.33 9.23
N LEU D 220 9.28 -28.83 8.80
CA LEU D 220 8.50 -29.64 9.72
C LEU D 220 9.14 -31.01 9.96
N LYS D 221 9.63 -31.68 8.91
CA LYS D 221 10.26 -32.96 9.20
C LYS D 221 11.55 -32.76 9.97
N TYR D 222 12.24 -31.64 9.72
CA TYR D 222 13.39 -31.32 10.55
C TYR D 222 12.95 -31.16 12.00
N ALA D 223 11.85 -30.46 12.24
CA ALA D 223 11.42 -30.31 13.61
C ALA D 223 11.11 -31.67 14.22
N ILE D 224 10.40 -32.53 13.48
CA ILE D 224 10.11 -33.87 13.99
C ILE D 224 11.40 -34.58 14.38
N ALA D 225 12.41 -34.46 13.51
CA ALA D 225 13.68 -35.14 13.76
C ALA D 225 14.34 -34.63 15.03
N VAL D 226 14.44 -33.30 15.17
CA VAL D 226 15.11 -32.76 16.34
C VAL D 226 14.31 -33.03 17.61
N ASN D 227 12.97 -33.02 17.51
CA ASN D 227 12.13 -33.34 18.65
C ASN D 227 12.38 -34.77 19.14
N ASP D 228 12.50 -35.73 18.21
CA ASP D 228 12.70 -37.11 18.66
C ASP D 228 14.16 -37.41 18.98
N LEU D 229 15.10 -36.81 18.25
CA LEU D 229 16.49 -37.21 18.33
C LEU D 229 17.41 -36.15 18.88
N GLY D 230 16.98 -34.92 18.98
CA GLY D 230 17.89 -33.98 19.61
C GLY D 230 18.81 -33.33 18.58
N THR D 231 19.24 -32.13 18.91
CA THR D 231 20.00 -31.33 17.95
C THR D 231 21.30 -32.02 17.54
N GLU D 232 22.05 -32.55 18.52
CA GLU D 232 23.41 -33.01 18.25
C GLU D 232 23.42 -34.21 17.32
N TYR D 233 22.47 -35.12 17.47
CA TYR D 233 22.40 -36.27 16.58
C TYR D 233 22.02 -35.84 15.18
N VAL D 234 20.94 -35.07 15.05
CA VAL D 234 20.44 -34.66 13.75
C VAL D 234 21.55 -34.00 12.95
N HIS D 235 22.34 -33.15 13.60
CA HIS D 235 23.34 -32.39 12.86
C HIS D 235 24.67 -33.13 12.77
N ARG D 236 24.70 -34.41 13.15
CA ARG D 236 25.76 -35.27 12.67
C ARG D 236 25.65 -35.46 11.17
N TYR D 237 24.44 -35.33 10.62
CA TYR D 237 24.15 -35.71 9.25
C TYR D 237 23.81 -34.53 8.37
N VAL D 238 23.58 -33.36 8.95
CA VAL D 238 23.17 -32.20 8.18
C VAL D 238 23.80 -30.98 8.81
N GLY D 239 24.24 -30.04 7.96
CA GLY D 239 24.82 -28.81 8.44
C GLY D 239 23.74 -27.89 8.98
N LYS D 240 24.17 -26.66 9.32
CA LYS D 240 23.25 -25.67 9.84
C LYS D 240 23.54 -24.29 9.30
N GLU D 241 24.03 -24.18 8.07
CA GLU D 241 24.36 -22.88 7.53
C GLU D 241 23.89 -22.81 6.09
N PRO D 242 23.66 -21.60 5.58
CA PRO D 242 23.37 -21.47 4.15
C PRO D 242 24.62 -21.65 3.31
N SER D 243 24.43 -22.23 2.12
CA SER D 243 25.55 -22.60 1.27
C SER D 243 26.32 -21.39 0.78
N GLY D 244 25.60 -20.39 0.28
CA GLY D 244 26.12 -19.24 -0.45
C GLY D 244 25.76 -19.47 -1.91
N LEU D 245 25.45 -18.40 -2.63
CA LEU D 245 24.84 -18.53 -3.94
C LEU D 245 25.78 -18.92 -5.05
N ARG D 246 26.87 -19.58 -4.74
CA ARG D 246 27.36 -20.42 -5.81
C ARG D 246 27.02 -21.89 -5.59
N PHE D 247 26.58 -22.25 -4.39
CA PHE D 247 26.42 -23.65 -4.03
C PHE D 247 24.96 -24.08 -4.00
N ASN D 248 24.11 -23.41 -4.77
CA ASN D 248 22.80 -23.92 -5.19
C ASN D 248 22.89 -25.29 -5.83
N LYS D 249 24.09 -25.65 -6.23
CA LYS D 249 24.38 -26.64 -7.25
C LYS D 249 25.07 -27.85 -6.66
N LEU D 250 25.73 -27.65 -5.49
CA LEU D 250 26.51 -28.64 -4.77
C LEU D 250 25.64 -29.29 -3.70
N PHE D 251 25.97 -30.53 -3.35
CA PHE D 251 25.12 -31.21 -2.37
C PHE D 251 25.70 -31.19 -0.97
N LEU D 252 27.03 -31.17 -0.85
CA LEU D 252 27.68 -31.37 0.44
C LEU D 252 28.65 -30.24 0.74
N ASN D 253 28.72 -29.85 2.01
CA ASN D 253 29.73 -28.94 2.51
C ASN D 253 31.02 -29.75 2.71
N GLU D 254 32.01 -29.19 3.40
CA GLU D 254 33.30 -29.87 3.42
C GLU D 254 33.47 -30.86 4.57
N ASP D 255 32.47 -31.01 5.43
CA ASP D 255 32.43 -32.15 6.32
C ASP D 255 31.61 -33.28 5.74
N ASP D 256 31.31 -33.18 4.44
CA ASP D 256 30.59 -34.20 3.69
C ASP D 256 29.18 -34.41 4.23
N LYS D 257 28.61 -33.36 4.81
CA LYS D 257 27.22 -33.24 5.22
C LYS D 257 26.49 -32.30 4.27
N PRO D 258 25.24 -32.56 3.92
CA PRO D 258 24.47 -31.55 3.20
C PRO D 258 24.45 -30.25 3.99
N HIS D 259 24.24 -29.15 3.29
CA HIS D 259 24.52 -27.85 3.88
C HIS D 259 23.62 -27.55 5.07
N ASN D 260 22.37 -27.94 4.99
CA ASN D 260 21.37 -27.59 5.98
C ASN D 260 20.08 -28.33 5.63
N PRO D 261 19.16 -28.47 6.59
CA PRO D 261 17.94 -29.23 6.34
C PRO D 261 16.99 -28.61 5.32
N MET D 262 17.18 -27.38 4.88
CA MET D 262 16.18 -26.76 4.01
C MET D 262 16.43 -26.98 2.51
N VAL D 263 17.54 -27.57 2.11
CA VAL D 263 17.76 -27.82 0.70
C VAL D 263 17.63 -29.32 0.46
N ASN D 264 17.31 -29.68 -0.78
CA ASN D 264 16.78 -31.01 -1.05
C ASN D 264 17.68 -32.10 -0.50
N ALA D 265 19.00 -31.98 -0.71
CA ALA D 265 19.91 -33.00 -0.19
C ALA D 265 19.78 -33.12 1.32
N GLY D 266 19.57 -32.00 2.01
CA GLY D 266 19.52 -32.04 3.45
C GLY D 266 18.23 -32.62 3.97
N ALA D 267 17.10 -32.20 3.38
CA ALA D 267 15.82 -32.78 3.70
C ALA D 267 15.86 -34.30 3.55
N ILE D 268 16.38 -34.77 2.41
CA ILE D 268 16.42 -36.19 2.12
C ILE D 268 17.20 -36.94 3.20
N VAL D 269 18.33 -36.37 3.63
CA VAL D 269 19.08 -36.97 4.73
C VAL D 269 18.25 -36.93 6.01
N VAL D 270 17.61 -35.79 6.28
CA VAL D 270 16.76 -35.69 7.46
C VAL D 270 15.64 -36.71 7.38
N THR D 271 15.05 -36.85 6.19
CA THR D 271 14.01 -37.85 6.00
C THR D 271 14.51 -39.21 6.42
N SER D 272 15.80 -39.47 6.22
CA SER D 272 16.40 -40.72 6.63
C SER D 272 16.46 -40.91 8.14
N LEU D 273 16.27 -39.86 8.95
CA LEU D 273 16.49 -39.99 10.38
C LEU D 273 15.22 -40.27 11.17
N ILE D 274 14.07 -39.86 10.63
CA ILE D 274 12.80 -40.03 11.31
C ILE D 274 12.46 -41.50 11.36
N LYS D 275 12.22 -42.03 12.56
CA LYS D 275 11.57 -43.33 12.73
C LYS D 275 12.34 -44.43 12.01
N GLN D 276 13.64 -44.55 12.31
CA GLN D 276 14.41 -45.63 11.70
C GLN D 276 13.93 -46.99 12.22
N GLY D 277 14.25 -48.03 11.46
CA GLY D 277 13.91 -49.38 11.88
C GLY D 277 12.46 -49.78 11.64
N VAL D 278 11.66 -48.89 11.06
CA VAL D 278 10.25 -49.15 10.78
C VAL D 278 9.99 -48.98 9.29
N ASN D 279 8.95 -49.62 8.81
CA ASN D 279 8.66 -49.56 7.39
C ASN D 279 8.03 -48.22 7.02
N ASN D 280 7.91 -47.97 5.71
CA ASN D 280 7.50 -46.66 5.21
C ASN D 280 6.03 -46.35 5.46
N ALA D 281 5.18 -47.36 5.66
CA ALA D 281 3.78 -47.04 5.93
C ALA D 281 3.61 -46.46 7.33
N GLU D 282 4.26 -47.06 8.33
CA GLU D 282 4.20 -46.52 9.68
C GLU D 282 4.95 -45.19 9.77
N LYS D 283 6.13 -45.11 9.14
CA LYS D 283 6.89 -43.87 9.14
C LYS D 283 6.05 -42.70 8.67
N PHE D 284 5.41 -42.85 7.50
CA PHE D 284 4.55 -41.80 6.98
C PHE D 284 3.48 -41.47 7.98
N ASP D 285 2.96 -42.50 8.63
CA ASP D 285 1.83 -42.37 9.50
C ASP D 285 2.25 -41.64 10.78
N TYR D 286 3.46 -41.93 11.26
CA TYR D 286 4.04 -41.20 12.39
C TYR D 286 4.23 -39.72 12.05
N VAL D 287 4.64 -39.41 10.82
CA VAL D 287 4.71 -37.99 10.46
C VAL D 287 3.31 -37.40 10.34
N MET D 288 2.35 -38.18 9.86
CA MET D 288 1.01 -37.62 9.71
C MET D 288 0.38 -37.32 11.08
N GLN D 289 0.70 -38.14 12.08
CA GLN D 289 0.21 -37.86 13.43
C GLN D 289 0.77 -36.54 13.95
N PHE D 290 2.04 -36.28 13.67
CA PHE D 290 2.65 -35.02 14.06
C PHE D 290 1.99 -33.84 13.36
N LEU D 291 1.81 -33.94 12.05
CA LEU D 291 1.28 -32.77 11.34
C LEU D 291 -0.16 -32.52 11.72
N ASN D 292 -0.91 -33.58 12.03
CA ASN D 292 -2.24 -33.36 12.54
C ASN D 292 -2.19 -32.60 13.87
N LYS D 293 -1.26 -33.00 14.74
CA LYS D 293 -1.11 -32.32 16.03
C LYS D 293 -0.66 -30.87 15.85
N MET D 294 0.24 -30.62 14.91
CA MET D 294 0.67 -29.24 14.72
C MET D 294 -0.45 -28.34 14.19
N ALA D 295 -1.43 -28.93 13.50
CA ALA D 295 -2.48 -28.14 12.86
C ALA D 295 -3.77 -28.12 13.66
N GLY D 296 -3.74 -28.64 14.89
CA GLY D 296 -4.96 -28.78 15.65
C GLY D 296 -5.98 -29.64 14.97
N ASN D 297 -5.52 -30.61 14.17
CA ASN D 297 -6.40 -31.55 13.47
C ASN D 297 -7.27 -30.86 12.43
N GLU D 298 -6.81 -29.76 11.86
CA GLU D 298 -7.43 -29.24 10.66
C GLU D 298 -6.90 -30.05 9.47
N TYR D 299 -7.22 -29.60 8.27
CA TYR D 299 -7.02 -30.48 7.13
C TYR D 299 -5.53 -30.66 6.85
N VAL D 300 -5.06 -31.90 6.87
CA VAL D 300 -3.79 -32.21 6.25
C VAL D 300 -3.96 -33.56 5.55
N GLY D 301 -3.78 -33.58 4.24
CA GLY D 301 -4.02 -34.77 3.46
C GLY D 301 -2.80 -35.28 2.71
N PHE D 302 -3.04 -35.89 1.55
CA PHE D 302 -2.01 -36.55 0.78
C PHE D 302 -2.48 -36.66 -0.67
N SER D 303 -1.68 -36.18 -1.60
CA SER D 303 -2.10 -36.18 -2.99
C SER D 303 -1.32 -37.30 -3.67
N ASN D 304 -1.99 -38.43 -3.87
CA ASN D 304 -1.30 -39.51 -4.55
C ASN D 304 -1.01 -39.15 -5.99
N ALA D 305 -1.77 -38.23 -6.57
CA ALA D 305 -1.46 -37.75 -7.91
C ALA D 305 -0.05 -37.18 -7.96
N THR D 306 0.23 -36.19 -7.12
CA THR D 306 1.54 -35.56 -7.08
C THR D 306 2.65 -36.54 -6.71
N PHE D 307 2.37 -37.46 -5.78
CA PHE D 307 3.42 -38.37 -5.33
C PHE D 307 3.90 -39.24 -6.47
N GLN D 308 2.98 -39.72 -7.31
CA GLN D 308 3.43 -40.60 -8.40
C GLN D 308 4.13 -39.81 -9.50
N SER D 309 3.75 -38.54 -9.71
CA SER D 309 4.47 -37.74 -10.71
C SER D 309 5.82 -37.29 -10.20
N GLU D 310 5.96 -37.11 -8.88
CA GLU D 310 7.28 -36.81 -8.32
C GLU D 310 8.14 -38.07 -8.27
N ARG D 311 7.49 -39.22 -8.42
CA ARG D 311 8.17 -40.51 -8.54
C ARG D 311 8.72 -40.71 -9.94
N GLU D 312 8.07 -40.14 -10.95
CA GLU D 312 8.48 -40.27 -12.35
C GLU D 312 9.61 -39.33 -12.72
N SER D 313 9.65 -38.14 -12.10
CA SER D 313 10.44 -37.02 -12.60
C SER D 313 11.44 -36.56 -11.56
N GLY D 314 11.92 -37.47 -10.74
CA GLY D 314 12.80 -37.07 -9.68
C GLY D 314 14.20 -37.59 -9.89
N ASP D 315 14.68 -37.42 -11.13
CA ASP D 315 16.04 -37.85 -11.42
C ASP D 315 17.04 -37.17 -10.50
N ARG D 316 16.76 -35.95 -10.05
CA ARG D 316 17.73 -35.26 -9.22
C ARG D 316 17.77 -35.80 -7.82
N ASN D 317 16.60 -36.08 -7.26
CA ASN D 317 16.60 -36.69 -5.95
C ASN D 317 17.25 -38.06 -6.04
N PHE D 318 17.03 -38.77 -7.15
CA PHE D 318 17.77 -40.00 -7.35
C PHE D 318 19.26 -39.70 -7.52
N ALA D 319 19.58 -38.69 -8.33
CA ALA D 319 20.96 -38.24 -8.43
C ALA D 319 21.49 -37.92 -7.06
N ILE D 320 20.72 -37.14 -6.31
CA ILE D 320 21.13 -36.76 -4.97
C ILE D 320 21.22 -37.99 -4.08
N GLY D 321 20.22 -38.87 -4.19
CA GLY D 321 20.17 -40.03 -3.32
C GLY D 321 21.41 -40.87 -3.44
N TYR D 322 21.80 -41.15 -4.68
CA TYR D 322 23.02 -41.93 -4.87
C TYR D 322 24.23 -41.14 -4.44
N TYR D 323 24.28 -39.85 -4.75
CA TYR D 323 25.41 -39.08 -4.25
C TYR D 323 25.48 -39.17 -2.73
N LEU D 324 24.35 -39.20 -2.02
CA LEU D 324 24.50 -39.27 -0.58
C LEU D 324 24.98 -40.63 -0.08
N LYS D 325 24.82 -41.68 -0.89
CA LYS D 325 25.12 -43.01 -0.38
C LYS D 325 26.61 -43.39 -0.40
N GLU D 326 27.33 -43.17 -1.52
CA GLU D 326 28.77 -43.44 -1.37
C GLU D 326 29.36 -42.57 -0.28
N LYS D 327 29.07 -41.25 -0.28
CA LYS D 327 29.72 -40.40 0.74
C LYS D 327 29.27 -40.77 2.14
N LYS D 328 28.52 -41.87 2.31
CA LYS D 328 28.17 -42.39 3.64
C LYS D 328 27.47 -41.32 4.48
N CYS D 329 26.41 -40.75 3.91
CA CYS D 329 25.73 -39.62 4.51
C CYS D 329 24.51 -40.01 5.33
N PHE D 330 23.99 -41.21 5.12
CA PHE D 330 22.86 -41.73 5.88
C PHE D 330 23.38 -42.53 7.07
N PRO D 331 22.50 -42.89 8.00
CA PRO D 331 22.92 -43.80 9.08
C PRO D 331 22.94 -45.24 8.59
N GLU D 332 23.72 -46.05 9.29
CA GLU D 332 23.89 -47.43 8.87
C GLU D 332 22.53 -48.11 8.79
N GLY D 333 22.35 -48.93 7.75
CA GLY D 333 21.10 -49.63 7.58
C GLY D 333 20.02 -48.86 6.84
N THR D 334 20.38 -47.82 6.09
CA THR D 334 19.42 -47.06 5.32
C THR D 334 19.20 -47.69 3.96
N ASP D 335 17.92 -47.79 3.57
CA ASP D 335 17.55 -48.21 2.22
C ASP D 335 17.29 -46.94 1.43
N MET D 336 18.30 -46.49 0.70
CA MET D 336 18.28 -45.16 0.09
C MET D 336 17.09 -44.99 -0.85
N VAL D 337 16.85 -45.94 -1.73
CA VAL D 337 15.75 -45.79 -2.68
C VAL D 337 14.41 -45.74 -1.95
N GLY D 338 14.29 -46.50 -0.85
CA GLY D 338 13.07 -46.42 -0.05
C GLY D 338 12.93 -45.07 0.62
N ILE D 339 14.04 -44.54 1.15
CA ILE D 339 14.04 -43.20 1.74
C ILE D 339 13.65 -42.16 0.70
N LEU D 340 14.10 -42.33 -0.53
CA LEU D 340 13.68 -41.41 -1.58
C LEU D 340 12.18 -41.48 -1.80
N ASP D 341 11.61 -42.67 -1.69
CA ASP D 341 10.17 -42.84 -1.85
C ASP D 341 9.41 -42.14 -0.72
N PHE D 342 9.83 -42.40 0.53
CA PHE D 342 9.29 -41.69 1.68
C PHE D 342 9.38 -40.16 1.51
N TYR D 343 10.53 -39.66 1.04
CA TYR D 343 10.69 -38.23 0.81
C TYR D 343 9.70 -37.75 -0.23
N PHE D 344 9.49 -38.54 -1.27
CA PHE D 344 8.51 -38.16 -2.29
C PHE D 344 7.10 -38.11 -1.71
N GLN D 345 6.77 -39.03 -0.79
CA GLN D 345 5.47 -38.96 -0.12
C GLN D 345 5.36 -37.67 0.66
N LEU D 346 6.34 -37.42 1.55
CA LEU D 346 6.29 -36.25 2.40
C LEU D 346 6.14 -34.96 1.61
N CYS D 347 6.55 -34.94 0.33
CA CYS D 347 6.43 -33.69 -0.40
C CYS D 347 5.06 -33.47 -1.01
N SER D 348 4.29 -34.53 -1.16
CA SER D 348 2.96 -34.45 -1.74
C SER D 348 1.85 -34.45 -0.70
N ILE D 349 2.21 -34.27 0.58
CA ILE D 349 1.23 -34.09 1.65
C ILE D 349 0.45 -32.79 1.40
N GLU D 350 -0.86 -32.82 1.65
CA GLU D 350 -1.72 -31.69 1.30
C GLU D 350 -2.10 -30.85 2.52
N VAL D 351 -2.34 -29.56 2.29
CA VAL D 351 -2.87 -28.62 3.26
C VAL D 351 -3.74 -27.61 2.52
N THR D 352 -4.44 -26.78 3.26
CA THR D 352 -5.00 -25.53 2.81
C THR D 352 -4.21 -24.44 3.53
N CYS D 353 -4.51 -23.16 3.26
CA CYS D 353 -3.77 -22.18 4.03
C CYS D 353 -4.32 -22.00 5.44
N GLU D 354 -5.55 -22.42 5.70
CA GLU D 354 -6.02 -22.39 7.07
C GLU D 354 -5.35 -23.48 7.88
N SER D 355 -5.51 -24.73 7.43
CA SER D 355 -4.68 -25.85 7.89
C SER D 355 -3.23 -25.42 8.12
N ALA D 356 -2.53 -24.96 7.08
CA ALA D 356 -1.10 -24.76 7.26
C ALA D 356 -0.79 -23.58 8.18
N SER D 357 -1.59 -22.51 8.14
CA SER D 357 -1.37 -21.36 9.02
C SER D 357 -1.33 -21.76 10.50
N VAL D 358 -2.08 -22.80 10.88
CA VAL D 358 -2.02 -23.26 12.26
C VAL D 358 -0.71 -23.99 12.49
N MET D 359 -0.20 -24.67 11.46
CA MET D 359 1.13 -25.27 11.59
C MET D 359 2.21 -24.21 11.81
N ALA D 360 2.18 -23.15 11.02
CA ALA D 360 3.10 -22.03 11.26
C ALA D 360 2.97 -21.51 12.68
N ALA D 361 1.74 -21.35 13.16
CA ALA D 361 1.54 -20.76 14.48
C ALA D 361 2.08 -21.65 15.59
N THR D 362 2.09 -22.98 15.41
CA THR D 362 2.72 -23.81 16.44
C THR D 362 4.19 -23.49 16.59
N LEU D 363 4.87 -23.13 15.48
CA LEU D 363 6.26 -22.74 15.53
C LEU D 363 6.43 -21.33 16.03
N ALA D 364 5.47 -20.49 15.68
CA ALA D 364 5.41 -19.17 16.28
C ALA D 364 5.28 -19.26 17.80
N ASN D 365 4.79 -20.39 18.32
CA ASN D 365 4.37 -20.48 19.71
C ASN D 365 5.18 -21.47 20.52
N GLY D 366 6.45 -21.67 20.18
CA GLY D 366 7.28 -22.52 21.03
C GLY D 366 6.89 -23.97 21.06
N GLY D 367 6.18 -24.45 20.03
CA GLY D 367 5.83 -25.84 19.91
C GLY D 367 4.46 -26.23 20.42
N PHE D 368 3.66 -25.26 20.89
CA PHE D 368 2.29 -25.52 21.32
C PHE D 368 1.32 -25.11 20.23
N CYS D 369 0.42 -26.02 19.87
CA CYS D 369 -0.63 -25.70 18.92
C CYS D 369 -1.58 -24.68 19.51
N PRO D 370 -1.73 -23.50 18.90
CA PRO D 370 -2.48 -22.44 19.58
C PRO D 370 -3.94 -22.75 19.74
N ILE D 371 -4.50 -23.62 18.90
CA ILE D 371 -5.93 -23.86 18.98
C ILE D 371 -6.27 -25.12 19.78
N THR D 372 -5.29 -25.85 20.30
CA THR D 372 -5.58 -26.95 21.21
C THR D 372 -4.86 -26.89 22.55
N GLY D 373 -3.80 -26.08 22.68
CA GLY D 373 -3.02 -26.06 23.92
C GLY D 373 -2.10 -27.23 24.08
N GLU D 374 -1.97 -28.05 23.04
CA GLU D 374 -1.22 -29.30 23.07
C GLU D 374 0.25 -29.02 22.81
N ARG D 375 1.12 -29.73 23.52
CA ARG D 375 2.55 -29.61 23.24
C ARG D 375 2.96 -30.60 22.14
N VAL D 376 3.41 -30.06 21.01
CA VAL D 376 3.74 -30.84 19.83
C VAL D 376 5.24 -30.98 19.63
N LEU D 377 5.97 -29.86 19.67
CA LEU D 377 7.40 -29.88 19.41
C LEU D 377 8.14 -29.35 20.63
N SER D 378 9.30 -29.95 20.90
CA SER D 378 10.18 -29.46 21.93
C SER D 378 10.66 -28.06 21.59
N PRO D 379 10.92 -27.23 22.59
CA PRO D 379 11.42 -25.88 22.29
C PRO D 379 12.70 -25.89 21.50
N GLU D 380 13.57 -26.88 21.75
CA GLU D 380 14.80 -27.02 20.97
C GLU D 380 14.51 -27.25 19.48
N ALA D 381 13.51 -28.07 19.17
CA ALA D 381 13.16 -28.30 17.78
C ALA D 381 12.58 -27.05 17.13
N VAL D 382 11.76 -26.31 17.86
CA VAL D 382 11.14 -25.13 17.25
C VAL D 382 12.18 -24.04 17.03
N ARG D 383 13.07 -23.87 18.00
CA ARG D 383 14.08 -22.82 17.83
C ARG D 383 14.97 -23.13 16.62
N ASN D 384 15.47 -24.36 16.52
CA ASN D 384 16.37 -24.67 15.41
C ASN D 384 15.66 -24.54 14.08
N THR D 385 14.42 -25.04 13.99
CA THR D 385 13.71 -24.97 12.72
C THR D 385 13.52 -23.52 12.32
N LEU D 386 13.23 -22.64 13.29
CA LEU D 386 13.09 -21.23 12.96
C LEU D 386 14.44 -20.59 12.63
N SER D 387 15.49 -20.97 13.37
CA SER D 387 16.84 -20.53 13.06
C SER D 387 17.14 -20.77 11.59
N LEU D 388 16.80 -21.97 11.09
CA LEU D 388 17.16 -22.36 9.74
C LEU D 388 16.17 -21.87 8.69
N MET D 389 14.89 -21.70 9.04
CA MET D 389 14.00 -21.04 8.08
C MET D 389 14.43 -19.60 7.86
N HIS D 390 14.98 -18.96 8.90
CA HIS D 390 15.48 -17.60 8.76
C HIS D 390 16.46 -17.48 7.61
N SER D 391 17.50 -18.33 7.60
CA SER D 391 18.62 -18.18 6.67
C SER D 391 18.51 -19.01 5.40
N CYS D 392 17.77 -20.12 5.42
CA CYS D 392 17.85 -21.08 4.33
C CYS D 392 16.50 -21.38 3.70
N GLY D 393 15.49 -20.60 4.03
CA GLY D 393 14.15 -21.06 3.77
C GLY D 393 13.53 -20.67 2.47
N MET D 394 14.14 -19.73 1.75
CA MET D 394 13.54 -19.18 0.55
C MET D 394 14.47 -19.33 -0.65
N TYR D 395 15.16 -20.47 -0.72
CA TYR D 395 16.01 -20.85 -1.86
C TYR D 395 17.07 -19.77 -2.02
N ASP D 396 17.32 -19.34 -3.25
CA ASP D 396 18.31 -18.33 -3.56
C ASP D 396 17.95 -16.97 -2.96
N PHE D 397 16.69 -16.75 -2.65
CA PHE D 397 16.25 -15.48 -2.09
C PHE D 397 16.41 -15.43 -0.59
N SER D 398 17.02 -16.45 0.03
CA SER D 398 17.01 -16.53 1.49
C SER D 398 17.73 -15.34 2.12
N GLY D 399 18.95 -15.06 1.69
CA GLY D 399 19.68 -13.95 2.30
C GLY D 399 19.02 -12.60 2.10
N GLN D 400 18.46 -12.37 0.91
CA GLN D 400 17.69 -11.15 0.67
C GLN D 400 16.43 -11.11 1.52
N PHE D 401 15.75 -12.25 1.62
CA PHE D 401 14.54 -12.33 2.42
C PHE D 401 14.86 -12.08 3.89
N ALA D 402 15.98 -12.63 4.37
CA ALA D 402 16.38 -12.40 5.74
C ALA D 402 16.74 -10.95 5.96
N PHE D 403 17.25 -10.29 4.93
CA PHE D 403 17.55 -8.88 5.07
C PHE D 403 16.28 -8.06 5.06
N HIS D 404 15.50 -8.16 3.99
CA HIS D 404 14.36 -7.26 3.82
C HIS D 404 13.10 -7.67 4.58
N VAL D 405 12.90 -8.96 4.82
CA VAL D 405 11.71 -9.41 5.54
C VAL D 405 12.05 -9.77 6.97
N GLY D 406 13.18 -10.44 7.20
CA GLY D 406 13.52 -10.78 8.57
C GLY D 406 12.55 -11.70 9.28
N LEU D 407 11.87 -12.57 8.54
CA LEU D 407 11.01 -13.53 9.22
C LEU D 407 11.38 -14.95 8.82
N PRO D 408 11.34 -15.89 9.78
CA PRO D 408 11.47 -17.31 9.41
C PRO D 408 10.33 -17.71 8.50
N ALA D 409 10.67 -18.13 7.28
CA ALA D 409 9.69 -18.52 6.29
C ALA D 409 10.20 -19.73 5.50
N LYS D 410 9.28 -20.39 4.82
CA LYS D 410 9.62 -21.48 3.91
C LYS D 410 8.72 -21.43 2.69
N SER D 411 9.31 -21.60 1.52
CA SER D 411 8.60 -21.55 0.25
C SER D 411 8.52 -22.95 -0.34
N GLY D 412 7.56 -23.11 -1.26
CA GLY D 412 7.35 -24.40 -1.89
C GLY D 412 6.99 -24.23 -3.35
N VAL D 413 7.24 -25.29 -4.13
CA VAL D 413 7.04 -25.17 -5.56
C VAL D 413 5.57 -25.02 -5.92
N ALA D 414 4.68 -25.49 -5.05
CA ALA D 414 3.23 -25.38 -5.24
C ALA D 414 2.73 -23.96 -5.12
N GLY D 415 3.54 -23.05 -4.61
CA GLY D 415 3.11 -21.69 -4.36
C GLY D 415 2.95 -21.34 -2.90
N GLY D 416 3.26 -22.26 -1.98
CA GLY D 416 3.10 -21.96 -0.57
C GLY D 416 4.29 -21.18 0.00
N ILE D 417 4.00 -20.35 0.99
CA ILE D 417 5.00 -19.75 1.86
C ILE D 417 4.52 -19.91 3.29
N LEU D 418 5.23 -20.72 4.06
CA LEU D 418 4.93 -20.93 5.49
C LEU D 418 5.70 -19.88 6.28
N LEU D 419 5.00 -18.88 6.80
CA LEU D 419 5.61 -17.73 7.43
C LEU D 419 5.37 -17.76 8.94
N VAL D 420 6.38 -17.38 9.71
CA VAL D 420 6.30 -17.40 11.17
C VAL D 420 6.75 -16.05 11.71
N VAL D 421 5.87 -15.38 12.44
CA VAL D 421 6.28 -14.22 13.23
C VAL D 421 6.38 -14.68 14.68
N PRO D 422 7.58 -15.00 15.16
CA PRO D 422 7.72 -15.64 16.46
C PRO D 422 7.06 -14.81 17.55
N ASN D 423 6.48 -15.51 18.52
CA ASN D 423 5.76 -14.95 19.66
C ASN D 423 4.48 -14.25 19.24
N VAL D 424 4.13 -14.23 17.96
CA VAL D 424 2.94 -13.52 17.52
C VAL D 424 1.96 -14.42 16.80
N MET D 425 2.34 -14.89 15.62
CA MET D 425 1.39 -15.57 14.76
C MET D 425 2.12 -16.38 13.70
N GLY D 426 1.40 -17.34 13.10
CA GLY D 426 1.86 -18.03 11.91
C GLY D 426 0.89 -17.80 10.75
N MET D 427 1.41 -17.90 9.53
CA MET D 427 0.60 -17.68 8.36
C MET D 427 1.06 -18.61 7.25
N MET D 428 0.19 -18.75 6.24
CA MET D 428 0.53 -19.48 5.03
C MET D 428 -0.08 -18.72 3.86
N CYS D 429 0.77 -18.22 2.97
CA CYS D 429 0.34 -17.60 1.73
C CYS D 429 0.49 -18.59 0.60
N TRP D 430 -0.37 -18.43 -0.40
CA TRP D 430 -0.42 -19.38 -1.49
C TRP D 430 -0.93 -18.68 -2.74
N SER D 431 -0.08 -18.65 -3.75
CA SER D 431 -0.43 -18.30 -5.11
C SER D 431 0.55 -19.10 -5.95
N PRO D 432 0.08 -19.97 -6.84
CA PRO D 432 0.99 -20.93 -7.51
C PRO D 432 2.05 -20.29 -8.41
N PRO D 433 1.82 -19.11 -9.01
CA PRO D 433 2.88 -18.52 -9.85
C PRO D 433 4.19 -18.29 -9.10
N LEU D 434 5.22 -19.00 -9.54
CA LEU D 434 6.57 -18.80 -9.01
C LEU D 434 7.29 -17.76 -9.82
N ASP D 435 8.27 -17.12 -9.19
CA ASP D 435 9.17 -16.20 -9.88
C ASP D 435 10.34 -17.01 -10.42
N LYS D 436 11.44 -16.35 -10.77
CA LYS D 436 12.51 -17.14 -11.38
C LYS D 436 13.40 -17.82 -10.35
N MET D 437 13.13 -17.66 -9.07
CA MET D 437 13.85 -18.40 -8.04
C MET D 437 13.01 -19.44 -7.35
N GLY D 438 11.73 -19.56 -7.70
CA GLY D 438 10.87 -20.58 -7.15
C GLY D 438 9.95 -20.14 -6.03
N ASN D 439 9.82 -18.84 -5.78
CA ASN D 439 9.02 -18.31 -4.67
C ASN D 439 7.76 -17.66 -5.23
N SER D 440 6.62 -17.96 -4.59
CA SER D 440 5.35 -17.35 -4.97
C SER D 440 5.47 -15.85 -5.07
N VAL D 441 5.25 -15.32 -6.27
CA VAL D 441 5.36 -13.88 -6.45
C VAL D 441 4.50 -13.17 -5.44
N LYS D 442 3.22 -13.54 -5.38
CA LYS D 442 2.31 -12.86 -4.46
C LYS D 442 2.75 -13.06 -3.01
N GLY D 443 3.23 -14.25 -2.66
CA GLY D 443 3.72 -14.46 -1.31
C GLY D 443 4.86 -13.52 -0.97
N ILE D 444 5.88 -13.47 -1.82
CA ILE D 444 7.02 -12.59 -1.58
C ILE D 444 6.55 -11.13 -1.48
N HIS D 445 5.66 -10.70 -2.37
CA HIS D 445 5.13 -9.34 -2.30
C HIS D 445 4.43 -9.10 -0.98
N PHE D 446 3.54 -10.03 -0.60
CA PHE D 446 2.81 -9.91 0.64
C PHE D 446 3.77 -9.81 1.82
N CYS D 447 4.84 -10.62 1.80
CA CYS D 447 5.73 -10.64 2.95
C CYS D 447 6.51 -9.35 3.08
N HIS D 448 6.85 -8.70 1.94
CA HIS D 448 7.47 -7.39 2.01
C HIS D 448 6.50 -6.35 2.59
N ASP D 449 5.28 -6.30 2.06
CA ASP D 449 4.35 -5.28 2.52
C ASP D 449 4.00 -5.46 3.99
N LEU D 450 3.90 -6.70 4.45
CA LEU D 450 3.56 -6.94 5.84
C LEU D 450 4.62 -6.34 6.76
N VAL D 451 5.90 -6.58 6.45
CA VAL D 451 6.96 -6.07 7.30
C VAL D 451 7.17 -4.59 7.06
N SER D 452 6.90 -4.12 5.85
CA SER D 452 6.91 -2.69 5.58
C SER D 452 5.78 -1.96 6.31
N LEU D 453 4.81 -2.69 6.85
CA LEU D 453 3.69 -2.09 7.55
C LEU D 453 3.71 -2.31 9.05
N CYS D 454 4.34 -3.39 9.54
CA CYS D 454 4.35 -3.64 10.98
C CYS D 454 5.75 -4.04 11.43
N ASN D 455 6.00 -3.80 12.73
CA ASN D 455 7.34 -3.99 13.30
C ASN D 455 7.59 -5.46 13.59
N PHE D 456 7.29 -6.33 12.62
CA PHE D 456 7.50 -7.76 12.78
C PHE D 456 8.88 -8.22 12.36
N HIS D 457 9.64 -7.38 11.66
CA HIS D 457 10.99 -7.75 11.25
C HIS D 457 11.76 -8.25 12.46
N ASN D 458 12.55 -9.28 12.24
CA ASN D 458 13.24 -9.92 13.36
C ASN D 458 14.00 -8.92 14.20
N TYR D 459 14.45 -7.85 13.58
CA TYR D 459 15.29 -6.87 14.25
C TYR D 459 14.70 -5.49 14.16
N ASP D 460 13.38 -5.40 14.03
CA ASP D 460 12.71 -4.16 14.43
C ASP D 460 12.80 -4.01 15.94
N ASN D 461 12.73 -2.78 16.41
CA ASN D 461 12.66 -2.56 17.84
C ASN D 461 11.20 -2.53 18.29
N LEU D 462 10.89 -3.20 19.40
CA LEU D 462 9.54 -3.21 19.95
C LEU D 462 9.17 -1.93 20.68
N ARG D 463 10.10 -0.98 20.81
CA ARG D 463 9.84 0.29 21.46
C ARG D 463 9.95 1.46 20.49
N HIS D 464 11.02 1.51 19.70
CA HIS D 464 11.24 2.59 18.74
C HIS D 464 11.21 1.99 17.34
N PHE D 465 10.10 2.21 16.63
CA PHE D 465 9.95 1.59 15.33
C PHE D 465 9.36 2.55 14.31
N ALA D 466 9.68 3.83 14.45
CA ALA D 466 9.42 4.82 13.40
C ALA D 466 7.92 4.83 13.11
N LYS D 467 7.50 4.77 11.84
CA LYS D 467 6.11 4.90 11.46
C LYS D 467 5.42 3.55 11.23
N LYS D 468 6.03 2.46 11.65
CA LYS D 468 5.41 1.16 11.49
C LYS D 468 4.29 0.97 12.53
N LEU D 469 3.40 0.03 12.23
CA LEU D 469 2.34 -0.36 13.14
C LEU D 469 2.84 -1.44 14.09
N ASP D 470 2.20 -1.55 15.25
CA ASP D 470 2.45 -2.64 16.18
C ASP D 470 1.12 -3.20 16.63
N PRO D 471 0.63 -4.24 15.95
CA PRO D 471 -0.67 -4.85 16.33
C PRO D 471 -0.67 -5.47 17.71
N ARG D 472 0.50 -5.67 18.33
CA ARG D 472 0.56 -6.08 19.72
C ARG D 472 0.16 -4.98 20.69
N ARG D 473 -0.17 -3.78 20.21
CA ARG D 473 -0.40 -2.62 21.07
C ARG D 473 -1.78 -2.02 20.78
N GLU D 474 -2.27 -1.27 21.76
CA GLU D 474 -3.67 -0.86 21.70
C GLU D 474 -3.83 0.42 20.90
N GLY D 475 -3.47 1.55 21.49
CA GLY D 475 -3.60 2.83 20.80
C GLY D 475 -2.75 3.94 21.38
C10 U27 E . 11.87 12.04 -35.87
C17 U27 E . 11.93 6.67 -35.49
C20 U27 E . 12.17 2.62 -34.58
C21 U27 E . 11.14 1.61 -35.36
C22 U27 E . 10.19 0.80 -34.65
C24 U27 E . 9.35 -0.20 -36.74
C26 U27 E . 11.16 1.48 -36.79
C01 U27 E . 3.13 10.30 -41.45
C02 U27 E . 4.17 11.10 -40.52
N03 U27 E . 5.16 10.46 -39.60
C04 U27 E . 6.14 11.19 -38.79
N05 U27 E . 6.14 12.23 -37.92
N06 U27 E . 7.32 12.66 -37.36
C07 U27 E . 8.51 12.06 -37.68
N08 U27 E . 9.88 12.19 -37.32
C09 U27 E . 10.33 11.86 -35.95
C11 U27 E . 12.39 11.55 -37.21
C12 U27 E . 11.17 11.88 -38.14
O13 U27 E . 12.92 10.14 -37.33
C14 U27 E . 12.45 9.09 -36.59
N15 U27 E . 11.57 8.99 -35.62
N16 U27 E . 11.31 7.80 -35.07
N18 U27 E . 11.72 5.32 -35.03
C19 U27 E . 12.49 4.08 -35.10
C23 U27 E . 9.30 -0.09 -35.31
C25 U27 E . 10.27 0.60 -37.47
O27 U27 E . 13.63 4.24 -35.64
S28 U27 E . 13.06 7.33 -36.86
S29 U27 E . 7.97 10.78 -38.84
O30 U27 E . 4.12 12.29 -40.57
C31 U27 E . 2.58 11.09 -42.73
C32 U27 E . 1.18 11.14 -42.97
C33 U27 E . 0.65 11.82 -44.09
C34 U27 E . 1.53 12.47 -45.00
C35 U27 E . 2.95 12.44 -44.80
C36 U27 E . 3.48 11.75 -43.67
C10 U27 F . -2.62 -8.78 -39.69
C17 U27 F . -1.48 -3.38 -43.01
C20 U27 F . -1.82 -0.20 -45.41
C21 U27 F . -0.45 0.34 -45.43
C22 U27 F . 0.63 -0.31 -46.15
C24 U27 F . 2.25 1.42 -45.58
C26 U27 F . -0.24 1.73 -44.98
C01 U27 F . 3.61 -5.56 -32.13
C02 U27 F . 2.82 -5.96 -33.46
N03 U27 F . 1.36 -6.22 -33.45
C04 U27 F . 0.50 -6.56 -34.54
N05 U27 F . -0.82 -6.57 -34.61
N06 U27 F . -1.47 -6.92 -35.73
C07 U27 F . -0.79 -7.26 -36.85
N08 U27 F . -1.19 -7.66 -38.11
C09 U27 F . -2.54 -8.22 -38.26
C11 U27 F . -1.75 -7.83 -40.55
C12 U27 F . -1.00 -7.01 -39.46
O13 U27 F . -2.45 -7.03 -41.54
C14 U27 F . -2.15 -5.73 -41.84
N15 U27 F . -2.28 -4.63 -41.15
N16 U27 F . -1.95 -3.44 -41.73
N18 U27 F . -1.11 -2.24 -43.69
C19 U27 F . -1.94 -1.47 -44.63
C23 U27 F . 1.86 0.19 -46.33
C25 U27 F . 1.12 2.35 -45.00
O27 U27 F . -3.10 -1.93 -44.89
S28 U27 F . -1.51 -5.16 -43.53
S29 U27 F . 0.99 -7.10 -36.31
O30 U27 F . 3.42 -6.05 -34.49
C31 U27 F . 5.07 -6.12 -31.93
C32 U27 F . 6.15 -5.29 -32.28
C33 U27 F . 7.48 -5.67 -32.17
C34 U27 F . 7.76 -6.96 -31.60
C35 U27 F . 6.69 -7.83 -31.20
C36 U27 F . 5.34 -7.41 -31.37
#